data_5C08
#
_entry.id   5C08
#
_cell.length_a   43.800
_cell.length_b   99.260
_cell.length_c   122.150
_cell.angle_alpha   96.330
_cell.angle_beta   98.070
_cell.angle_gamma   96.420
#
_symmetry.space_group_name_H-M   'P 1'
#
loop_
_entity.id
_entity.type
_entity.pdbx_description
1 polymer 'HLA class I histocompatibility antigen, A-2 alpha chain'
2 polymer Beta-2-microglobulin
3 polymer 'Marker peptide'
4 polymer '1E6 TCR Alpha Chain'
5 polymer '1E6 TCR Beta Chain'
6 non-polymer 1,2-ETHANEDIOL
7 non-polymer GLYCEROL
8 non-polymer 'SULFATE ION'
9 water water
#
loop_
_entity_poly.entity_id
_entity_poly.type
_entity_poly.pdbx_seq_one_letter_code
_entity_poly.pdbx_strand_id
1 'polypeptide(L)'
;GSHSMRYFFTSVSRPGRGEPRFIAVGYVDDTQFVRFDSDAASQRMEPRAPWIEQEGPEYWDGETRKVKAHSQTHRVDLGT
LRGYYNQSEAGSHTVQRMYGCDVGSDWRFLRGYHQYAYDGKDYIALKEDLRSWTAADMAAQTTKHKWEAAHVAEQLRAYL
EGTCVEWLRRYLENGKETLQRTDAPKTHMTHHAVSDHEATLRCWALSFYPAEITLTWQRDGEDQTQDTELVETRPAGDGT
FQKWAAVVVPSGQEQRYTCHVQHEGLPKPLTLRWEP
;
A,F
2 'polypeptide(L)'
;MIQRTPKIQVYSRHPAENGKSNFLNCYVSGFHPSDIEVDLLKNGERIEKVEHSDLSFSKDWSFYLLYYTEFTPTEKDEYA
CRVNHVTLSQPKIVKWDRDM
;
B,G
3 'polypeptide(L)' RQWGPDPAAV C,H
4 'polypeptide(L)'
;AEVEQDPGPLSVPEGAIVSLNCTYSNSAFQYFMWYRQYSRKGPELLMYTYSSGNKEDGRFTAQVDKSSKYISLFIRDSQP
SDSATYLCAMRGDSSYKLIFGSGTRLLVRPDIQNPDPAVYQLRDSKSSDKSVCLFTDFDSQTNVSQSKDSDVYITDKCVL
DMRSMDFKSNSAVAWSNKSDFACANAFNNSI
;
D,I
5 'polypeptide(L)'
;AGVIQSPRHEVTEMGQQVTLRCKPISGHDYLFWYRQTMMRGLELLIYFNNNVPIDDSGMPEDRFSAKMPNASFSTLKIQP
SEPRDSAVYFCASSLWEKLAKNIQYFGAGTRLSVLEDLKNVFPPEVAVFEPSEAEISHTQKATLVCLATGFYPDHVELSW
WVNGKEVHSGVCTDPQPLKEQPALNDSRYALSSRLRVSATFWQDPRNHFRCQVQFYGLSENDEWTQDRAKPVTQIVSAEA
WGRAD
;
E,J
#
loop_
_chem_comp.id
_chem_comp.type
_chem_comp.name
_chem_comp.formula
EDO non-polymer 1,2-ETHANEDIOL 'C2 H6 O2'
GOL non-polymer GLYCEROL 'C3 H8 O3'
SO4 non-polymer 'SULFATE ION' 'O4 S -2'
#
# COMPACT_ATOMS: atom_id res chain seq x y z
N GLY A 1 34.51 -4.72 18.42
CA GLY A 1 33.64 -3.52 18.41
C GLY A 1 33.54 -2.94 19.79
N SER A 2 33.17 -1.67 19.87
CA SER A 2 33.19 -0.99 21.13
C SER A 2 31.89 -1.22 21.91
N HIS A 3 31.91 -0.89 23.20
CA HIS A 3 30.80 -1.16 24.10
C HIS A 3 30.57 -0.06 25.10
N SER A 4 29.39 -0.09 25.75
CA SER A 4 28.98 0.88 26.77
C SER A 4 28.16 0.26 27.90
N MET A 5 28.32 0.81 29.09
CA MET A 5 27.36 0.62 30.17
C MET A 5 26.71 1.97 30.50
N ARG A 6 25.37 2.00 30.47
CA ARG A 6 24.67 3.22 30.78
C ARG A 6 23.50 3.00 31.73
N TYR A 7 23.31 3.93 32.65
CA TYR A 7 22.12 3.91 33.52
C TYR A 7 21.32 5.13 33.19
N PHE A 8 19.99 4.96 33.16
CA PHE A 8 19.01 6.03 32.93
C PHE A 8 18.04 6.12 34.12
N PHE A 9 17.84 7.34 34.62
CA PHE A 9 17.00 7.55 35.77
C PHE A 9 16.00 8.67 35.46
N THR A 10 14.71 8.46 35.79
CA THR A 10 13.68 9.45 35.59
C THR A 10 12.86 9.58 36.88
N SER A 11 12.70 10.79 37.43
CA SER A 11 11.74 10.99 38.50
C SER A 11 10.77 12.05 38.02
N VAL A 12 9.49 11.87 38.35
CA VAL A 12 8.43 12.79 37.97
C VAL A 12 7.60 13.18 39.22
N SER A 13 7.48 14.47 39.51
CA SER A 13 6.81 14.82 40.76
C SER A 13 5.37 14.65 40.51
N ARG A 14 4.63 14.34 41.57
CA ARG A 14 3.22 14.24 41.41
C ARG A 14 2.36 14.84 42.58
N PRO A 15 2.16 16.16 42.53
CA PRO A 15 1.39 16.84 43.56
C PRO A 15 0.05 16.19 43.86
N GLY A 16 -0.21 15.93 45.12
CA GLY A 16 -1.45 15.27 45.52
C GLY A 16 -1.38 13.75 45.56
N ARG A 17 -0.30 13.15 45.06
CA ARG A 17 0.10 11.80 45.49
C ARG A 17 1.40 11.89 46.30
N GLY A 18 1.81 10.80 46.92
CA GLY A 18 2.86 10.89 47.97
C GLY A 18 4.34 11.02 47.62
N GLU A 19 4.75 10.51 46.47
CA GLU A 19 6.18 10.50 46.14
C GLU A 19 6.35 10.68 44.67
N PRO A 20 7.50 11.19 44.25
CA PRO A 20 7.72 11.17 42.83
C PRO A 20 7.66 9.75 42.30
N ARG A 21 7.19 9.58 41.07
CA ARG A 21 7.45 8.33 40.34
C ARG A 21 8.93 8.28 39.95
N PHE A 22 9.56 7.12 40.16
CA PHE A 22 10.98 6.98 39.89
C PHE A 22 11.22 5.65 39.17
N ILE A 23 11.80 5.77 37.98
CA ILE A 23 12.13 4.62 37.12
C ILE A 23 13.59 4.68 36.73
N ALA A 24 14.29 3.58 37.04
CA ALA A 24 15.70 3.38 36.71
C ALA A 24 15.90 2.15 35.82
N VAL A 25 16.66 2.34 34.76
CA VAL A 25 17.10 1.22 33.95
C VAL A 25 18.62 1.24 33.64
N GLY A 26 19.20 0.04 33.54
CA GLY A 26 20.59 -0.12 33.10
C GLY A 26 20.72 -0.95 31.83
N TYR A 27 21.66 -0.55 31.00
CA TYR A 27 21.89 -1.22 29.75
C TYR A 27 23.38 -1.54 29.66
N VAL A 28 23.71 -2.60 28.91
CA VAL A 28 25.04 -2.72 28.32
C VAL A 28 24.77 -2.80 26.86
N ASP A 29 25.42 -1.93 26.09
CA ASP A 29 25.05 -1.75 24.70
C ASP A 29 23.55 -1.54 24.58
N ASP A 30 22.91 -2.36 23.74
CA ASP A 30 21.51 -2.22 23.42
C ASP A 30 20.67 -3.23 24.20
N THR A 31 21.16 -3.76 25.30
CA THR A 31 20.37 -4.79 25.98
C THR A 31 20.16 -4.44 27.46
N GLN A 32 18.95 -4.06 27.88
CA GLN A 32 18.81 -3.76 29.31
C GLN A 32 19.13 -4.98 30.16
N PHE A 33 19.71 -4.75 31.33
CA PHE A 33 19.90 -5.88 32.26
C PHE A 33 19.36 -5.61 33.69
N VAL A 34 18.91 -4.40 33.94
CA VAL A 34 18.41 -4.11 35.26
C VAL A 34 17.27 -3.08 35.18
N ARG A 35 16.36 -3.17 36.13
CA ARG A 35 15.33 -2.15 36.31
C ARG A 35 14.92 -1.98 37.79
N PHE A 36 14.39 -0.79 38.09
CA PHE A 36 13.74 -0.51 39.37
C PHE A 36 12.56 0.42 39.05
N ASP A 37 11.44 0.23 39.72
CA ASP A 37 10.32 1.13 39.57
C ASP A 37 9.68 1.40 40.97
N SER A 38 9.72 2.63 41.39
CA SER A 38 9.22 2.96 42.73
C SER A 38 7.78 2.58 42.97
N ASP A 39 6.99 2.31 41.93
CA ASP A 39 5.61 1.85 42.21
C ASP A 39 5.46 0.35 42.26
N ALA A 40 6.49 -0.41 41.94
CA ALA A 40 6.24 -1.85 41.86
C ALA A 40 6.36 -2.36 43.28
N ALA A 41 5.84 -3.56 43.51
CA ALA A 41 5.77 -4.16 44.81
C ALA A 41 7.10 -4.66 45.40
N SER A 42 7.99 -5.23 44.59
CA SER A 42 9.22 -5.76 45.18
C SER A 42 10.03 -4.69 45.93
N GLN A 43 10.01 -3.41 45.48
CA GLN A 43 10.94 -2.40 45.96
C GLN A 43 12.48 -2.86 45.88
N ARG A 44 12.86 -3.65 44.87
CA ARG A 44 14.27 -4.14 44.68
C ARG A 44 14.72 -3.87 43.28
N MET A 45 16.02 -3.70 43.04
CA MET A 45 16.54 -3.76 41.66
C MET A 45 16.15 -5.14 41.15
N GLU A 46 15.57 -5.18 39.95
CA GLU A 46 15.22 -6.48 39.32
C GLU A 46 16.15 -6.80 38.14
N PRO A 47 16.48 -8.06 37.98
CA PRO A 47 17.34 -8.46 36.82
C PRO A 47 16.50 -8.51 35.55
N ARG A 48 17.08 -8.10 34.41
CA ARG A 48 16.33 -8.20 33.14
C ARG A 48 17.11 -8.94 32.02
N ALA A 49 18.27 -9.49 32.37
CA ALA A 49 19.06 -10.27 31.44
C ALA A 49 19.61 -11.47 32.20
N PRO A 50 19.65 -12.64 31.59
CA PRO A 50 20.10 -13.85 32.29
C PRO A 50 21.50 -13.79 32.91
N TRP A 51 22.38 -12.96 32.37
CA TRP A 51 23.72 -12.97 32.91
C TRP A 51 23.91 -12.16 34.19
N ILE A 52 23.04 -11.19 34.55
CA ILE A 52 23.20 -10.56 35.89
C ILE A 52 22.59 -11.42 37.03
N GLU A 53 21.68 -12.32 36.68
CA GLU A 53 21.12 -13.26 37.63
C GLU A 53 22.18 -14.03 38.48
N GLN A 54 23.37 -14.27 37.93
CA GLN A 54 24.39 -15.00 38.69
C GLN A 54 25.00 -14.14 39.79
N GLU A 55 24.84 -12.83 39.74
CA GLU A 55 25.34 -12.01 40.84
C GLU A 55 24.62 -12.41 42.14
N GLY A 56 25.37 -12.45 43.23
CA GLY A 56 24.85 -12.88 44.51
C GLY A 56 24.15 -11.82 45.37
N PRO A 57 23.73 -12.19 46.58
CA PRO A 57 22.87 -11.25 47.35
C PRO A 57 23.52 -9.95 47.72
N GLU A 58 24.84 -9.92 47.89
CA GLU A 58 25.53 -8.67 48.24
C GLU A 58 25.32 -7.61 47.16
N TYR A 59 25.56 -8.02 45.91
CA TYR A 59 25.35 -7.20 44.76
C TYR A 59 23.88 -6.68 44.68
N TRP A 60 22.88 -7.55 44.87
CA TRP A 60 21.47 -7.13 44.73
C TRP A 60 21.06 -6.15 45.83
N ASP A 61 21.32 -6.49 47.10
CA ASP A 61 21.26 -5.55 48.22
C ASP A 61 21.96 -4.22 47.96
N GLY A 62 23.17 -4.26 47.40
CA GLY A 62 23.92 -3.06 47.15
C GLY A 62 23.33 -2.28 45.99
N GLU A 63 22.97 -2.97 44.91
CA GLU A 63 22.38 -2.24 43.80
C GLU A 63 21.01 -1.71 44.23
N THR A 64 20.25 -2.47 45.00
CA THR A 64 18.95 -1.90 45.37
C THR A 64 19.01 -0.69 46.32
N ARG A 65 19.97 -0.66 47.25
CA ARG A 65 20.05 0.51 48.11
C ARG A 65 20.67 1.73 47.42
N LYS A 66 21.53 1.53 46.43
CA LYS A 66 21.99 2.64 45.66
C LYS A 66 20.89 3.24 44.82
N VAL A 67 19.98 2.41 44.34
CA VAL A 67 18.98 2.99 43.45
C VAL A 67 17.81 3.71 44.24
N LYS A 68 17.51 3.21 45.43
CA LYS A 68 16.55 3.84 46.32
C LYS A 68 17.16 5.12 46.79
N ALA A 69 18.47 5.10 47.03
CA ALA A 69 19.11 6.25 47.65
C ALA A 69 19.15 7.31 46.54
N HIS A 70 19.33 6.86 45.32
CA HIS A 70 19.31 7.78 44.18
C HIS A 70 17.92 8.40 44.03
N SER A 71 16.86 7.64 44.23
CA SER A 71 15.55 8.28 44.08
C SER A 71 15.31 9.27 45.24
N GLN A 72 16.03 9.10 46.38
CA GLN A 72 15.91 10.02 47.52
C GLN A 72 16.55 11.36 47.13
N THR A 73 17.66 11.31 46.44
CA THR A 73 18.28 12.49 45.94
C THR A 73 17.34 13.32 45.03
N HIS A 74 16.70 12.63 44.09
CA HIS A 74 15.76 13.24 43.20
C HIS A 74 14.50 13.83 43.90
N ARG A 75 14.06 13.18 44.97
CA ARG A 75 13.02 13.80 45.85
C ARG A 75 13.43 15.18 46.31
N VAL A 76 14.67 15.33 46.76
CA VAL A 76 15.18 16.63 47.17
C VAL A 76 15.33 17.52 45.93
N ASP A 77 15.89 17.00 44.84
CA ASP A 77 16.05 17.80 43.61
C ASP A 77 14.77 18.41 43.07
N LEU A 78 13.67 17.63 43.01
CA LEU A 78 12.38 18.20 42.62
C LEU A 78 11.99 19.44 43.43
N GLY A 79 12.13 19.42 44.76
CA GLY A 79 11.78 20.61 45.53
C GLY A 79 12.79 21.76 45.37
N THR A 80 14.06 21.42 45.26
CA THR A 80 15.06 22.44 45.02
C THR A 80 14.77 23.08 43.70
N LEU A 81 14.60 22.27 42.66
CA LEU A 81 14.41 22.84 41.32
C LEU A 81 13.15 23.74 41.19
N ARG A 82 12.00 23.28 41.75
CA ARG A 82 10.82 24.16 41.79
C ARG A 82 11.14 25.55 42.41
N GLY A 83 11.99 25.54 43.45
CA GLY A 83 12.46 26.77 44.15
C GLY A 83 13.41 27.56 43.26
N TYR A 84 14.44 26.94 42.71
CA TYR A 84 15.31 27.67 41.80
C TYR A 84 14.48 28.45 40.75
N TYR A 85 13.54 27.77 40.10
CA TYR A 85 12.77 28.41 39.04
C TYR A 85 11.44 29.05 39.49
N ASN A 86 11.25 29.17 40.80
CA ASN A 86 10.01 29.67 41.32
C ASN A 86 8.72 29.06 40.78
N GLN A 87 8.61 27.76 40.71
CA GLN A 87 7.48 27.18 40.02
C GLN A 87 6.39 26.87 41.03
N SER A 88 5.15 26.79 40.56
CA SER A 88 4.04 26.38 41.38
C SER A 88 4.19 24.96 41.84
N GLU A 89 3.72 24.70 43.05
CA GLU A 89 3.67 23.38 43.62
C GLU A 89 2.56 22.51 43.01
N ALA A 90 1.69 23.14 42.24
CA ALA A 90 0.55 22.50 41.58
C ALA A 90 0.98 21.62 40.40
N GLY A 91 2.19 21.81 39.87
CA GLY A 91 2.55 21.21 38.60
C GLY A 91 3.54 20.05 38.74
N SER A 92 3.46 19.13 37.80
CA SER A 92 4.25 17.94 37.79
C SER A 92 5.54 18.22 36.97
N HIS A 93 6.71 17.84 37.48
CA HIS A 93 8.02 18.17 36.81
C HIS A 93 8.93 16.97 36.76
N THR A 94 9.92 17.02 35.87
CA THR A 94 10.75 15.85 35.55
C THR A 94 12.24 16.11 35.70
N VAL A 95 12.86 15.18 36.40
CA VAL A 95 14.28 15.11 36.55
C VAL A 95 14.77 13.84 35.81
N GLN A 96 15.73 13.99 34.91
CA GLN A 96 16.38 12.83 34.26
C GLN A 96 17.89 12.91 34.40
N ARG A 97 18.48 11.73 34.61
CA ARG A 97 19.90 11.56 34.67
C ARG A 97 20.36 10.38 33.81
N MET A 98 21.49 10.52 33.16
CA MET A 98 22.09 9.33 32.58
C MET A 98 23.56 9.41 32.68
N TYR A 99 24.18 8.32 33.11
CA TYR A 99 25.63 8.28 33.20
C TYR A 99 26.10 6.91 32.78
N GLY A 100 27.34 6.85 32.33
CA GLY A 100 27.90 5.68 31.67
C GLY A 100 29.36 5.76 31.23
N CYS A 101 29.82 4.68 30.55
CA CYS A 101 31.25 4.31 30.27
C CYS A 101 31.19 3.69 28.92
N ASP A 102 32.10 4.11 28.05
CA ASP A 102 32.38 3.40 26.79
C ASP A 102 33.75 2.83 26.90
N VAL A 103 33.93 1.67 26.32
CA VAL A 103 35.24 1.11 26.09
C VAL A 103 35.35 0.76 24.60
N GLY A 104 36.59 0.57 24.11
CA GLY A 104 36.82 0.33 22.70
C GLY A 104 36.88 -1.14 22.36
N SER A 105 37.31 -1.47 21.14
CA SER A 105 37.43 -2.87 20.71
C SER A 105 38.35 -3.69 21.59
N ASP A 106 39.35 -3.02 22.15
CA ASP A 106 40.30 -3.61 23.08
C ASP A 106 39.79 -3.45 24.51
N TRP A 107 38.52 -3.08 24.67
CA TRP A 107 37.88 -2.98 25.98
C TRP A 107 38.59 -2.01 26.93
N ARG A 108 39.48 -1.17 26.42
CA ARG A 108 40.06 -0.17 27.31
C ARG A 108 39.08 1.00 27.38
N PHE A 109 39.24 1.83 28.41
CA PHE A 109 38.43 3.01 28.57
C PHE A 109 38.52 4.05 27.40
N LEU A 110 37.38 4.47 26.83
CA LEU A 110 37.31 5.60 25.85
C LEU A 110 36.74 6.92 26.44
N ARG A 111 35.68 6.81 27.24
CA ARG A 111 35.06 8.01 27.81
C ARG A 111 34.00 7.65 28.81
N GLY A 112 33.80 8.56 29.78
CA GLY A 112 32.72 8.49 30.71
C GLY A 112 31.82 9.67 30.47
N TYR A 113 30.59 9.64 31.03
CA TYR A 113 29.66 10.75 30.90
C TYR A 113 28.66 10.74 32.08
N HIS A 114 28.17 11.92 32.43
CA HIS A 114 27.14 12.06 33.43
C HIS A 114 26.39 13.31 33.08
N GLN A 115 25.12 13.15 32.71
CA GLN A 115 24.28 14.23 32.23
C GLN A 115 22.98 14.36 33.01
N TYR A 116 22.43 15.56 33.09
CA TYR A 116 21.26 15.80 33.92
C TYR A 116 20.31 16.78 33.29
N ALA A 117 19.03 16.48 33.37
CA ALA A 117 18.04 17.32 32.68
C ALA A 117 16.88 17.66 33.57
N TYR A 118 16.37 18.89 33.44
CA TYR A 118 15.14 19.28 34.13
C TYR A 118 14.11 19.66 33.10
N ASP A 119 12.89 19.14 33.28
CA ASP A 119 11.83 19.23 32.28
C ASP A 119 12.25 19.02 30.84
N GLY A 120 13.06 17.97 30.64
CA GLY A 120 13.48 17.54 29.31
C GLY A 120 14.46 18.46 28.63
N LYS A 121 15.09 19.35 29.40
CA LYS A 121 16.17 20.21 28.87
C LYS A 121 17.46 20.04 29.66
N ASP A 122 18.59 20.20 28.96
CA ASP A 122 19.93 20.15 29.53
C ASP A 122 20.06 21.00 30.78
N TYR A 123 20.63 20.46 31.83
CA TYR A 123 20.79 21.21 33.07
C TYR A 123 22.30 21.37 33.34
N ILE A 124 22.96 20.28 33.74
CA ILE A 124 24.45 20.24 33.80
C ILE A 124 24.98 18.92 33.24
N ALA A 125 26.19 18.95 32.75
CA ALA A 125 26.84 17.77 32.23
C ALA A 125 28.31 17.78 32.64
N LEU A 126 28.82 16.62 32.98
CA LEU A 126 30.23 16.46 33.21
C LEU A 126 30.92 16.43 31.87
N LYS A 127 31.90 17.31 31.64
CA LYS A 127 32.60 17.35 30.37
C LYS A 127 33.53 16.16 30.15
N GLU A 128 33.98 15.96 28.92
CA GLU A 128 34.88 14.91 28.58
C GLU A 128 36.15 15.36 29.25
N ASP A 129 36.69 14.53 30.13
CA ASP A 129 37.85 14.93 30.94
C ASP A 129 37.49 14.68 32.35
N LEU A 130 36.18 14.71 32.64
CA LEU A 130 35.68 14.22 33.88
C LEU A 130 36.24 15.04 35.05
N ARG A 131 36.64 16.27 34.74
CA ARG A 131 37.17 17.21 35.72
C ARG A 131 36.29 18.45 35.91
N SER A 132 35.21 18.57 35.16
CA SER A 132 34.73 19.87 34.78
C SER A 132 33.23 19.85 34.39
N TRP A 133 32.51 20.94 34.60
CA TRP A 133 31.08 20.95 34.29
C TRP A 133 30.69 22.01 33.31
N THR A 134 29.71 21.75 32.43
CA THR A 134 28.97 22.84 31.76
C THR A 134 27.57 22.94 32.30
N ALA A 135 27.09 24.18 32.42
CA ALA A 135 25.78 24.44 33.04
C ALA A 135 24.97 25.20 32.06
N ALA A 136 23.71 24.84 31.92
CA ALA A 136 22.83 25.50 30.94
C ALA A 136 22.40 26.92 31.39
N ASP A 137 22.51 27.19 32.69
CA ASP A 137 21.63 28.11 33.38
C ASP A 137 22.31 28.73 34.58
N MET A 138 21.74 29.81 35.10
CA MET A 138 22.18 30.25 36.43
C MET A 138 21.74 29.33 37.62
N ALA A 139 20.53 28.81 37.61
CA ALA A 139 20.21 27.67 38.51
C ALA A 139 21.28 26.54 38.40
N ALA A 140 21.50 26.06 37.21
CA ALA A 140 22.60 25.09 37.00
C ALA A 140 23.98 25.59 37.48
N GLN A 141 24.27 26.92 37.37
CA GLN A 141 25.54 27.48 37.89
C GLN A 141 25.68 27.30 39.38
N THR A 142 24.65 27.66 40.14
CA THR A 142 24.77 27.45 41.59
C THR A 142 24.89 25.93 41.95
N THR A 143 24.26 25.04 41.18
CA THR A 143 24.47 23.60 41.43
C THR A 143 25.91 23.21 41.15
N LYS A 144 26.43 23.73 40.04
CA LYS A 144 27.83 23.54 39.64
C LYS A 144 28.79 23.96 40.76
N HIS A 145 28.55 25.13 41.35
CA HIS A 145 29.31 25.61 42.50
C HIS A 145 29.21 24.65 43.70
N LYS A 146 27.99 24.28 44.07
CA LYS A 146 27.78 23.14 44.99
C LYS A 146 28.66 21.92 44.67
N TRP A 147 28.69 21.50 43.40
CA TRP A 147 29.31 20.23 43.04
C TRP A 147 30.84 20.31 43.02
N GLU A 148 31.35 21.48 42.64
CA GLU A 148 32.78 21.77 42.69
C GLU A 148 33.23 21.79 44.15
N ALA A 149 32.45 22.48 45.00
CA ALA A 149 32.79 22.53 46.42
C ALA A 149 32.80 21.14 47.09
N ALA A 150 31.99 20.22 46.58
CA ALA A 150 31.89 18.92 47.21
C ALA A 150 32.69 17.85 46.46
N HIS A 151 33.45 18.28 45.45
CA HIS A 151 34.30 17.35 44.67
C HIS A 151 33.53 16.20 44.02
N VAL A 152 32.32 16.47 43.55
CA VAL A 152 31.56 15.47 42.77
C VAL A 152 32.31 14.94 41.55
N ALA A 153 32.88 15.81 40.73
CA ALA A 153 33.69 15.34 39.57
C ALA A 153 34.71 14.24 39.89
N GLU A 154 35.52 14.47 40.93
CA GLU A 154 36.52 13.49 41.36
C GLU A 154 35.93 12.09 41.55
N GLN A 155 34.81 11.96 42.27
CA GLN A 155 34.20 10.64 42.57
C GLN A 155 33.67 9.99 41.31
N LEU A 156 32.89 10.75 40.55
CA LEU A 156 32.50 10.32 39.23
C LEU A 156 33.69 9.90 38.33
N ARG A 157 34.80 10.64 38.36
CA ARG A 157 35.93 10.25 37.54
C ARG A 157 36.46 8.92 38.01
N ALA A 158 36.47 8.70 39.33
CA ALA A 158 37.01 7.43 39.84
C ALA A 158 36.01 6.34 39.49
N TYR A 159 34.75 6.57 39.76
CA TYR A 159 33.77 5.60 39.29
C TYR A 159 33.93 5.18 37.79
N LEU A 160 33.81 6.16 36.89
CA LEU A 160 33.76 5.96 35.46
C LEU A 160 35.05 5.31 34.87
N GLU A 161 36.20 5.73 35.35
CA GLU A 161 37.46 5.21 34.89
C GLU A 161 37.76 3.90 35.62
N GLY A 162 37.09 3.64 36.74
CA GLY A 162 37.42 2.45 37.49
C GLY A 162 36.29 1.44 37.41
N THR A 163 35.49 1.43 38.49
CA THR A 163 34.44 0.47 38.78
C THR A 163 33.61 0.21 37.56
N CYS A 164 33.31 1.28 36.85
CA CYS A 164 32.32 1.22 35.82
C CYS A 164 32.79 0.43 34.60
N VAL A 165 33.95 0.82 34.14
CA VAL A 165 34.55 0.19 33.00
C VAL A 165 34.94 -1.25 33.34
N GLU A 166 35.30 -1.44 34.61
CA GLU A 166 35.62 -2.75 35.18
C GLU A 166 34.39 -3.67 35.20
N TRP A 167 33.25 -3.13 35.62
CA TRP A 167 32.07 -3.96 35.72
C TRP A 167 31.49 -4.21 34.34
N LEU A 168 31.65 -3.25 33.45
CA LEU A 168 31.30 -3.50 32.03
C LEU A 168 32.04 -4.69 31.48
N ARG A 169 33.32 -4.84 31.84
CA ARG A 169 34.14 -5.96 31.27
C ARG A 169 33.62 -7.27 31.79
N ARG A 170 33.24 -7.22 33.07
CA ARG A 170 32.83 -8.41 33.78
C ARG A 170 31.52 -8.90 33.22
N TYR A 171 30.58 -7.98 32.95
CA TYR A 171 29.33 -8.30 32.26
C TYR A 171 29.50 -8.84 30.82
N LEU A 172 30.29 -8.13 30.01
CA LEU A 172 30.65 -8.61 28.66
C LEU A 172 31.14 -10.06 28.66
N GLU A 173 31.78 -10.47 29.75
CA GLU A 173 32.31 -11.82 29.82
C GLU A 173 31.20 -12.80 30.20
N ASN A 174 30.49 -12.47 31.27
CA ASN A 174 29.46 -13.37 31.77
C ASN A 174 28.32 -13.54 30.79
N GLY A 175 27.94 -12.43 30.17
CA GLY A 175 26.95 -12.44 29.12
C GLY A 175 27.48 -12.58 27.69
N LYS A 176 28.58 -13.29 27.47
CA LYS A 176 29.21 -13.19 26.16
C LYS A 176 28.43 -13.80 25.01
N GLU A 177 27.73 -14.90 25.26
CA GLU A 177 26.93 -15.49 24.20
C GLU A 177 25.65 -14.70 23.95
N THR A 178 25.35 -13.77 24.84
CA THR A 178 24.23 -12.86 24.57
C THR A 178 24.74 -11.44 24.13
N LEU A 179 25.62 -10.81 24.92
CA LEU A 179 26.27 -9.53 24.56
C LEU A 179 27.33 -9.61 23.45
N GLN A 180 28.02 -10.73 23.30
CA GLN A 180 29.01 -10.78 22.22
C GLN A 180 28.56 -11.53 20.97
N ARG A 181 27.25 -11.65 20.79
CA ARG A 181 26.70 -12.32 19.62
C ARG A 181 26.25 -11.21 18.67
N THR A 182 26.36 -11.47 17.37
CA THR A 182 25.73 -10.63 16.36
C THR A 182 24.65 -11.46 15.72
N ASP A 183 23.45 -10.88 15.61
CA ASP A 183 22.38 -11.44 14.82
C ASP A 183 22.39 -10.65 13.52
N ALA A 184 22.91 -11.28 12.46
CA ALA A 184 22.92 -10.72 11.13
C ALA A 184 21.47 -10.52 10.67
N PRO A 185 21.15 -9.38 10.02
CA PRO A 185 19.78 -9.06 9.58
C PRO A 185 19.21 -9.97 8.48
N LYS A 186 17.98 -10.46 8.65
CA LYS A 186 17.21 -11.07 7.57
C LYS A 186 16.60 -9.92 6.76
N THR A 187 16.97 -9.82 5.48
CA THR A 187 16.50 -8.73 4.62
C THR A 187 15.49 -9.18 3.56
N HIS A 188 14.70 -8.23 3.07
CA HIS A 188 13.78 -8.49 1.95
C HIS A 188 13.22 -7.17 1.43
N MET A 189 12.62 -7.24 0.24
CA MET A 189 12.13 -6.06 -0.44
C MET A 189 10.69 -6.21 -0.89
N THR A 190 9.93 -5.12 -0.77
CA THR A 190 8.54 -5.05 -1.21
C THR A 190 8.37 -3.93 -2.25
N HIS A 191 7.37 -4.09 -3.11
CA HIS A 191 7.02 -3.04 -4.07
C HIS A 191 5.53 -2.68 -3.97
N HIS A 192 5.22 -1.39 -4.08
CA HIS A 192 3.83 -0.93 -4.14
C HIS A 192 3.86 0.23 -5.13
N ALA A 193 2.84 0.40 -5.97
CA ALA A 193 2.79 1.62 -6.79
C ALA A 193 2.16 2.78 -5.98
N VAL A 194 2.69 3.99 -6.18
CA VAL A 194 2.16 5.24 -5.60
C VAL A 194 1.17 5.91 -6.55
N SER A 195 1.63 6.10 -7.79
CA SER A 195 0.97 6.91 -8.79
C SER A 195 1.15 6.29 -10.17
N ASP A 196 0.66 6.96 -11.21
CA ASP A 196 0.91 6.55 -12.58
C ASP A 196 2.40 6.41 -12.83
N HIS A 197 3.13 7.49 -12.55
CA HIS A 197 4.52 7.61 -12.94
C HIS A 197 5.46 7.15 -11.82
N GLU A 198 4.88 6.81 -10.66
CA GLU A 198 5.66 6.56 -9.43
C GLU A 198 5.34 5.22 -8.75
N ALA A 199 6.38 4.57 -8.24
CA ALA A 199 6.24 3.45 -7.31
C ALA A 199 7.31 3.54 -6.21
N THR A 200 6.96 3.02 -5.03
CA THR A 200 7.86 3.01 -3.86
C THR A 200 8.51 1.61 -3.61
N LEU A 201 9.81 1.63 -3.35
CA LEU A 201 10.52 0.39 -2.99
C LEU A 201 10.94 0.40 -1.49
N ARG A 202 10.55 -0.61 -0.73
CA ARG A 202 10.92 -0.61 0.67
C ARG A 202 11.78 -1.79 0.96
N CYS A 203 12.97 -1.46 1.47
CA CYS A 203 14.04 -2.39 1.76
C CYS A 203 14.04 -2.72 3.24
N TRP A 204 13.90 -3.99 3.59
CA TRP A 204 13.73 -4.42 4.99
C TRP A 204 14.96 -5.08 5.64
N ALA A 205 15.16 -4.77 6.92
CA ALA A 205 16.12 -5.50 7.75
C ALA A 205 15.47 -5.90 9.10
N LEU A 206 15.51 -7.20 9.39
CA LEU A 206 14.84 -7.77 10.56
C LEU A 206 15.79 -8.68 11.34
N SER A 207 15.49 -8.82 12.65
CA SER A 207 16.19 -9.72 13.61
C SER A 207 17.68 -9.46 13.75
N PHE A 208 18.11 -8.21 13.76
CA PHE A 208 19.52 -7.95 13.94
C PHE A 208 19.85 -7.48 15.34
N TYR A 209 21.08 -7.77 15.76
CA TYR A 209 21.71 -7.31 17.02
C TYR A 209 23.21 -7.13 16.75
N PRO A 210 23.80 -5.98 17.08
CA PRO A 210 23.13 -4.87 17.78
C PRO A 210 22.35 -3.96 16.86
N ALA A 211 21.82 -2.88 17.43
CA ALA A 211 20.92 -1.97 16.73
C ALA A 211 21.52 -1.14 15.60
N GLU A 212 22.82 -0.82 15.66
CA GLU A 212 23.41 -0.06 14.58
C GLU A 212 23.36 -0.87 13.27
N ILE A 213 22.89 -0.22 12.22
CA ILE A 213 22.88 -0.70 10.84
C ILE A 213 22.97 0.57 10.05
N THR A 214 23.48 0.48 8.83
CA THR A 214 23.20 1.54 7.86
C THR A 214 22.59 0.96 6.59
N LEU A 215 21.40 1.49 6.30
CA LEU A 215 20.56 1.22 5.15
C LEU A 215 20.62 2.37 4.15
N THR A 216 21.05 2.07 2.93
CA THR A 216 21.19 3.10 1.90
C THR A 216 20.77 2.59 0.54
N TRP A 217 20.08 3.44 -0.19
CA TRP A 217 19.68 3.14 -1.55
C TRP A 217 20.66 3.79 -2.48
N GLN A 218 21.25 2.97 -3.35
CA GLN A 218 22.06 3.50 -4.43
C GLN A 218 21.24 3.49 -5.71
N ARG A 219 21.62 4.35 -6.64
CA ARG A 219 21.03 4.33 -7.95
C ARG A 219 22.14 4.35 -9.02
N ASP A 220 22.27 3.23 -9.73
CA ASP A 220 23.38 3.01 -10.65
C ASP A 220 24.75 3.08 -9.96
N GLY A 221 24.83 2.53 -8.74
CA GLY A 221 26.08 2.44 -8.01
C GLY A 221 26.40 3.66 -7.14
N GLU A 222 25.46 4.61 -7.07
CA GLU A 222 25.68 5.89 -6.41
C GLU A 222 24.62 6.25 -5.36
N ASP A 223 25.05 6.86 -4.26
CA ASP A 223 24.14 7.24 -3.16
C ASP A 223 22.88 8.00 -3.61
N GLN A 224 21.75 7.75 -2.94
CA GLN A 224 20.50 8.39 -3.29
C GLN A 224 19.67 8.70 -2.04
N THR A 225 19.79 9.94 -1.56
CA THR A 225 19.09 10.43 -0.37
C THR A 225 17.94 11.37 -0.74
N GLN A 226 17.98 11.93 -1.94
CA GLN A 226 16.85 12.71 -2.39
C GLN A 226 15.68 11.74 -2.61
N ASP A 227 14.59 11.98 -1.89
CA ASP A 227 13.45 11.06 -1.88
C ASP A 227 13.82 9.70 -1.29
N THR A 228 14.50 9.75 -0.14
CA THR A 228 14.77 8.58 0.69
C THR A 228 14.35 8.86 2.13
N GLU A 229 13.63 7.88 2.69
CA GLU A 229 13.10 7.96 4.04
C GLU A 229 13.43 6.67 4.83
N LEU A 230 14.21 6.84 5.91
CA LEU A 230 14.47 5.81 6.90
C LEU A 230 13.53 5.94 8.09
N VAL A 231 12.83 4.87 8.47
CA VAL A 231 12.17 4.93 9.78
C VAL A 231 13.16 4.70 10.88
N GLU A 232 12.84 5.26 12.06
CA GLU A 232 13.55 5.01 13.29
C GLU A 232 13.65 3.51 13.47
N THR A 233 14.84 3.05 13.76
CA THR A 233 15.03 1.63 14.09
C THR A 233 14.23 1.28 15.37
N ARG A 234 13.78 0.05 15.49
CA ARG A 234 12.68 -0.28 16.41
C ARG A 234 12.86 -1.66 16.99
N PRO A 235 12.58 -1.83 18.30
CA PRO A 235 12.69 -3.15 18.93
C PRO A 235 11.64 -4.15 18.46
N ALA A 236 12.12 -5.33 18.05
CA ALA A 236 11.26 -6.47 17.66
C ALA A 236 10.56 -6.99 18.89
N GLY A 237 11.23 -6.87 20.03
CA GLY A 237 10.61 -7.25 21.29
C GLY A 237 11.27 -8.49 21.89
N ASP A 238 12.02 -9.21 21.04
CA ASP A 238 12.72 -10.44 21.39
C ASP A 238 14.23 -10.23 21.65
N GLY A 239 14.64 -9.00 21.96
CA GLY A 239 16.05 -8.64 22.01
C GLY A 239 16.64 -8.18 20.68
N THR A 240 15.92 -8.41 19.59
CA THR A 240 16.38 -7.96 18.27
C THR A 240 15.70 -6.63 17.80
N PHE A 241 16.09 -6.18 16.60
CA PHE A 241 15.70 -4.89 16.08
C PHE A 241 15.27 -4.99 14.62
N GLN A 242 14.69 -3.91 14.10
CA GLN A 242 14.14 -3.86 12.76
C GLN A 242 14.31 -2.43 12.25
N LYS A 243 14.56 -2.30 10.94
CA LYS A 243 14.53 -1.01 10.26
C LYS A 243 14.15 -1.20 8.79
N TRP A 244 13.43 -0.25 8.22
CA TRP A 244 13.32 -0.24 6.77
C TRP A 244 13.71 1.09 6.16
N ALA A 245 13.99 1.05 4.87
CA ALA A 245 14.38 2.23 4.14
C ALA A 245 13.66 2.20 2.84
N ALA A 246 13.04 3.32 2.51
CA ALA A 246 12.21 3.42 1.34
C ALA A 246 12.75 4.43 0.32
N VAL A 247 12.47 4.15 -0.94
CA VAL A 247 12.76 5.05 -2.04
C VAL A 247 11.56 5.23 -2.96
N VAL A 248 11.41 6.46 -3.44
CA VAL A 248 10.31 6.86 -4.30
C VAL A 248 10.87 6.98 -5.73
N VAL A 249 10.40 6.12 -6.65
CA VAL A 249 11.00 6.03 -8.01
C VAL A 249 10.06 6.22 -9.21
N PRO A 250 10.51 6.93 -10.27
CA PRO A 250 9.93 6.84 -11.61
C PRO A 250 9.66 5.37 -11.99
N SER A 251 8.40 4.94 -11.96
CA SER A 251 8.10 3.51 -12.11
C SER A 251 8.36 2.95 -13.51
N GLY A 252 8.48 1.62 -13.57
CA GLY A 252 8.96 0.93 -14.77
C GLY A 252 10.38 0.43 -14.56
N GLN A 253 11.26 1.37 -14.25
CA GLN A 253 12.67 1.09 -13.94
C GLN A 253 12.93 0.77 -12.46
N GLU A 254 12.27 -0.26 -11.93
CA GLU A 254 12.51 -0.70 -10.54
C GLU A 254 13.94 -1.25 -10.34
N GLN A 255 14.47 -1.89 -11.38
CA GLN A 255 15.79 -2.56 -11.35
C GLN A 255 17.01 -1.65 -11.21
N ARG A 256 16.82 -0.34 -11.46
CA ARG A 256 17.91 0.65 -11.42
C ARG A 256 18.38 1.02 -10.02
N TYR A 257 17.63 0.55 -9.03
CA TYR A 257 17.89 0.91 -7.64
C TYR A 257 18.42 -0.29 -6.90
N THR A 258 19.44 -0.04 -6.08
CA THR A 258 19.96 -1.08 -5.21
C THR A 258 19.96 -0.60 -3.77
N CYS A 259 19.44 -1.48 -2.93
CA CYS A 259 19.48 -1.26 -1.50
C CYS A 259 20.74 -1.86 -0.95
N HIS A 260 21.37 -1.13 -0.03
CA HIS A 260 22.64 -1.56 0.56
C HIS A 260 22.60 -1.68 2.08
N VAL A 261 22.93 -2.85 2.59
CA VAL A 261 22.71 -3.16 4.02
C VAL A 261 24.04 -3.43 4.72
N GLN A 262 24.44 -2.55 5.62
CA GLN A 262 25.67 -2.70 6.40
C GLN A 262 25.38 -2.94 7.89
N HIS A 263 26.01 -3.98 8.44
CA HIS A 263 25.83 -4.39 9.82
C HIS A 263 26.98 -5.25 10.26
N GLU A 264 27.52 -4.97 11.45
CA GLU A 264 28.58 -5.73 12.11
C GLU A 264 28.60 -7.24 11.85
N GLY A 265 27.42 -7.85 11.79
CA GLY A 265 27.28 -9.28 11.53
C GLY A 265 27.29 -9.61 10.05
N LEU A 266 27.52 -8.63 9.18
CA LEU A 266 27.59 -8.90 7.77
C LEU A 266 29.05 -8.90 7.31
N PRO A 267 29.60 -10.10 7.04
CA PRO A 267 30.98 -10.20 6.54
C PRO A 267 31.22 -9.13 5.48
N LYS A 268 30.37 -9.13 4.45
CA LYS A 268 30.36 -8.12 3.40
C LYS A 268 29.01 -7.40 3.39
N PRO A 269 28.99 -6.08 3.06
CA PRO A 269 27.72 -5.35 2.90
C PRO A 269 26.78 -6.03 1.90
N LEU A 270 25.48 -5.85 2.09
CA LEU A 270 24.52 -6.60 1.31
C LEU A 270 23.81 -5.74 0.28
N THR A 271 23.64 -6.31 -0.91
CA THR A 271 23.01 -5.63 -2.04
C THR A 271 21.68 -6.28 -2.40
N LEU A 272 20.68 -5.46 -2.67
CA LEU A 272 19.34 -5.98 -2.94
C LEU A 272 18.69 -5.25 -4.08
N ARG A 273 18.15 -6.00 -5.04
CA ARG A 273 17.43 -5.42 -6.15
C ARG A 273 16.12 -6.13 -6.32
N TRP A 274 15.08 -5.36 -6.59
CA TRP A 274 13.79 -5.92 -6.95
C TRP A 274 13.89 -6.77 -8.23
N GLU A 275 13.74 -8.09 -8.10
CA GLU A 275 13.35 -8.90 -9.27
C GLU A 275 11.85 -9.18 -9.15
N PRO A 276 11.08 -8.87 -10.22
CA PRO A 276 9.63 -9.16 -10.22
C PRO A 276 9.31 -10.66 -10.42
N MET B 1 9.45 23.02 30.95
CA MET B 1 8.18 23.71 30.61
C MET B 1 7.77 23.43 29.12
N ILE B 2 8.36 22.39 28.53
CA ILE B 2 8.21 22.06 27.08
C ILE B 2 7.70 20.62 26.76
N GLN B 3 6.96 20.49 25.65
CA GLN B 3 6.24 19.26 25.30
C GLN B 3 6.73 18.72 23.93
N ARG B 4 6.62 17.42 23.69
CA ARG B 4 6.86 16.83 22.37
C ARG B 4 5.87 15.67 22.19
N THR B 5 5.22 15.61 21.02
CA THR B 5 4.24 14.57 20.68
C THR B 5 4.94 13.29 20.30
N PRO B 6 4.37 12.12 20.67
CA PRO B 6 5.03 10.84 20.36
C PRO B 6 4.98 10.47 18.89
N LYS B 7 6.04 9.89 18.35
CA LYS B 7 5.92 9.11 17.11
C LYS B 7 5.31 7.80 17.50
N ILE B 8 4.61 7.16 16.59
CA ILE B 8 3.95 5.88 16.85
C ILE B 8 4.27 4.95 15.69
N GLN B 9 4.79 3.76 15.99
CA GLN B 9 4.97 2.71 14.99
C GLN B 9 4.21 1.51 15.46
N VAL B 10 3.30 1.01 14.61
CA VAL B 10 2.60 -0.26 14.86
C VAL B 10 3.10 -1.36 13.92
N TYR B 11 3.48 -2.50 14.47
CA TYR B 11 4.09 -3.56 13.63
C TYR B 11 4.12 -4.85 14.39
N SER B 12 4.25 -5.96 13.65
CA SER B 12 4.35 -7.25 14.25
C SER B 12 5.83 -7.59 14.47
N ARG B 13 6.06 -8.54 15.36
CA ARG B 13 7.39 -9.02 15.66
C ARG B 13 7.92 -9.90 14.51
N HIS B 14 7.13 -10.87 14.09
CA HIS B 14 7.46 -11.74 12.99
C HIS B 14 6.62 -11.37 11.77
N PRO B 15 7.17 -11.59 10.55
CA PRO B 15 6.33 -11.37 9.38
C PRO B 15 4.96 -12.02 9.56
N ALA B 16 3.90 -11.25 9.41
CA ALA B 16 2.51 -11.75 9.63
C ALA B 16 2.02 -12.91 8.72
N GLU B 17 1.52 -14.00 9.29
CA GLU B 17 0.91 -15.08 8.49
C GLU B 17 -0.45 -15.37 9.05
N ASN B 18 -1.49 -15.27 8.24
CA ASN B 18 -2.82 -15.53 8.79
C ASN B 18 -2.90 -16.86 9.56
N GLY B 19 -3.50 -16.80 10.74
CA GLY B 19 -3.64 -18.00 11.57
C GLY B 19 -2.37 -18.42 12.30
N LYS B 20 -1.28 -17.65 12.21
CA LYS B 20 -0.04 -17.99 12.94
C LYS B 20 0.29 -17.01 14.07
N SER B 21 0.74 -17.57 15.19
CA SER B 21 0.98 -16.83 16.44
C SER B 21 2.10 -15.84 16.26
N ASN B 22 1.93 -14.67 16.86
CA ASN B 22 2.83 -13.55 16.66
C ASN B 22 2.64 -12.56 17.83
N PHE B 23 3.33 -11.41 17.78
CA PHE B 23 3.28 -10.31 18.74
C PHE B 23 3.00 -9.00 18.03
N LEU B 24 1.99 -8.27 18.54
CA LEU B 24 1.67 -6.97 18.01
C LEU B 24 2.42 -5.93 18.86
N ASN B 25 3.19 -5.08 18.19
CA ASN B 25 3.95 -4.03 18.84
C ASN B 25 3.43 -2.65 18.55
N CYS B 26 3.39 -1.82 19.60
CA CYS B 26 3.31 -0.39 19.41
C CYS B 26 4.46 0.32 20.10
N TYR B 27 5.29 1.04 19.34
CA TYR B 27 6.50 1.68 19.86
C TYR B 27 6.24 3.13 19.84
N VAL B 28 6.14 3.78 21.01
CA VAL B 28 6.00 5.24 21.05
C VAL B 28 7.33 5.84 21.50
N SER B 29 7.70 6.96 20.88
CA SER B 29 9.02 7.54 21.09
C SER B 29 8.91 9.03 20.81
N GLY B 30 9.99 9.76 21.07
CA GLY B 30 10.07 11.21 20.80
C GLY B 30 9.23 12.07 21.74
N PHE B 31 8.72 11.51 22.84
CA PHE B 31 7.72 12.27 23.60
C PHE B 31 8.22 12.80 24.90
N HIS B 32 7.56 13.85 25.39
CA HIS B 32 7.90 14.48 26.65
C HIS B 32 6.72 15.38 26.99
N PRO B 33 6.22 15.36 28.23
CA PRO B 33 6.78 14.55 29.30
C PRO B 33 6.31 13.09 29.24
N SER B 34 6.61 12.37 30.29
CA SER B 34 6.54 10.92 30.25
C SER B 34 5.18 10.26 30.30
N ASP B 35 4.15 10.84 30.94
CA ASP B 35 2.85 10.14 30.97
C ASP B 35 2.30 10.02 29.56
N ILE B 36 1.86 8.82 29.22
CA ILE B 36 1.17 8.55 27.98
C ILE B 36 0.24 7.42 28.33
N GLU B 37 -0.79 7.24 27.50
CA GLU B 37 -1.59 6.03 27.51
C GLU B 37 -1.59 5.47 26.11
N VAL B 38 -1.57 4.15 26.07
CA VAL B 38 -1.41 3.38 24.85
C VAL B 38 -2.29 2.16 24.96
N ASP B 39 -3.15 1.94 23.97
CA ASP B 39 -3.96 0.71 23.88
C ASP B 39 -3.71 0.06 22.55
N LEU B 40 -3.66 -1.26 22.56
CA LEU B 40 -3.70 -2.02 21.33
C LEU B 40 -5.17 -2.37 21.14
N LEU B 41 -5.65 -2.26 19.89
CA LEU B 41 -7.06 -2.55 19.55
C LEU B 41 -7.20 -3.65 18.51
N LYS B 42 -8.27 -4.42 18.70
CA LYS B 42 -8.68 -5.44 17.78
C LYS B 42 -10.08 -4.97 17.32
N ASN B 43 -10.26 -4.77 16.01
CA ASN B 43 -11.47 -4.12 15.48
C ASN B 43 -12.03 -2.99 16.35
N GLY B 44 -11.21 -2.01 16.72
CA GLY B 44 -11.73 -0.88 17.50
C GLY B 44 -11.89 -1.09 19.00
N GLU B 45 -11.83 -2.35 19.43
CA GLU B 45 -12.06 -2.80 20.80
C GLU B 45 -10.70 -2.98 21.47
N ARG B 46 -10.55 -2.52 22.72
CA ARG B 46 -9.22 -2.57 23.37
C ARG B 46 -8.77 -3.98 23.84
N ILE B 47 -7.56 -4.38 23.49
CA ILE B 47 -6.99 -5.65 23.92
C ILE B 47 -6.58 -5.54 25.40
N GLU B 48 -7.10 -6.46 26.20
CA GLU B 48 -6.79 -6.49 27.62
C GLU B 48 -5.39 -7.16 27.84
N LYS B 49 -4.72 -6.81 28.93
CA LYS B 49 -3.41 -7.39 29.32
C LYS B 49 -2.23 -7.17 28.35
N VAL B 50 -2.16 -5.97 27.81
CA VAL B 50 -0.99 -5.53 27.06
C VAL B 50 0.21 -5.39 28.01
N GLU B 51 1.41 -5.52 27.49
CA GLU B 51 2.54 -5.22 28.31
C GLU B 51 3.41 -4.15 27.70
N HIS B 52 4.29 -3.60 28.52
CA HIS B 52 5.18 -2.55 28.09
C HIS B 52 6.56 -2.71 28.74
N SER B 53 7.58 -2.16 28.10
CA SER B 53 8.96 -2.18 28.59
C SER B 53 9.12 -1.08 29.59
N ASP B 54 10.27 -1.04 30.23
CA ASP B 54 10.53 -0.06 31.27
C ASP B 54 10.83 1.31 30.63
N LEU B 55 10.29 2.40 31.17
CA LEU B 55 10.51 3.75 30.58
C LEU B 55 12.00 4.08 30.41
N SER B 56 12.47 4.30 29.18
CA SER B 56 13.81 4.87 29.05
C SER B 56 13.77 6.19 28.24
N PHE B 57 14.94 6.72 27.87
CA PHE B 57 14.99 7.94 27.06
C PHE B 57 16.22 8.03 26.19
N SER B 58 16.10 8.81 25.14
CA SER B 58 17.14 9.02 24.18
C SER B 58 18.06 10.20 24.49
N LYS B 59 19.04 10.37 23.60
CA LYS B 59 19.98 11.46 23.66
C LYS B 59 19.33 12.85 23.87
N ASP B 60 18.24 13.13 23.16
CA ASP B 60 17.61 14.46 23.26
C ASP B 60 16.66 14.54 24.46
N TRP B 61 16.66 13.48 25.26
CA TRP B 61 15.95 13.36 26.53
C TRP B 61 14.54 12.89 26.35
N SER B 62 14.12 12.71 25.10
CA SER B 62 12.78 12.27 24.90
C SER B 62 12.63 10.78 25.22
N PHE B 63 11.41 10.44 25.58
CA PHE B 63 11.06 9.11 26.05
C PHE B 63 10.66 8.15 24.96
N TYR B 64 10.71 6.87 25.33
CA TYR B 64 10.26 5.84 24.44
C TYR B 64 9.88 4.62 25.22
N LEU B 65 8.98 3.82 24.64
CA LEU B 65 8.33 2.68 25.28
C LEU B 65 7.84 1.76 24.18
N LEU B 66 7.90 0.47 24.44
CA LEU B 66 7.34 -0.56 23.58
C LEU B 66 6.20 -1.19 24.30
N TYR B 67 5.03 -1.20 23.65
CA TYR B 67 3.85 -1.88 24.16
C TYR B 67 3.56 -3.05 23.24
N TYR B 68 3.13 -4.17 23.82
CA TYR B 68 2.98 -5.33 22.97
C TYR B 68 2.08 -6.38 23.59
N THR B 69 1.50 -7.25 22.75
CA THR B 69 0.99 -8.58 23.12
C THR B 69 1.10 -9.58 21.99
N GLU B 70 0.99 -10.85 22.36
CA GLU B 70 0.67 -11.94 21.45
C GLU B 70 -0.68 -11.74 20.77
N PHE B 71 -0.73 -12.10 19.49
CA PHE B 71 -1.98 -12.07 18.77
C PHE B 71 -1.84 -13.02 17.60
N THR B 72 -2.93 -13.22 16.91
CA THR B 72 -2.93 -14.11 15.79
C THR B 72 -3.70 -13.37 14.73
N PRO B 73 -2.95 -12.80 13.78
CA PRO B 73 -3.51 -11.98 12.70
C PRO B 73 -4.35 -12.84 11.78
N THR B 74 -5.28 -12.20 11.11
CA THR B 74 -6.17 -12.87 10.18
C THR B 74 -6.36 -11.95 8.99
N GLU B 75 -7.05 -12.46 7.99
CA GLU B 75 -7.39 -11.67 6.84
C GLU B 75 -8.19 -10.44 7.25
N LYS B 76 -9.29 -10.64 7.96
CA LYS B 76 -10.23 -9.55 8.25
C LYS B 76 -10.00 -8.76 9.54
N ASP B 77 -9.27 -9.30 10.52
CA ASP B 77 -9.15 -8.55 11.77
C ASP B 77 -8.26 -7.32 11.68
N GLU B 78 -8.80 -6.16 12.05
CA GLU B 78 -8.04 -4.91 12.05
C GLU B 78 -7.44 -4.72 13.41
N TYR B 79 -6.23 -4.16 13.43
CA TYR B 79 -5.52 -3.84 14.64
C TYR B 79 -4.96 -2.45 14.58
N ALA B 80 -4.76 -1.86 15.75
CA ALA B 80 -4.36 -0.49 15.81
C ALA B 80 -3.78 -0.19 17.18
N CYS B 81 -3.12 0.97 17.27
CA CYS B 81 -2.55 1.41 18.52
C CYS B 81 -3.23 2.73 18.79
N ARG B 82 -3.75 2.97 19.99
CA ARG B 82 -4.34 4.26 20.36
C ARG B 82 -3.50 4.97 21.43
N VAL B 83 -3.07 6.21 21.14
CA VAL B 83 -2.15 6.94 22.03
C VAL B 83 -2.80 8.21 22.57
N ASN B 84 -2.79 8.42 23.87
CA ASN B 84 -3.11 9.76 24.39
C ASN B 84 -1.96 10.36 25.21
N HIS B 85 -1.89 11.69 25.22
CA HIS B 85 -0.72 12.40 25.73
C HIS B 85 -1.05 13.84 25.72
N VAL B 86 -0.48 14.61 26.65
CA VAL B 86 -0.91 16.00 26.78
C VAL B 86 -0.84 16.79 25.49
N THR B 87 0.06 16.45 24.58
CA THR B 87 0.15 17.17 23.31
C THR B 87 -0.97 16.80 22.33
N LEU B 88 -1.78 15.78 22.66
CA LEU B 88 -2.96 15.42 21.86
C LEU B 88 -4.28 15.86 22.51
N SER B 89 -5.18 16.39 21.69
CA SER B 89 -6.45 16.87 22.22
C SER B 89 -7.56 15.85 22.06
N GLN B 90 -7.22 14.70 21.47
CA GLN B 90 -8.02 13.47 21.53
C GLN B 90 -7.10 12.34 21.14
N PRO B 91 -7.37 11.13 21.63
CA PRO B 91 -6.48 9.98 21.36
C PRO B 91 -6.15 9.75 19.87
N LYS B 92 -4.88 9.47 19.58
CA LYS B 92 -4.44 9.31 18.21
C LYS B 92 -4.40 7.81 17.95
N ILE B 93 -5.03 7.41 16.84
CA ILE B 93 -5.10 6.03 16.42
C ILE B 93 -4.25 5.88 15.17
N VAL B 94 -3.38 4.87 15.16
CA VAL B 94 -2.68 4.45 13.96
C VAL B 94 -2.94 2.97 13.78
N LYS B 95 -3.44 2.63 12.60
CA LYS B 95 -3.77 1.26 12.22
C LYS B 95 -2.51 0.49 11.87
N TRP B 96 -2.48 -0.77 12.27
CA TRP B 96 -1.47 -1.69 11.76
C TRP B 96 -1.68 -1.90 10.27
N ASP B 97 -0.62 -1.66 9.51
CA ASP B 97 -0.55 -2.04 8.12
C ASP B 97 0.51 -3.11 8.00
N ARG B 98 0.11 -4.38 7.87
CA ARG B 98 1.04 -5.54 7.82
C ARG B 98 2.18 -5.43 6.79
N ASP B 99 1.99 -4.64 5.74
CA ASP B 99 3.11 -4.34 4.82
C ASP B 99 4.00 -3.17 5.39
N MET B 100 4.35 -3.19 6.69
CA MET B 100 4.94 -1.97 7.34
C MET B 100 5.37 -1.96 8.83
N ARG C 1 27.15 -2.10 37.40
CA ARG C 1 27.25 -1.66 38.79
C ARG C 1 27.11 -0.16 38.83
N GLN C 2 26.19 0.32 39.73
CA GLN C 2 25.90 1.78 39.82
C GLN C 2 26.97 2.53 40.57
N TRP C 3 27.12 3.82 40.25
CA TRP C 3 27.78 4.78 41.12
C TRP C 3 27.00 4.85 42.44
N GLY C 4 27.70 4.97 43.56
CA GLY C 4 27.01 5.09 44.87
C GLY C 4 28.00 5.65 45.91
N PRO C 5 27.58 5.86 47.18
CA PRO C 5 26.29 5.37 47.65
C PRO C 5 25.11 6.12 47.04
N ASP C 6 25.32 7.37 46.66
CA ASP C 6 24.20 8.17 46.10
C ASP C 6 24.68 9.46 45.46
N PRO C 7 23.91 10.04 44.52
CA PRO C 7 24.40 11.24 43.84
C PRO C 7 24.21 12.47 44.71
N ALA C 8 25.09 13.45 44.56
CA ALA C 8 24.98 14.74 45.25
C ALA C 8 23.67 15.48 44.85
N ALA C 9 23.03 16.17 45.79
CA ALA C 9 21.82 17.00 45.46
C ALA C 9 22.17 18.24 44.58
N VAL C 10 21.36 18.49 43.60
CA VAL C 10 21.29 19.69 42.80
C VAL C 10 21.16 20.96 43.67
N GLU D 2 34.27 -8.67 57.64
CA GLU D 2 35.15 -8.86 58.83
C GLU D 2 36.41 -7.99 58.72
N VAL D 3 36.79 -7.48 59.89
CA VAL D 3 37.93 -6.67 60.07
C VAL D 3 38.55 -7.20 61.34
N GLU D 4 39.77 -7.70 61.22
CA GLU D 4 40.56 -8.18 62.32
C GLU D 4 41.49 -7.09 62.77
N GLN D 5 41.49 -6.85 64.08
CA GLN D 5 42.34 -5.84 64.72
C GLN D 5 42.90 -6.35 66.09
N ASP D 6 44.19 -6.22 66.33
CA ASP D 6 44.66 -6.67 67.61
C ASP D 6 44.24 -5.72 68.74
N PRO D 7 43.77 -6.29 69.85
CA PRO D 7 43.19 -5.49 70.91
C PRO D 7 44.25 -4.81 71.76
N GLY D 8 45.45 -5.38 71.77
CA GLY D 8 46.54 -4.90 72.60
C GLY D 8 46.43 -5.47 73.99
N PRO D 9 46.74 -4.64 75.00
CA PRO D 9 46.97 -3.20 74.80
C PRO D 9 48.40 -2.92 74.38
N LEU D 10 48.60 -1.84 73.62
CA LEU D 10 49.95 -1.35 73.41
C LEU D 10 50.34 -0.34 74.50
N SER D 11 51.48 -0.56 75.14
CA SER D 11 52.06 0.42 76.05
C SER D 11 53.42 0.85 75.52
N VAL D 12 53.61 2.15 75.40
CA VAL D 12 54.71 2.68 74.63
C VAL D 12 55.30 3.86 75.43
N PRO D 13 56.63 4.07 75.40
CA PRO D 13 57.09 5.26 76.12
C PRO D 13 56.93 6.52 75.24
N GLU D 14 56.58 7.65 75.85
CA GLU D 14 56.46 8.87 75.06
C GLU D 14 57.66 9.13 74.15
N GLY D 15 57.40 9.50 72.91
CA GLY D 15 58.45 9.78 71.94
C GLY D 15 58.54 8.69 70.88
N ALA D 16 58.06 7.50 71.24
CA ALA D 16 58.08 6.33 70.37
C ALA D 16 57.16 6.42 69.17
N ILE D 17 57.60 5.81 68.07
CA ILE D 17 56.77 5.60 66.91
C ILE D 17 55.83 4.44 67.25
N VAL D 18 54.52 4.67 67.04
CA VAL D 18 53.45 3.67 67.19
C VAL D 18 52.91 3.24 65.82
N SER D 19 52.61 1.95 65.68
CA SER D 19 52.12 1.40 64.46
C SER D 19 50.84 0.69 64.79
N LEU D 20 49.75 0.99 64.08
CA LEU D 20 48.49 0.32 64.34
C LEU D 20 47.97 -0.21 63.02
N ASN D 21 47.30 -1.35 63.00
CA ASN D 21 46.74 -1.78 61.75
C ASN D 21 45.53 -2.75 61.84
N CYS D 22 45.00 -3.11 60.67
CA CYS D 22 43.86 -3.94 60.54
C CYS D 22 44.01 -4.68 59.24
N THR D 23 43.42 -5.87 59.19
CA THR D 23 43.26 -6.58 57.94
C THR D 23 41.81 -6.88 57.71
N TYR D 24 41.43 -7.06 56.44
CA TYR D 24 40.06 -7.30 56.15
C TYR D 24 39.99 -8.36 55.08
N SER D 25 38.79 -8.79 54.68
CA SER D 25 38.71 -9.89 53.72
C SER D 25 37.84 -9.60 52.51
N ASN D 26 37.04 -8.54 52.59
CA ASN D 26 36.11 -8.23 51.54
C ASN D 26 36.68 -7.17 50.58
N SER D 27 37.03 -7.59 49.37
CA SER D 27 37.64 -6.65 48.43
C SER D 27 36.47 -5.76 48.16
N ALA D 28 36.61 -4.57 47.62
CA ALA D 28 35.34 -3.76 47.58
C ALA D 28 35.07 -2.96 48.82
N PHE D 29 35.84 -3.20 49.88
CA PHE D 29 36.02 -2.13 50.82
C PHE D 29 36.84 -1.10 50.04
N GLN D 30 36.39 0.16 49.96
CA GLN D 30 37.21 1.19 49.25
C GLN D 30 37.61 2.41 50.02
N TYR D 31 37.11 2.58 51.22
CA TYR D 31 37.34 3.83 51.97
C TYR D 31 37.76 3.35 53.30
N PHE D 32 38.84 3.91 53.75
CA PHE D 32 39.48 3.40 54.93
C PHE D 32 39.74 4.56 55.86
N MET D 33 39.48 4.36 57.14
CA MET D 33 39.49 5.47 58.08
C MET D 33 39.98 5.03 59.43
N TRP D 34 40.51 5.97 60.19
CA TRP D 34 40.93 5.74 61.58
C TRP D 34 40.22 6.70 62.57
N TYR D 35 39.76 6.15 63.71
CA TYR D 35 39.13 6.93 64.74
C TYR D 35 39.91 6.73 66.02
N ARG D 36 39.90 7.75 66.85
CA ARG D 36 40.46 7.81 68.18
C ARG D 36 39.24 7.99 69.12
N GLN D 37 39.28 7.26 70.22
CA GLN D 37 38.22 7.30 71.16
C GLN D 37 38.77 7.28 72.58
N TYR D 38 38.74 8.43 73.28
CA TYR D 38 39.04 8.47 74.72
C TYR D 38 38.00 7.72 75.49
N SER D 39 38.37 7.22 76.65
CA SER D 39 37.50 6.30 77.35
C SER D 39 36.33 7.03 77.94
N ARG D 40 35.15 6.48 77.74
CA ARG D 40 33.87 7.15 78.01
C ARG D 40 33.48 8.25 76.97
N LYS D 41 34.21 8.43 75.87
CA LYS D 41 33.73 9.40 74.86
C LYS D 41 33.37 8.82 73.47
N GLY D 42 33.01 9.68 72.52
CA GLY D 42 32.64 9.24 71.18
C GLY D 42 33.89 9.07 70.33
N PRO D 43 33.76 8.37 69.20
CA PRO D 43 34.88 8.25 68.28
C PRO D 43 35.15 9.53 67.48
N GLU D 44 36.41 9.93 67.39
CA GLU D 44 36.75 11.12 66.63
C GLU D 44 37.50 10.71 65.40
N LEU D 45 36.97 11.11 64.26
CA LEU D 45 37.69 10.91 63.02
C LEU D 45 39.16 11.44 63.08
N LEU D 46 40.12 10.66 62.59
CA LEU D 46 41.51 11.15 62.41
C LEU D 46 41.88 11.41 61.00
N MET D 47 41.90 10.34 60.23
CA MET D 47 42.49 10.27 58.89
C MET D 47 41.63 9.33 58.10
N TYR D 48 41.59 9.58 56.79
CA TYR D 48 40.63 8.97 55.86
C TYR D 48 41.23 8.87 54.44
N THR D 49 41.32 7.65 53.92
CA THR D 49 42.08 7.39 52.69
C THR D 49 41.27 6.58 51.66
N TYR D 50 40.83 7.24 50.59
CA TYR D 50 40.06 6.61 49.55
C TYR D 50 40.93 5.76 48.59
N SER D 51 41.02 4.46 48.86
CA SER D 51 41.87 3.55 48.05
C SER D 51 43.33 4.01 47.96
N SER D 52 43.58 5.27 48.41
CA SER D 52 44.80 6.05 48.07
C SER D 52 45.93 5.83 49.06
N GLY D 53 46.83 4.94 48.65
CA GLY D 53 47.96 4.46 49.42
C GLY D 53 48.17 5.13 50.75
N ASN D 54 48.80 6.32 50.71
CA ASN D 54 49.49 7.02 51.82
C ASN D 54 49.00 8.47 52.01
N LYS D 55 48.86 8.89 53.27
CA LYS D 55 48.19 10.17 53.66
C LYS D 55 48.74 10.74 54.97
N GLU D 56 49.68 11.68 54.85
CA GLU D 56 50.33 12.34 55.98
C GLU D 56 49.55 13.56 56.56
N ASP D 57 49.42 13.64 57.91
CA ASP D 57 49.01 14.89 58.58
C ASP D 57 49.57 15.06 60.01
N GLY D 58 50.51 16.00 60.17
CA GLY D 58 51.18 16.19 61.45
C GLY D 58 51.98 14.95 61.77
N ARG D 59 51.73 14.38 62.94
CA ARG D 59 52.41 13.19 63.41
C ARG D 59 51.75 11.90 62.95
N PHE D 60 50.72 12.01 62.11
CA PHE D 60 49.91 10.87 61.74
C PHE D 60 50.04 10.52 60.27
N THR D 61 50.24 9.23 60.00
CA THR D 61 50.14 8.76 58.62
C THR D 61 49.41 7.44 58.49
N ALA D 62 48.54 7.43 57.49
CA ALA D 62 47.62 6.35 57.32
C ALA D 62 47.91 5.77 55.98
N GLN D 63 47.80 4.45 55.85
CA GLN D 63 48.14 3.84 54.58
C GLN D 63 47.31 2.65 54.34
N VAL D 64 47.23 2.29 53.07
CA VAL D 64 46.30 1.33 52.65
C VAL D 64 46.97 0.59 51.55
N ASP D 65 46.79 -0.72 51.58
CA ASP D 65 47.32 -1.61 50.55
C ASP D 65 46.15 -2.48 50.21
N LYS D 66 45.53 -2.23 49.08
CA LYS D 66 44.32 -2.94 48.77
C LYS D 66 44.60 -4.42 48.30
N SER D 67 45.84 -4.72 47.90
CA SER D 67 46.30 -6.05 47.54
C SER D 67 46.41 -7.03 48.72
N SER D 68 47.12 -6.60 49.76
CA SER D 68 47.30 -7.39 50.95
C SER D 68 46.11 -7.17 51.90
N LYS D 69 45.14 -6.35 51.48
CA LYS D 69 43.98 -5.94 52.33
C LYS D 69 44.42 -5.62 53.74
N TYR D 70 45.32 -4.66 53.85
CA TYR D 70 45.99 -4.36 55.09
C TYR D 70 46.06 -2.84 55.18
N ILE D 71 45.82 -2.32 56.38
CA ILE D 71 45.67 -0.89 56.56
C ILE D 71 46.42 -0.44 57.80
N SER D 72 47.08 0.72 57.78
CA SER D 72 47.85 1.13 58.95
C SER D 72 47.84 2.60 59.27
N LEU D 73 48.14 2.87 60.52
CA LEU D 73 48.25 4.18 61.01
C LEU D 73 49.48 4.20 61.81
N PHE D 74 50.27 5.23 61.57
CA PHE D 74 51.46 5.47 62.32
C PHE D 74 51.37 6.83 62.97
N ILE D 75 51.88 6.91 64.21
CA ILE D 75 51.93 8.11 65.04
C ILE D 75 53.39 8.30 65.47
N ARG D 76 54.02 9.37 64.99
CA ARG D 76 55.40 9.67 65.32
C ARG D 76 55.40 10.37 66.67
N ASP D 77 56.51 10.30 67.40
CA ASP D 77 56.70 11.10 68.58
C ASP D 77 55.41 11.11 69.39
N SER D 78 55.01 9.91 69.82
CA SER D 78 53.75 9.75 70.49
C SER D 78 53.77 10.47 71.83
N GLN D 79 52.60 10.85 72.31
CA GLN D 79 52.46 11.68 73.50
C GLN D 79 51.41 11.02 74.40
N PRO D 80 51.47 11.32 75.71
CA PRO D 80 50.48 10.89 76.70
C PRO D 80 49.03 11.11 76.26
N SER D 81 48.74 12.27 75.69
CA SER D 81 47.36 12.54 75.26
C SER D 81 46.95 11.70 74.06
N ASP D 82 47.89 10.95 73.47
CA ASP D 82 47.52 10.03 72.38
C ASP D 82 46.91 8.76 72.95
N SER D 83 46.97 8.62 74.29
CA SER D 83 46.41 7.46 74.97
C SER D 83 44.91 7.37 74.69
N ALA D 84 44.42 6.25 74.15
CA ALA D 84 43.04 6.16 73.63
C ALA D 84 42.92 4.80 72.96
N THR D 85 41.70 4.35 72.65
CA THR D 85 41.62 3.21 71.80
C THR D 85 41.47 3.72 70.37
N TYR D 86 42.13 3.03 69.43
CA TYR D 86 42.15 3.42 68.02
C TYR D 86 41.36 2.43 67.23
N LEU D 87 40.49 2.89 66.33
CA LEU D 87 39.63 1.97 65.56
C LEU D 87 39.71 2.26 64.10
N CYS D 88 39.70 1.23 63.30
CA CYS D 88 39.76 1.39 61.85
C CYS D 88 38.34 1.13 61.43
N ALA D 89 37.93 1.74 60.33
CA ALA D 89 36.56 1.60 59.83
C ALA D 89 36.65 1.69 58.31
N MET D 90 35.72 1.04 57.63
CA MET D 90 35.79 0.97 56.18
C MET D 90 34.43 0.75 55.57
N ARG D 91 34.29 1.15 54.32
CA ARG D 91 33.10 0.83 53.59
C ARG D 91 33.44 0.70 52.10
N GLY D 92 32.42 0.29 51.35
CA GLY D 92 32.37 0.40 49.92
C GLY D 92 31.53 1.56 49.43
N ASP D 93 30.99 1.38 48.25
CA ASP D 93 30.35 2.48 47.60
C ASP D 93 28.86 2.20 47.46
N SER D 94 28.35 1.23 48.23
CA SER D 94 26.96 0.90 48.11
C SER D 94 26.14 1.40 49.27
N SER D 95 26.84 1.68 50.37
CA SER D 95 26.21 2.09 51.61
C SER D 95 27.14 3.00 52.37
N TYR D 96 26.60 3.87 53.21
CA TYR D 96 27.41 4.59 54.17
C TYR D 96 27.69 3.81 55.45
N LYS D 97 27.21 2.58 55.52
CA LYS D 97 27.49 1.67 56.62
C LYS D 97 28.98 1.44 56.77
N LEU D 98 29.54 1.80 57.92
CA LEU D 98 30.94 1.51 58.26
C LEU D 98 31.08 0.17 58.99
N ILE D 99 32.11 -0.59 58.68
CA ILE D 99 32.44 -1.75 59.47
C ILE D 99 33.70 -1.34 60.24
N PHE D 100 33.69 -1.47 61.57
CA PHE D 100 34.85 -1.19 62.40
C PHE D 100 35.59 -2.47 62.83
N GLY D 101 36.90 -2.36 63.00
CA GLY D 101 37.66 -3.33 63.79
C GLY D 101 37.35 -3.14 65.24
N SER D 102 37.80 -4.04 66.10
CA SER D 102 37.49 -4.04 67.53
C SER D 102 38.23 -3.08 68.39
N GLY D 103 39.20 -2.38 67.80
CA GLY D 103 39.98 -1.36 68.47
C GLY D 103 41.30 -1.83 69.04
N THR D 104 42.29 -0.95 69.01
CA THR D 104 43.49 -1.17 69.76
C THR D 104 43.65 -0.12 70.85
N ARG D 105 43.76 -0.55 72.11
CA ARG D 105 44.06 0.38 73.21
C ARG D 105 45.55 0.75 73.25
N LEU D 106 45.79 2.05 73.16
CA LEU D 106 47.08 2.64 73.21
C LEU D 106 47.34 3.43 74.48
N LEU D 107 48.33 2.99 75.24
CA LEU D 107 48.97 3.72 76.31
C LEU D 107 50.36 4.28 76.00
N VAL D 108 50.47 5.60 76.03
CA VAL D 108 51.76 6.25 75.95
C VAL D 108 52.22 6.69 77.35
N ARG D 109 53.23 6.02 77.90
CA ARG D 109 53.72 6.26 79.25
C ARG D 109 54.43 7.61 79.38
N PRO D 110 54.03 8.45 80.34
CA PRO D 110 54.72 9.69 80.56
C PRO D 110 56.13 9.50 80.99
N ASP D 111 56.98 10.36 80.45
CA ASP D 111 58.36 10.39 80.80
C ASP D 111 58.49 11.27 82.05
N ILE D 112 58.69 10.62 83.20
CA ILE D 112 58.92 11.31 84.47
C ILE D 112 60.38 11.78 84.57
N GLN D 113 60.54 13.10 84.44
CA GLN D 113 61.84 13.75 84.48
C GLN D 113 62.51 13.60 85.87
N ASN D 114 61.70 13.77 86.92
CA ASN D 114 62.18 13.76 88.30
C ASN D 114 61.48 12.72 89.17
N PRO D 115 61.72 11.42 88.93
CA PRO D 115 60.99 10.38 89.69
C PRO D 115 61.26 10.50 91.18
N ASP D 116 60.30 10.14 92.04
CA ASP D 116 60.44 10.31 93.50
C ASP D 116 59.68 9.26 94.33
N PRO D 117 59.84 7.94 93.99
CA PRO D 117 58.98 6.86 94.55
C PRO D 117 58.58 7.04 96.03
N ALA D 118 57.39 7.62 96.26
CA ALA D 118 56.87 7.97 97.60
C ALA D 118 55.48 7.43 97.95
N VAL D 119 55.38 6.75 99.10
CA VAL D 119 54.12 6.18 99.64
C VAL D 119 53.61 6.99 100.84
N TYR D 120 52.42 7.58 100.70
CA TYR D 120 51.85 8.39 101.79
C TYR D 120 50.60 7.75 102.42
N GLN D 121 50.21 8.27 103.59
CA GLN D 121 48.88 8.06 104.18
C GLN D 121 48.08 9.38 104.27
N LEU D 122 46.75 9.26 104.18
CA LEU D 122 45.89 10.45 104.30
C LEU D 122 44.70 10.26 105.25
N ARG D 123 44.43 11.29 106.05
CA ARG D 123 43.29 11.32 106.98
C ARG D 123 41.94 11.32 106.26
N ASP D 124 41.04 10.42 106.64
CA ASP D 124 39.62 10.52 106.26
C ASP D 124 39.03 11.84 106.75
N SER D 125 38.38 12.57 105.84
CA SER D 125 37.81 13.90 106.08
C SER D 125 36.94 14.00 107.33
N LYS D 126 36.28 12.92 107.70
CA LYS D 126 35.50 12.90 108.93
C LYS D 126 35.85 11.77 109.88
N SER D 127 35.16 11.78 111.02
CA SER D 127 35.41 10.93 112.20
C SER D 127 35.69 9.45 111.92
N SER D 128 36.78 9.16 111.21
CA SER D 128 37.08 7.79 110.84
C SER D 128 38.58 7.52 110.79
N ASP D 129 39.05 6.78 111.78
CA ASP D 129 40.40 6.24 111.77
C ASP D 129 40.47 5.12 110.74
N LYS D 130 40.10 5.47 109.50
CA LYS D 130 40.20 4.59 108.34
C LYS D 130 40.87 5.43 107.26
N SER D 131 41.65 4.80 106.38
CA SER D 131 42.26 5.57 105.27
C SER D 131 42.99 4.76 104.16
N VAL D 132 43.58 5.48 103.22
CA VAL D 132 44.25 4.90 102.05
C VAL D 132 45.73 5.31 101.95
N CYS D 133 46.53 4.45 101.30
CA CYS D 133 47.95 4.68 101.00
C CYS D 133 48.18 4.87 99.49
N LEU D 134 48.47 6.11 99.08
CA LEU D 134 48.76 6.44 97.70
C LEU D 134 50.26 6.32 97.35
N PHE D 135 50.60 5.52 96.35
CA PHE D 135 51.98 5.52 95.83
C PHE D 135 51.97 6.53 94.70
N THR D 136 52.86 7.51 94.79
CA THR D 136 52.89 8.60 93.84
C THR D 136 54.25 8.75 93.23
N ASP D 137 54.32 9.68 92.28
CA ASP D 137 55.56 10.27 91.80
C ASP D 137 56.60 9.26 91.29
N PHE D 138 56.15 8.01 91.10
CA PHE D 138 57.02 6.90 90.70
C PHE D 138 57.23 6.94 89.20
N ASP D 139 57.87 5.90 88.70
CA ASP D 139 58.43 5.91 87.37
C ASP D 139 57.54 5.21 86.35
N SER D 140 57.72 5.53 85.06
CA SER D 140 56.92 4.95 83.96
C SER D 140 57.16 3.44 83.72
N GLN D 141 58.40 2.98 83.87
CA GLN D 141 58.74 1.56 83.84
C GLN D 141 57.95 0.74 84.89
N THR D 142 57.47 1.40 85.94
CA THR D 142 56.73 0.75 87.04
C THR D 142 55.32 0.29 86.67
N ASN D 143 55.10 -1.02 86.73
CA ASN D 143 53.75 -1.62 86.63
C ASN D 143 53.15 -1.86 88.02
N VAL D 144 52.02 -1.22 88.29
CA VAL D 144 51.28 -1.47 89.52
C VAL D 144 50.37 -2.67 89.24
N SER D 145 50.79 -3.81 89.76
CA SER D 145 50.16 -5.09 89.44
C SER D 145 49.06 -5.39 90.44
N GLN D 146 48.36 -6.50 90.22
CA GLN D 146 47.16 -6.84 90.99
C GLN D 146 47.45 -7.24 92.46
N SER D 147 46.47 -7.87 93.10
CA SER D 147 46.55 -8.24 94.50
C SER D 147 47.06 -9.68 94.73
N LYS D 148 47.30 -10.02 95.99
CA LYS D 148 47.51 -11.42 96.39
C LYS D 148 46.21 -12.00 96.98
N ASP D 149 45.66 -11.33 97.98
CA ASP D 149 44.38 -11.70 98.57
C ASP D 149 43.29 -10.75 98.09
N SER D 150 42.05 -11.10 98.40
CA SER D 150 40.90 -10.35 97.92
C SER D 150 40.46 -9.23 98.86
N ASP D 151 41.23 -8.98 99.91
CA ASP D 151 40.80 -8.04 100.94
C ASP D 151 41.66 -6.79 101.07
N VAL D 152 42.45 -6.56 100.02
CA VAL D 152 42.98 -5.25 99.68
C VAL D 152 42.58 -4.97 98.23
N TYR D 153 42.47 -3.70 97.90
CA TYR D 153 42.00 -3.29 96.59
C TYR D 153 42.95 -2.26 96.02
N ILE D 154 43.56 -2.60 94.90
CA ILE D 154 44.54 -1.72 94.26
C ILE D 154 44.06 -1.23 92.89
N THR D 155 43.94 0.10 92.77
CA THR D 155 43.56 0.70 91.50
C THR D 155 44.84 0.95 90.76
N ASP D 156 44.71 1.08 89.45
CA ASP D 156 45.81 1.24 88.56
C ASP D 156 46.39 2.62 88.74
N LYS D 157 47.56 2.82 88.15
CA LYS D 157 48.23 4.12 88.09
C LYS D 157 47.38 5.04 87.20
N CYS D 158 47.55 6.36 87.33
CA CYS D 158 46.85 7.34 86.48
C CYS D 158 47.68 8.64 86.38
N VAL D 159 47.48 9.42 85.32
CA VAL D 159 48.43 10.49 85.01
C VAL D 159 47.92 11.92 85.18
N LEU D 160 48.27 12.50 86.33
CA LEU D 160 47.85 13.87 86.72
C LEU D 160 48.90 14.95 86.42
N ASP D 161 48.40 16.10 85.97
CA ASP D 161 49.18 17.17 85.35
C ASP D 161 48.46 18.50 85.59
N MET D 162 49.17 19.46 86.17
CA MET D 162 48.67 20.82 86.30
C MET D 162 49.01 21.60 85.01
N ARG D 163 48.44 21.16 83.88
CA ARG D 163 48.88 21.53 82.50
C ARG D 163 49.12 23.03 82.22
N SER D 164 50.10 23.31 81.35
CA SER D 164 50.67 24.65 81.10
C SER D 164 51.73 25.03 82.16
N MET D 165 51.51 24.53 83.38
CA MET D 165 52.47 24.55 84.50
C MET D 165 53.17 23.17 84.59
N ASP D 166 53.12 22.46 83.45
CA ASP D 166 53.50 21.04 83.28
C ASP D 166 54.45 20.35 84.27
N PHE D 167 53.93 20.06 85.47
CA PHE D 167 54.45 18.98 86.30
C PHE D 167 53.49 17.79 86.23
N LYS D 168 53.97 16.71 85.62
CA LYS D 168 53.26 15.42 85.49
C LYS D 168 53.40 14.59 86.76
N SER D 169 52.48 13.66 87.01
CA SER D 169 52.56 12.79 88.20
C SER D 169 51.70 11.53 88.17
N ASN D 170 52.31 10.40 88.48
CA ASN D 170 51.59 9.12 88.62
C ASN D 170 51.20 8.89 90.06
N SER D 171 50.09 8.17 90.25
CA SER D 171 49.62 7.78 91.57
C SER D 171 48.75 6.52 91.48
N ALA D 172 49.03 5.55 92.33
CA ALA D 172 48.05 4.49 92.54
C ALA D 172 47.36 4.73 93.88
N VAL D 173 46.39 3.88 94.19
CA VAL D 173 45.71 3.92 95.45
C VAL D 173 45.38 2.48 95.83
N ALA D 174 45.65 2.13 97.09
CA ALA D 174 45.16 0.89 97.69
C ALA D 174 44.54 1.20 99.05
N TRP D 175 43.73 0.27 99.56
CA TRP D 175 43.01 0.44 100.82
C TRP D 175 42.48 -0.88 101.36
N SER D 176 42.14 -0.87 102.65
CA SER D 176 41.45 -1.97 103.28
C SER D 176 40.64 -1.48 104.48
N ASN D 177 39.67 -2.28 104.89
CA ASN D 177 38.74 -1.89 105.95
C ASN D 177 39.44 -1.80 107.30
N LYS D 178 40.55 -2.53 107.43
CA LYS D 178 41.11 -2.87 108.75
C LYS D 178 42.63 -2.69 108.88
N SER D 179 43.07 -2.38 110.09
CA SER D 179 44.45 -2.61 110.51
C SER D 179 44.64 -4.13 110.56
N ASP D 180 45.73 -4.58 109.96
CA ASP D 180 45.87 -5.93 109.35
C ASP D 180 45.85 -5.70 107.83
N PHE D 181 47.05 -5.58 107.25
CA PHE D 181 47.28 -5.06 105.89
C PHE D 181 47.14 -3.52 105.80
N ALA D 182 47.61 -2.83 106.85
CA ALA D 182 47.73 -1.36 106.85
C ALA D 182 49.13 -0.95 106.39
N CYS D 183 49.18 0.00 105.45
CA CYS D 183 50.35 0.32 104.61
C CYS D 183 51.41 -0.78 104.49
N ALA D 184 50.94 -1.97 104.10
CA ALA D 184 51.77 -3.16 103.99
C ALA D 184 52.21 -3.30 102.55
N ASN D 185 52.81 -4.44 102.24
CA ASN D 185 53.24 -4.74 100.88
C ASN D 185 52.19 -4.48 99.81
N ALA D 186 52.59 -3.73 98.80
CA ALA D 186 52.06 -3.83 97.44
C ALA D 186 53.31 -4.36 96.74
N PHE D 187 53.15 -5.30 95.81
CA PHE D 187 54.34 -5.88 95.16
C PHE D 187 54.36 -5.81 93.63
N ASN D 188 55.18 -4.90 93.10
CA ASN D 188 55.32 -4.71 91.65
C ASN D 188 56.28 -5.70 90.99
N ASN D 189 55.85 -6.31 89.88
CA ASN D 189 56.60 -7.39 89.22
C ASN D 189 56.70 -7.30 87.67
N SER D 190 55.55 -7.09 87.02
CA SER D 190 55.37 -7.13 85.54
C SER D 190 55.12 -8.55 85.02
N GLY E 2 25.63 20.50 68.56
CA GLY E 2 25.60 19.28 67.72
C GLY E 2 24.40 18.38 67.97
N VAL E 3 24.58 17.08 67.68
CA VAL E 3 23.61 16.02 67.86
C VAL E 3 23.28 15.86 69.32
N ILE E 4 21.99 15.70 69.63
CA ILE E 4 21.57 15.63 71.04
C ILE E 4 20.88 14.29 71.26
N GLN E 5 21.27 13.55 72.29
CA GLN E 5 20.69 12.26 72.55
C GLN E 5 20.10 12.22 73.91
N SER E 6 19.06 11.41 74.07
CA SER E 6 18.57 11.15 75.42
C SER E 6 17.97 9.74 75.51
N PRO E 7 17.97 9.18 76.70
CA PRO E 7 18.68 9.77 77.82
C PRO E 7 20.24 9.61 77.69
N ARG E 8 21.01 10.41 78.41
CA ARG E 8 22.43 10.15 78.48
C ARG E 8 22.68 8.81 79.20
N HIS E 9 21.84 8.45 80.18
CA HIS E 9 21.95 7.22 80.93
C HIS E 9 20.59 6.58 81.16
N GLU E 10 20.52 5.25 81.04
CA GLU E 10 19.36 4.43 81.42
C GLU E 10 19.79 3.18 82.18
N VAL E 11 19.33 3.03 83.41
CA VAL E 11 19.41 1.74 84.07
C VAL E 11 17.98 1.16 84.17
N THR E 12 17.71 -0.05 83.63
CA THR E 12 16.40 -0.73 83.83
C THR E 12 16.47 -2.25 83.90
N GLU E 13 15.39 -2.82 84.43
CA GLU E 13 15.21 -4.25 84.44
C GLU E 13 14.87 -4.75 83.05
N MET E 14 15.40 -5.90 82.70
CA MET E 14 15.00 -6.57 81.49
C MET E 14 13.47 -6.77 81.50
N GLY E 15 12.90 -6.90 80.31
CA GLY E 15 11.44 -6.95 80.20
C GLY E 15 10.86 -5.60 79.84
N GLN E 16 11.57 -4.51 80.13
CA GLN E 16 11.04 -3.16 79.97
C GLN E 16 11.26 -2.70 78.57
N GLN E 17 10.39 -1.81 78.09
CA GLN E 17 10.58 -1.13 76.81
C GLN E 17 11.53 0.01 77.01
N VAL E 18 12.53 0.12 76.15
CA VAL E 18 13.49 1.15 76.31
C VAL E 18 13.37 1.97 75.07
N THR E 19 13.42 3.29 75.19
CA THR E 19 13.37 4.05 73.97
C THR E 19 14.45 5.15 73.95
N LEU E 20 15.24 5.21 72.89
CA LEU E 20 16.35 6.09 72.83
C LEU E 20 16.05 7.14 71.76
N ARG E 21 16.56 8.35 71.96
CA ARG E 21 16.17 9.44 71.08
C ARG E 21 17.30 10.28 70.63
N CYS E 22 17.13 10.85 69.46
CA CYS E 22 18.16 11.56 68.82
C CYS E 22 17.59 12.71 68.03
N LYS E 23 18.21 13.89 68.15
CA LYS E 23 17.97 15.06 67.26
C LYS E 23 19.28 15.37 66.51
N PRO E 24 19.28 15.21 65.17
CA PRO E 24 20.47 15.50 64.37
C PRO E 24 20.73 17.00 64.40
N ILE E 25 21.89 17.41 63.90
CA ILE E 25 22.20 18.80 63.70
C ILE E 25 21.25 19.31 62.65
N SER E 26 20.61 20.39 62.98
CA SER E 26 19.76 21.13 62.05
C SER E 26 20.32 21.23 60.60
N GLY E 27 19.54 20.84 59.58
CA GLY E 27 20.03 20.77 58.21
C GLY E 27 20.61 19.41 57.82
N HIS E 28 20.96 18.57 58.78
CA HIS E 28 21.55 17.28 58.39
C HIS E 28 20.48 16.38 57.95
N ASP E 29 20.62 15.78 56.79
CA ASP E 29 19.55 14.92 56.33
C ASP E 29 19.94 13.48 56.34
N TYR E 30 21.13 13.12 56.87
CA TYR E 30 21.39 11.67 57.14
C TYR E 30 21.49 11.43 58.66
N LEU E 31 20.98 10.32 59.16
CA LEU E 31 21.15 10.04 60.57
C LEU E 31 21.45 8.57 60.83
N PHE E 32 22.35 8.31 61.76
CA PHE E 32 22.92 6.97 62.00
C PHE E 32 22.69 6.58 63.46
N TRP E 33 22.31 5.32 63.69
CA TRP E 33 22.31 4.77 65.02
C TRP E 33 23.38 3.68 65.10
N TYR E 34 24.28 3.80 66.06
CA TYR E 34 25.28 2.77 66.34
C TYR E 34 25.20 2.26 67.74
N ARG E 35 25.86 1.13 67.94
CA ARG E 35 25.96 0.50 69.22
C ARG E 35 27.42 0.02 69.46
N GLN E 36 27.90 0.18 70.69
CA GLN E 36 29.24 -0.20 71.08
C GLN E 36 29.19 -0.99 72.38
N THR E 37 29.60 -2.25 72.32
CA THR E 37 29.58 -3.07 73.51
C THR E 37 30.98 -3.05 73.94
N MET E 38 31.11 -2.78 75.25
CA MET E 38 32.31 -2.18 75.79
C MET E 38 33.41 -3.23 75.88
N MET E 39 34.00 -3.43 74.71
CA MET E 39 34.91 -4.52 74.38
C MET E 39 35.54 -4.28 73.00
N ARG E 40 34.85 -3.50 72.19
CA ARG E 40 35.02 -3.54 70.75
C ARG E 40 34.78 -2.18 70.06
N GLY E 41 34.53 -2.28 68.75
CA GLY E 41 34.17 -1.19 67.90
C GLY E 41 32.64 -1.09 67.82
N LEU E 42 32.22 0.05 67.28
CA LEU E 42 30.87 0.27 66.96
C LEU E 42 30.39 -0.74 65.95
N GLU E 43 29.08 -0.85 65.87
CA GLU E 43 28.45 -1.42 64.70
C GLU E 43 27.36 -0.47 64.38
N LEU E 44 27.11 -0.33 63.10
CA LEU E 44 25.96 0.39 62.61
C LEU E 44 24.73 -0.51 62.80
N LEU E 45 23.67 0.07 63.39
CA LEU E 45 22.37 -0.55 63.52
C LEU E 45 21.54 -0.25 62.31
N ILE E 46 21.51 1.05 61.98
CA ILE E 46 20.70 1.50 60.85
C ILE E 46 21.12 2.94 60.49
N TYR E 47 20.92 3.36 59.24
CA TYR E 47 20.93 4.82 58.97
C TYR E 47 19.69 5.24 58.16
N PHE E 48 19.38 6.53 58.17
CA PHE E 48 18.25 7.04 57.45
C PHE E 48 18.80 8.15 56.59
N ASN E 49 18.10 8.38 55.48
CA ASN E 49 18.37 9.48 54.61
C ASN E 49 16.97 10.07 54.31
N ASN E 50 16.79 11.38 54.50
CA ASN E 50 15.43 11.99 54.46
C ASN E 50 14.39 11.21 55.21
N ASN E 51 14.67 10.78 56.42
CA ASN E 51 13.71 10.03 57.24
C ASN E 51 13.39 8.64 56.71
N VAL E 52 14.02 8.28 55.60
CA VAL E 52 13.83 6.93 55.05
C VAL E 52 15.01 6.01 55.43
N PRO E 53 14.72 4.81 55.93
CA PRO E 53 15.79 3.87 56.25
C PRO E 53 16.51 3.36 54.98
N ILE E 54 17.83 3.39 55.00
CA ILE E 54 18.61 3.08 53.82
C ILE E 54 19.30 1.77 54.03
N ASP E 55 20.02 1.62 55.14
CA ASP E 55 20.68 0.39 55.53
C ASP E 55 20.36 0.02 56.97
N ASP E 56 19.85 -1.18 57.07
CA ASP E 56 19.09 -1.82 58.10
C ASP E 56 19.89 -3.03 58.63
N SER E 57 20.94 -3.33 57.87
CA SER E 57 21.75 -4.55 57.92
C SER E 57 22.07 -5.00 59.29
N GLY E 58 22.44 -4.01 60.11
CA GLY E 58 22.89 -4.25 61.44
C GLY E 58 21.81 -4.31 62.50
N MET E 59 20.55 -4.07 62.15
CA MET E 59 19.45 -4.21 63.13
C MET E 59 19.23 -5.66 63.54
N PRO E 60 19.19 -5.90 64.86
CA PRO E 60 18.88 -7.21 65.41
C PRO E 60 17.58 -7.71 64.84
N GLU E 61 17.48 -9.02 64.70
CA GLU E 61 16.37 -9.66 64.01
C GLU E 61 15.07 -9.46 64.73
N ASP E 62 15.13 -9.03 65.99
CA ASP E 62 13.95 -9.13 66.79
C ASP E 62 13.40 -7.93 67.58
N ARG E 63 14.03 -7.56 68.67
CA ARG E 63 13.32 -6.68 69.61
C ARG E 63 13.63 -5.17 69.35
N PHE E 64 14.12 -4.86 68.15
CA PHE E 64 14.71 -3.54 67.78
C PHE E 64 13.98 -2.95 66.60
N SER E 65 13.60 -1.68 66.74
CA SER E 65 12.99 -0.93 65.65
C SER E 65 13.23 0.55 65.79
N ALA E 66 13.46 1.18 64.66
CA ALA E 66 13.94 2.54 64.63
C ALA E 66 12.97 3.33 63.79
N LYS E 67 12.74 4.56 64.20
CA LYS E 67 11.85 5.38 63.42
C LYS E 67 12.44 6.76 63.20
N MET E 68 12.00 7.42 62.14
CA MET E 68 12.30 8.83 62.00
C MET E 68 11.03 9.61 61.59
N PRO E 69 10.15 9.90 62.58
CA PRO E 69 8.86 10.55 62.20
C PRO E 69 9.01 11.91 61.53
N ASN E 70 10.12 12.62 61.72
CA ASN E 70 10.30 13.89 60.99
C ASN E 70 11.78 14.13 60.91
N ALA E 71 12.26 15.19 60.24
CA ALA E 71 13.71 15.40 60.01
C ALA E 71 14.55 15.76 61.27
N SER E 72 13.91 16.21 62.34
CA SER E 72 14.62 16.59 63.55
C SER E 72 14.58 15.55 64.63
N PHE E 73 14.06 14.34 64.35
CA PHE E 73 13.80 13.42 65.48
C PHE E 73 13.88 11.95 65.06
N SER E 74 14.70 11.16 65.77
CA SER E 74 14.68 9.73 65.50
C SER E 74 14.57 8.94 66.80
N THR E 75 13.84 7.83 66.78
CA THR E 75 13.90 6.90 67.88
C THR E 75 14.37 5.51 67.51
N LEU E 76 14.99 4.89 68.52
CA LEU E 76 15.31 3.47 68.49
C LEU E 76 14.62 2.85 69.68
N LYS E 77 13.83 1.81 69.42
CA LYS E 77 13.09 1.10 70.41
C LYS E 77 13.53 -0.32 70.58
N ILE E 78 13.71 -0.69 71.84
CA ILE E 78 13.93 -2.06 72.22
C ILE E 78 12.80 -2.55 73.11
N GLN E 79 12.13 -3.63 72.70
CA GLN E 79 11.01 -4.21 73.44
C GLN E 79 10.84 -5.70 73.11
N PRO E 80 10.92 -6.57 74.11
CA PRO E 80 11.43 -6.17 75.44
C PRO E 80 12.96 -6.07 75.46
N SER E 81 13.48 -5.40 76.47
CA SER E 81 14.91 -5.29 76.60
C SER E 81 15.44 -6.52 77.34
N GLU E 82 16.73 -6.78 77.14
CA GLU E 82 17.45 -7.95 77.68
C GLU E 82 18.85 -7.51 78.05
N PRO E 83 19.45 -8.19 79.03
CA PRO E 83 20.81 -7.77 79.43
C PRO E 83 21.83 -7.70 78.28
N ARG E 84 21.74 -8.57 77.29
CA ARG E 84 22.73 -8.50 76.25
C ARG E 84 22.61 -7.19 75.49
N ASP E 85 21.61 -6.38 75.81
CA ASP E 85 21.39 -5.13 75.10
C ASP E 85 22.24 -4.00 75.62
N SER E 86 22.74 -4.12 76.84
CA SER E 86 23.62 -3.11 77.44
C SER E 86 24.72 -2.71 76.53
N ALA E 87 24.97 -1.41 76.40
CA ALA E 87 25.85 -0.90 75.36
C ALA E 87 25.85 0.59 75.45
N VAL E 88 26.75 1.27 74.77
CA VAL E 88 26.64 2.69 74.50
C VAL E 88 26.08 2.86 73.08
N TYR E 89 24.94 3.53 72.94
CA TYR E 89 24.30 3.70 71.66
C TYR E 89 24.59 5.09 71.19
N PHE E 90 25.12 5.19 69.99
CA PHE E 90 25.55 6.51 69.56
C PHE E 90 24.64 6.94 68.41
N CYS E 91 24.31 8.21 68.37
CA CYS E 91 23.56 8.66 67.21
C CYS E 91 24.57 9.54 66.49
N ALA E 92 24.40 9.72 65.19
CA ALA E 92 25.26 10.65 64.45
C ALA E 92 24.46 11.18 63.27
N SER E 93 24.86 12.35 62.74
CA SER E 93 24.24 12.83 61.52
C SER E 93 25.27 13.50 60.61
N SER E 94 24.93 13.60 59.33
CA SER E 94 25.76 14.30 58.36
C SER E 94 24.97 14.78 57.18
N LEU E 95 25.71 15.17 56.13
CA LEU E 95 25.31 15.72 54.87
C LEU E 95 26.21 15.04 53.89
N TRP E 96 25.74 14.86 52.67
CA TRP E 96 26.49 14.34 51.56
C TRP E 96 27.94 14.80 51.49
N GLU E 97 28.14 16.13 51.50
CA GLU E 97 29.44 16.83 51.26
C GLU E 97 30.40 16.50 52.41
N LYS E 98 29.87 16.19 53.59
CA LYS E 98 30.75 15.72 54.66
C LYS E 98 30.97 14.19 54.57
N LEU E 99 29.95 13.44 54.16
CA LEU E 99 30.12 12.00 54.07
C LEU E 99 31.05 11.65 52.96
N ALA E 100 31.25 12.53 51.97
CA ALA E 100 32.13 12.19 50.85
C ALA E 100 33.55 12.27 51.29
N LYS E 101 33.77 12.82 52.46
CA LYS E 101 35.11 12.94 53.02
C LYS E 101 35.10 12.20 54.35
N ASN E 102 34.13 11.32 54.49
CA ASN E 102 33.95 10.46 55.63
C ASN E 102 33.68 11.04 57.01
N ILE E 103 33.00 12.18 57.04
CA ILE E 103 32.84 12.95 58.26
C ILE E 103 31.41 12.83 58.66
N GLN E 104 31.20 12.51 59.93
CA GLN E 104 29.87 12.49 60.49
C GLN E 104 29.92 13.19 61.85
N TYR E 105 28.80 13.61 62.41
CA TYR E 105 28.83 14.21 63.74
C TYR E 105 28.09 13.34 64.77
N PHE E 106 28.78 13.03 65.87
CA PHE E 106 28.34 12.08 66.91
C PHE E 106 27.64 12.75 68.08
N GLY E 107 26.56 12.13 68.58
CA GLY E 107 26.01 12.54 69.87
C GLY E 107 26.92 12.08 70.98
N ALA E 108 26.66 12.54 72.20
CA ALA E 108 27.40 12.14 73.35
C ALA E 108 27.04 10.68 73.80
N GLY E 109 26.06 10.06 73.20
CA GLY E 109 25.82 8.68 73.55
C GLY E 109 24.72 8.46 74.56
N THR E 110 24.08 7.31 74.47
CA THR E 110 23.26 6.86 75.56
C THR E 110 23.95 5.69 76.17
N ARG E 111 24.23 5.75 77.47
CA ARG E 111 24.71 4.59 78.15
C ARG E 111 23.60 3.73 78.81
N LEU E 112 23.43 2.51 78.34
CA LEU E 112 22.33 1.59 78.74
C LEU E 112 22.78 0.31 79.45
N SER E 113 22.35 0.11 80.70
CA SER E 113 22.42 -1.20 81.38
C SER E 113 21.00 -1.74 81.58
N VAL E 114 20.73 -2.86 80.96
CA VAL E 114 19.52 -3.61 81.19
C VAL E 114 19.99 -4.75 82.10
N LEU E 115 19.48 -4.74 83.33
CA LEU E 115 19.84 -5.69 84.38
C LEU E 115 18.73 -6.71 84.69
N GLU E 116 19.14 -7.89 85.14
CA GLU E 116 18.19 -8.98 85.37
C GLU E 116 17.37 -8.73 86.58
N ASP E 117 18.04 -8.20 87.61
CA ASP E 117 17.45 -7.96 88.93
C ASP E 117 17.89 -6.57 89.39
N LEU E 118 16.95 -5.64 89.47
CA LEU E 118 17.20 -4.33 90.05
C LEU E 118 17.62 -4.45 91.50
N LYS E 119 17.40 -5.60 92.09
CA LYS E 119 17.88 -5.85 93.43
C LYS E 119 19.42 -5.77 93.60
N ASN E 120 20.16 -5.61 92.50
CA ASN E 120 21.63 -5.52 92.55
C ASN E 120 22.17 -4.08 92.47
N VAL E 121 21.26 -3.13 92.23
CA VAL E 121 21.63 -1.72 92.14
C VAL E 121 22.03 -1.11 93.50
N PHE E 122 23.15 -0.39 93.53
CA PHE E 122 23.65 0.21 94.75
C PHE E 122 24.26 1.56 94.43
N PRO E 123 23.96 2.57 95.25
CA PRO E 123 24.63 3.86 95.10
C PRO E 123 26.03 3.75 95.68
N PRO E 124 26.90 4.73 95.37
CA PRO E 124 28.21 4.69 95.99
C PRO E 124 28.22 5.34 97.37
N GLU E 125 29.09 4.85 98.25
CA GLU E 125 29.57 5.62 99.41
C GLU E 125 30.80 6.38 98.93
N VAL E 126 30.92 7.64 99.36
CA VAL E 126 31.97 8.55 98.95
C VAL E 126 32.66 9.23 100.15
N ALA E 127 33.99 9.25 100.14
CA ALA E 127 34.81 9.85 101.20
C ALA E 127 35.95 10.69 100.61
N VAL E 128 36.34 11.72 101.34
CA VAL E 128 37.48 12.55 100.98
C VAL E 128 38.64 12.33 101.98
N PHE E 129 39.86 12.26 101.46
CA PHE E 129 41.07 12.06 102.28
C PHE E 129 42.00 13.25 102.10
N GLU E 130 42.46 13.81 103.23
CA GLU E 130 43.26 15.04 103.23
C GLU E 130 44.75 14.77 102.98
N PRO E 131 45.48 15.76 102.40
CA PRO E 131 46.88 15.56 101.99
C PRO E 131 47.78 15.18 103.15
N SER E 132 48.72 14.27 102.90
CA SER E 132 49.64 13.76 103.90
C SER E 132 50.39 14.82 104.74
N GLU E 133 50.52 14.50 106.04
CA GLU E 133 51.30 15.31 107.00
C GLU E 133 52.80 15.17 106.72
N ALA E 134 53.13 14.34 105.73
CA ALA E 134 54.49 14.17 105.21
C ALA E 134 54.68 14.86 103.85
N GLU E 135 53.79 14.59 102.90
CA GLU E 135 53.84 15.18 101.54
C GLU E 135 54.05 16.70 101.52
N ILE E 136 53.22 17.42 102.28
CA ILE E 136 53.23 18.89 102.30
C ILE E 136 54.62 19.54 102.24
N SER E 137 55.60 18.96 102.95
CA SER E 137 56.94 19.54 102.97
C SER E 137 58.06 18.67 102.35
N HIS E 138 57.74 17.44 101.97
CA HIS E 138 58.66 16.62 101.16
C HIS E 138 58.68 17.19 99.73
N THR E 139 57.56 17.83 99.36
CA THR E 139 57.31 18.23 97.98
C THR E 139 56.77 19.66 97.83
N GLN E 140 56.16 20.19 98.88
CA GLN E 140 55.48 21.51 98.84
C GLN E 140 54.20 21.52 97.99
N LYS E 141 53.67 20.34 97.68
CA LYS E 141 52.39 20.19 96.97
C LYS E 141 51.45 19.35 97.82
N ALA E 142 50.14 19.48 97.59
CA ALA E 142 49.17 18.79 98.44
C ALA E 142 48.07 18.03 97.67
N THR E 143 48.02 16.71 97.84
CA THR E 143 46.98 15.95 97.12
C THR E 143 45.87 15.30 97.96
N LEU E 144 44.64 15.61 97.55
CA LEU E 144 43.44 15.04 98.14
C LEU E 144 43.10 13.78 97.36
N VAL E 145 42.50 12.81 98.05
CA VAL E 145 42.03 11.60 97.38
C VAL E 145 40.54 11.43 97.62
N CYS E 146 39.80 11.12 96.55
CA CYS E 146 38.38 10.78 96.67
C CYS E 146 38.13 9.31 96.33
N LEU E 147 37.28 8.65 97.11
CA LEU E 147 37.10 7.21 96.94
C LEU E 147 35.62 6.74 96.96
N ALA E 148 35.06 6.58 95.76
CA ALA E 148 33.72 6.06 95.62
C ALA E 148 33.77 4.53 95.62
N THR E 149 32.96 3.92 96.47
CA THR E 149 33.02 2.48 96.69
C THR E 149 31.62 1.88 96.68
N GLY E 150 31.52 0.58 96.39
CA GLY E 150 30.29 -0.17 96.59
C GLY E 150 29.15 -0.03 95.58
N PHE E 151 29.40 0.55 94.40
CA PHE E 151 28.30 0.88 93.50
C PHE E 151 28.00 -0.10 92.39
N TYR E 152 26.72 -0.26 92.07
CA TYR E 152 26.32 -1.05 90.92
C TYR E 152 25.03 -0.45 90.31
N PRO E 153 24.91 -0.42 88.98
CA PRO E 153 25.98 -0.77 88.06
C PRO E 153 26.94 0.39 87.92
N ASP E 154 27.61 0.43 86.80
CA ASP E 154 28.75 1.26 86.66
C ASP E 154 28.45 2.49 85.76
N HIS E 155 27.76 3.45 86.33
CA HIS E 155 27.39 4.68 85.65
C HIS E 155 27.65 5.68 86.74
N VAL E 156 28.83 6.26 86.71
CA VAL E 156 29.25 7.18 87.74
C VAL E 156 30.03 8.28 87.10
N GLU E 157 29.85 9.50 87.58
CA GLU E 157 30.64 10.64 87.10
C GLU E 157 31.10 11.43 88.29
N LEU E 158 32.43 11.54 88.36
CA LEU E 158 33.06 12.20 89.45
C LEU E 158 33.62 13.57 89.03
N SER E 159 33.22 14.63 89.74
CA SER E 159 33.88 15.91 89.58
C SER E 159 34.35 16.56 90.93
N TRP E 160 35.43 17.32 90.85
CA TRP E 160 35.90 18.18 91.95
C TRP E 160 35.37 19.61 91.84
N TRP E 161 35.01 20.16 92.98
CA TRP E 161 34.64 21.55 93.05
C TRP E 161 35.54 22.15 94.13
N VAL E 162 35.84 23.44 93.98
CA VAL E 162 36.56 24.19 95.02
C VAL E 162 35.94 25.58 95.14
N ASN E 163 35.77 26.07 96.36
CA ASN E 163 35.07 27.32 96.63
C ASN E 163 33.73 27.38 95.85
N GLY E 164 33.29 26.23 95.37
CA GLY E 164 32.05 26.16 94.60
C GLY E 164 32.19 26.40 93.11
N LYS E 165 33.36 26.09 92.56
CA LYS E 165 33.55 26.13 91.12
C LYS E 165 34.25 24.85 90.71
N GLU E 166 33.77 24.26 89.61
CA GLU E 166 34.32 23.00 89.07
C GLU E 166 35.78 23.10 88.64
N VAL E 167 36.58 22.13 89.08
CA VAL E 167 38.02 22.15 88.99
C VAL E 167 38.53 21.04 88.08
N HIS E 168 39.50 21.37 87.22
CA HIS E 168 40.03 20.41 86.27
C HIS E 168 41.54 20.14 86.42
N SER E 169 42.32 21.21 86.54
CA SER E 169 43.77 21.11 86.73
C SER E 169 44.13 20.41 88.05
N GLY E 170 45.16 19.58 88.02
CA GLY E 170 45.52 18.79 89.21
C GLY E 170 44.64 17.57 89.42
N VAL E 171 43.60 17.41 88.60
CA VAL E 171 42.66 16.29 88.78
C VAL E 171 43.07 15.10 87.91
N CYS E 172 43.32 13.95 88.52
CA CYS E 172 43.35 12.70 87.77
C CYS E 172 42.41 11.67 88.35
N THR E 173 41.27 11.47 87.70
CA THR E 173 40.31 10.44 88.13
C THR E 173 40.54 9.17 87.30
N ASP E 174 40.35 7.98 87.88
CA ASP E 174 40.66 6.69 87.22
C ASP E 174 40.02 6.52 85.84
N PRO E 175 40.73 5.85 84.92
CA PRO E 175 40.13 5.67 83.60
C PRO E 175 38.95 4.69 83.65
N GLN E 176 39.14 3.63 84.44
CA GLN E 176 38.13 2.60 84.61
C GLN E 176 37.78 2.49 86.08
N PRO E 177 36.49 2.26 86.38
CA PRO E 177 36.04 1.84 87.69
C PRO E 177 36.19 0.33 87.82
N LEU E 178 37.05 -0.14 88.74
CA LEU E 178 37.37 -1.56 88.92
C LEU E 178 36.40 -2.34 89.81
N LYS E 179 36.29 -3.66 89.57
CA LYS E 179 35.38 -4.57 90.29
C LYS E 179 35.78 -4.86 91.73
N GLU E 180 34.92 -4.48 92.67
CA GLU E 180 35.15 -4.77 94.09
C GLU E 180 35.24 -6.27 94.38
N GLN E 181 34.63 -7.08 93.54
CA GLN E 181 34.82 -8.53 93.62
C GLN E 181 34.82 -9.26 92.26
N PRO E 182 35.99 -9.26 91.57
CA PRO E 182 36.12 -9.86 90.22
C PRO E 182 35.68 -11.33 90.17
N ALA E 183 35.56 -11.93 91.35
CA ALA E 183 34.98 -13.26 91.55
C ALA E 183 33.64 -13.42 90.82
N LEU E 184 32.74 -12.46 91.01
CA LEU E 184 31.45 -12.50 90.32
C LEU E 184 31.39 -11.60 89.08
N ASN E 185 30.90 -12.17 87.98
CA ASN E 185 30.77 -11.46 86.70
C ASN E 185 30.08 -10.12 86.85
N ASP E 186 28.99 -10.14 87.61
CA ASP E 186 28.27 -8.95 88.01
C ASP E 186 28.57 -8.68 89.48
N SER E 187 29.44 -7.70 89.74
CA SER E 187 29.92 -7.38 91.09
C SER E 187 29.96 -5.88 91.34
N ARG E 188 29.88 -5.49 92.60
CA ARG E 188 29.97 -4.09 92.99
C ARG E 188 31.31 -3.47 92.58
N TYR E 189 31.31 -2.15 92.30
CA TYR E 189 32.46 -1.40 91.76
C TYR E 189 33.03 -0.34 92.68
N ALA E 190 34.35 -0.09 92.54
CA ALA E 190 35.00 1.08 93.19
C ALA E 190 35.74 2.00 92.22
N LEU E 191 36.03 3.21 92.66
CA LEU E 191 36.71 4.17 91.80
C LEU E 191 37.34 5.32 92.60
N SER E 192 38.57 5.68 92.25
CA SER E 192 39.22 6.82 92.91
C SER E 192 39.54 7.97 91.97
N SER E 193 39.82 9.14 92.56
CA SER E 193 40.25 10.32 91.84
C SER E 193 41.30 10.99 92.70
N ARG E 194 41.89 12.10 92.21
CA ARG E 194 43.00 12.78 92.88
C ARG E 194 43.03 14.28 92.52
N LEU E 195 43.17 15.13 93.53
CA LEU E 195 43.30 16.56 93.28
C LEU E 195 44.54 17.09 93.98
N ARG E 196 45.44 17.71 93.21
CA ARG E 196 46.67 18.27 93.74
C ARG E 196 46.65 19.79 93.60
N VAL E 197 47.06 20.47 94.68
CA VAL E 197 47.30 21.92 94.72
C VAL E 197 48.63 22.15 95.46
N SER E 198 49.07 23.41 95.52
CA SER E 198 50.27 23.73 96.29
C SER E 198 49.96 23.55 97.78
N ALA E 199 51.01 23.42 98.59
CA ALA E 199 50.86 23.40 100.05
C ALA E 199 50.18 24.68 100.53
N THR E 200 50.49 25.78 99.86
CA THR E 200 49.96 27.09 100.24
C THR E 200 48.44 27.24 99.98
N PHE E 201 47.91 26.59 98.96
CA PHE E 201 46.46 26.60 98.73
C PHE E 201 45.70 25.70 99.72
N TRP E 202 46.28 24.56 100.06
CA TRP E 202 45.67 23.62 101.02
C TRP E 202 45.57 24.24 102.40
N GLN E 203 46.63 24.95 102.78
CA GLN E 203 46.76 25.42 104.14
C GLN E 203 45.91 26.66 104.46
N ASP E 204 45.32 27.29 103.45
CA ASP E 204 44.56 28.47 103.77
C ASP E 204 43.06 28.22 103.84
N PRO E 205 42.40 28.83 104.84
CA PRO E 205 41.17 28.31 105.41
C PRO E 205 39.90 28.71 104.66
N ARG E 206 40.05 29.56 103.64
CA ARG E 206 38.92 30.01 102.82
C ARG E 206 38.46 28.93 101.85
N ASN E 207 39.19 27.81 101.79
CA ASN E 207 39.11 26.85 100.68
C ASN E 207 38.36 25.53 100.91
N HIS E 208 37.28 25.39 100.15
CA HIS E 208 36.28 24.36 100.30
C HIS E 208 36.50 23.38 99.15
N PHE E 209 37.04 22.22 99.46
CA PHE E 209 37.22 21.16 98.46
C PHE E 209 36.04 20.19 98.58
N ARG E 210 35.41 19.87 97.46
CA ARG E 210 34.35 18.85 97.45
C ARG E 210 34.44 17.94 96.26
N CYS E 211 34.42 16.65 96.56
CA CYS E 211 34.32 15.58 95.57
C CYS E 211 32.84 15.27 95.33
N GLN E 212 32.34 15.56 94.13
CA GLN E 212 30.92 15.32 93.75
C GLN E 212 30.81 14.11 92.82
N VAL E 213 30.12 13.07 93.26
CA VAL E 213 29.92 11.88 92.44
C VAL E 213 28.50 11.64 91.97
N GLN E 214 28.23 11.85 90.69
CA GLN E 214 26.91 11.56 90.15
C GLN E 214 26.74 10.07 89.81
N PHE E 215 25.69 9.49 90.35
CA PHE E 215 25.36 8.07 90.16
C PHE E 215 24.06 7.93 89.41
N TYR E 216 24.02 6.97 88.49
CA TYR E 216 22.80 6.72 87.76
C TYR E 216 22.21 5.36 88.16
N GLY E 217 20.93 5.34 88.53
CA GLY E 217 20.28 4.12 89.09
C GLY E 217 18.80 4.08 88.77
N LEU E 218 17.98 3.84 89.78
CA LEU E 218 16.53 3.78 89.53
C LEU E 218 15.91 5.16 89.27
N SER E 219 14.76 5.19 88.65
CA SER E 219 14.08 6.47 88.52
C SER E 219 12.74 6.32 89.22
N GLU E 220 11.91 7.35 89.11
CA GLU E 220 10.60 7.41 89.77
C GLU E 220 9.69 6.24 89.37
N ASN E 221 9.74 5.91 88.09
CA ASN E 221 8.93 4.87 87.49
C ASN E 221 9.19 3.49 88.08
N ASP E 222 10.42 3.22 88.48
CA ASP E 222 10.79 1.88 88.94
C ASP E 222 10.16 1.53 90.26
N GLU E 223 9.72 0.27 90.33
CA GLU E 223 9.18 -0.34 91.53
C GLU E 223 10.28 -0.58 92.54
N TRP E 224 9.96 -0.48 93.82
CA TRP E 224 10.92 -0.86 94.83
C TRP E 224 10.20 -1.22 96.09
N THR E 225 10.68 -2.26 96.78
CA THR E 225 10.03 -2.82 97.95
C THR E 225 11.03 -3.52 98.87
N GLN E 226 12.31 -3.23 98.71
CA GLN E 226 13.31 -3.73 99.66
C GLN E 226 13.31 -2.84 100.90
N ASP E 227 13.95 -3.28 101.97
CA ASP E 227 13.97 -2.47 103.19
C ASP E 227 14.92 -1.28 103.13
N ARG E 228 15.94 -1.40 102.29
CA ARG E 228 16.93 -0.35 102.14
C ARG E 228 16.32 0.76 101.27
N ALA E 229 16.97 1.92 101.22
CA ALA E 229 16.59 3.02 100.36
C ALA E 229 16.71 2.67 98.87
N LYS E 230 15.64 2.93 98.11
CA LYS E 230 15.65 2.88 96.66
C LYS E 230 16.96 3.41 96.09
N PRO E 231 17.73 2.58 95.37
CA PRO E 231 19.01 3.00 94.80
C PRO E 231 18.78 3.89 93.61
N VAL E 232 18.27 5.06 93.94
CA VAL E 232 17.79 6.02 92.96
C VAL E 232 19.00 6.75 92.38
N THR E 233 18.88 7.32 91.19
CA THR E 233 19.96 8.14 90.70
C THR E 233 20.15 9.37 91.59
N GLN E 234 21.40 9.64 91.97
CA GLN E 234 21.71 10.58 93.07
C GLN E 234 23.07 11.16 92.88
N ILE E 235 23.25 12.32 93.50
CA ILE E 235 24.58 12.90 93.68
C ILE E 235 25.00 12.60 95.11
N VAL E 236 26.08 11.85 95.27
CA VAL E 236 26.63 11.58 96.57
C VAL E 236 27.96 12.32 96.60
N SER E 237 28.32 12.85 97.76
CA SER E 237 29.47 13.73 97.80
C SER E 237 30.19 13.66 99.14
N ALA E 238 31.47 14.04 99.16
CA ALA E 238 32.19 14.32 100.42
C ALA E 238 32.99 15.59 100.29
N GLU E 239 33.49 16.06 101.43
CA GLU E 239 33.88 17.44 101.64
C GLU E 239 35.19 17.52 102.43
N ALA E 240 35.96 18.60 102.24
CA ALA E 240 37.14 18.92 103.06
C ALA E 240 37.52 20.39 102.93
N TRP E 241 38.16 20.90 103.98
CA TRP E 241 38.43 22.32 104.23
C TRP E 241 39.92 22.71 104.30
N GLY E 242 40.24 23.93 103.88
CA GLY E 242 41.58 24.51 104.05
C GLY E 242 41.99 24.73 105.51
N ARG E 243 43.27 24.49 105.81
CA ARG E 243 43.84 24.75 107.15
C ARG E 243 45.37 24.51 107.24
N ALA E 244 46.05 25.38 107.99
CA ALA E 244 47.48 25.21 108.30
C ALA E 244 47.67 24.53 109.67
N ASP E 245 47.11 23.33 109.82
CA ASP E 245 47.18 22.60 111.08
C ASP E 245 48.53 21.88 111.31
N GLY F 1 -31.35 12.31 -20.48
CA GLY F 1 -30.49 11.13 -20.73
C GLY F 1 -30.21 11.01 -22.20
N SER F 2 -29.04 11.48 -22.63
CA SER F 2 -28.60 11.39 -24.01
C SER F 2 -28.21 9.96 -24.21
N HIS F 3 -28.34 9.48 -25.44
CA HIS F 3 -27.87 8.15 -25.76
C HIS F 3 -27.22 8.11 -27.13
N SER F 4 -26.33 7.15 -27.30
CA SER F 4 -25.63 6.99 -28.56
C SER F 4 -25.71 5.57 -29.10
N MET F 5 -25.78 5.45 -30.42
CA MET F 5 -25.43 4.20 -31.05
C MET F 5 -24.13 4.33 -31.85
N ARG F 6 -23.21 3.39 -31.66
CA ARG F 6 -21.86 3.49 -32.27
C ARG F 6 -21.34 2.14 -32.81
N TYR F 7 -20.79 2.17 -34.01
CA TYR F 7 -20.06 1.01 -34.58
C TYR F 7 -18.61 1.35 -34.78
N PHE F 8 -17.74 0.40 -34.38
CA PHE F 8 -16.29 0.48 -34.50
C PHE F 8 -15.74 -0.67 -35.40
N PHE F 9 -15.00 -0.30 -36.42
CA PHE F 9 -14.50 -1.32 -37.36
C PHE F 9 -12.96 -1.22 -37.41
N THR F 10 -12.29 -2.34 -37.17
CA THR F 10 -10.85 -2.30 -37.30
C THR F 10 -10.40 -3.29 -38.32
N SER F 11 -9.45 -2.87 -39.12
CA SER F 11 -8.96 -3.83 -40.01
C SER F 11 -7.45 -3.69 -40.22
N VAL F 12 -6.76 -4.84 -40.29
CA VAL F 12 -5.28 -4.91 -40.15
C VAL F 12 -4.62 -5.81 -41.19
N SER F 13 -3.77 -5.24 -42.06
CA SER F 13 -3.24 -6.03 -43.15
C SER F 13 -2.20 -7.01 -42.61
N ARG F 14 -2.17 -8.24 -43.11
CA ARG F 14 -1.16 -9.21 -42.68
C ARG F 14 -0.33 -9.80 -43.83
N PRO F 15 0.69 -9.08 -44.24
CA PRO F 15 1.48 -9.53 -45.37
C PRO F 15 2.01 -10.96 -45.13
N GLY F 16 1.85 -11.80 -46.13
CA GLY F 16 2.26 -13.20 -46.01
C GLY F 16 1.24 -14.03 -45.26
N ARG F 17 0.10 -13.45 -44.92
CA ARG F 17 -1.09 -14.23 -44.63
C ARG F 17 -2.18 -13.79 -45.64
N GLY F 18 -3.30 -14.48 -45.72
CA GLY F 18 -4.20 -14.27 -46.87
C GLY F 18 -5.09 -13.03 -46.84
N GLU F 19 -5.38 -12.54 -45.66
CA GLU F 19 -6.37 -11.50 -45.62
C GLU F 19 -6.31 -10.76 -44.33
N PRO F 20 -6.57 -9.46 -44.41
CA PRO F 20 -6.62 -8.59 -43.26
C PRO F 20 -7.48 -9.21 -42.19
N ARG F 21 -7.04 -9.16 -40.95
CA ARG F 21 -7.92 -9.35 -39.79
C ARG F 21 -8.91 -8.19 -39.72
N PHE F 22 -10.18 -8.51 -39.59
CA PHE F 22 -11.27 -7.50 -39.52
C PHE F 22 -12.14 -7.79 -38.29
N ILE F 23 -12.24 -6.79 -37.41
CA ILE F 23 -13.02 -6.90 -36.23
C ILE F 23 -13.98 -5.70 -36.14
N ALA F 24 -15.26 -6.02 -36.03
CA ALA F 24 -16.32 -5.02 -35.88
C ALA F 24 -17.05 -5.27 -34.60
N VAL F 25 -17.31 -4.18 -33.95
CA VAL F 25 -18.06 -4.20 -32.72
C VAL F 25 -19.19 -3.14 -32.72
N GLY F 26 -20.31 -3.43 -32.06
CA GLY F 26 -21.49 -2.53 -31.98
C GLY F 26 -21.87 -2.14 -30.53
N TYR F 27 -22.12 -0.85 -30.34
CA TYR F 27 -22.47 -0.34 -29.02
C TYR F 27 -23.78 0.49 -29.02
N VAL F 28 -24.52 0.34 -27.92
CA VAL F 28 -25.52 1.32 -27.53
C VAL F 28 -25.02 1.87 -26.18
N ASP F 29 -24.78 3.17 -26.08
CA ASP F 29 -24.19 3.71 -24.88
C ASP F 29 -22.87 2.97 -24.65
N ASP F 30 -22.74 2.39 -23.47
CA ASP F 30 -21.54 1.74 -22.96
C ASP F 30 -21.76 0.22 -22.86
N THR F 31 -22.77 -0.31 -23.52
CA THR F 31 -22.88 -1.79 -23.56
C THR F 31 -22.79 -2.25 -25.02
N GLN F 32 -22.00 -3.28 -25.23
CA GLN F 32 -21.84 -3.87 -26.52
C GLN F 32 -23.01 -4.81 -26.82
N PHE F 33 -23.41 -4.88 -28.08
CA PHE F 33 -24.54 -5.78 -28.42
C PHE F 33 -24.26 -6.67 -29.65
N VAL F 34 -23.18 -6.37 -30.37
CA VAL F 34 -22.88 -7.07 -31.59
C VAL F 34 -21.36 -7.15 -31.82
N ARG F 35 -20.91 -8.25 -32.44
CA ARG F 35 -19.50 -8.41 -32.89
C ARG F 35 -19.47 -9.24 -34.14
N PHE F 36 -18.38 -9.06 -34.87
CA PHE F 36 -17.97 -9.88 -35.97
C PHE F 36 -16.43 -9.96 -35.97
N ASP F 37 -15.90 -11.15 -36.23
CA ASP F 37 -14.45 -11.35 -36.32
C ASP F 37 -14.16 -12.20 -37.57
N SER F 38 -13.45 -11.63 -38.54
CA SER F 38 -13.16 -12.35 -39.76
C SER F 38 -12.40 -13.65 -39.46
N ASP F 39 -11.82 -13.84 -38.29
CA ASP F 39 -11.13 -15.09 -38.07
C ASP F 39 -11.98 -16.11 -37.29
N ALA F 40 -13.18 -15.78 -36.89
CA ALA F 40 -13.87 -16.78 -36.15
C ALA F 40 -14.52 -17.70 -37.18
N ALA F 41 -14.85 -18.92 -36.75
CA ALA F 41 -15.49 -19.93 -37.59
C ALA F 41 -16.89 -19.60 -38.09
N SER F 42 -17.70 -18.95 -37.24
CA SER F 42 -19.13 -18.76 -37.54
C SER F 42 -19.28 -17.93 -38.80
N GLN F 43 -18.42 -16.90 -38.99
CA GLN F 43 -18.55 -16.01 -40.16
C GLN F 43 -19.90 -15.27 -40.11
N ARG F 44 -20.41 -14.96 -38.91
CA ARG F 44 -21.72 -14.33 -38.74
C ARG F 44 -21.61 -13.18 -37.78
N MET F 45 -22.36 -12.10 -37.98
CA MET F 45 -22.59 -11.13 -36.88
C MET F 45 -23.15 -11.93 -35.71
N GLU F 46 -22.59 -11.71 -34.53
CA GLU F 46 -23.06 -12.43 -33.37
C GLU F 46 -23.65 -11.49 -32.32
N PRO F 47 -24.60 -11.98 -31.52
CA PRO F 47 -25.21 -11.16 -30.46
C PRO F 47 -24.28 -11.03 -29.26
N ARG F 48 -24.24 -9.88 -28.62
CA ARG F 48 -23.45 -9.78 -27.40
C ARG F 48 -24.22 -9.12 -26.26
N ALA F 49 -25.54 -9.06 -26.40
CA ALA F 49 -26.39 -8.66 -25.30
C ALA F 49 -27.74 -9.37 -25.50
N PRO F 50 -28.45 -9.71 -24.40
CA PRO F 50 -29.73 -10.46 -24.46
C PRO F 50 -30.78 -9.88 -25.36
N TRP F 51 -30.91 -8.57 -25.39
CA TRP F 51 -32.03 -7.97 -26.10
C TRP F 51 -32.03 -8.12 -27.61
N ILE F 52 -30.88 -8.03 -28.32
CA ILE F 52 -30.91 -8.24 -29.81
C ILE F 52 -31.11 -9.69 -30.18
N GLU F 53 -31.03 -10.61 -29.23
CA GLU F 53 -31.31 -11.99 -29.55
C GLU F 53 -32.72 -12.12 -30.14
N GLN F 54 -33.64 -11.27 -29.68
CA GLN F 54 -35.00 -11.17 -30.23
C GLN F 54 -35.05 -10.95 -31.74
N GLU F 55 -33.99 -10.43 -32.34
CA GLU F 55 -34.12 -10.06 -33.75
C GLU F 55 -34.15 -11.30 -34.59
N GLY F 56 -35.00 -11.29 -35.63
CA GLY F 56 -35.21 -12.45 -36.48
C GLY F 56 -34.15 -12.61 -37.58
N PRO F 57 -34.25 -13.69 -38.36
CA PRO F 57 -33.27 -14.04 -39.40
C PRO F 57 -32.94 -12.92 -40.39
N GLU F 58 -33.92 -12.14 -40.81
CA GLU F 58 -33.65 -11.09 -41.80
C GLU F 58 -32.69 -10.07 -41.25
N TYR F 59 -32.85 -9.70 -39.98
CA TYR F 59 -31.91 -8.82 -39.32
C TYR F 59 -30.52 -9.45 -39.30
N TRP F 60 -30.43 -10.73 -38.93
CA TRP F 60 -29.10 -11.30 -38.72
C TRP F 60 -28.40 -11.50 -40.08
N ASP F 61 -29.11 -12.01 -41.11
CA ASP F 61 -28.55 -12.09 -42.47
C ASP F 61 -28.11 -10.70 -42.97
N GLY F 62 -28.94 -9.68 -42.75
CA GLY F 62 -28.67 -8.36 -43.30
C GLY F 62 -27.53 -7.73 -42.56
N GLU F 63 -27.47 -7.89 -41.26
CA GLU F 63 -26.35 -7.37 -40.53
C GLU F 63 -25.10 -8.16 -40.89
N THR F 64 -25.20 -9.47 -41.10
CA THR F 64 -23.96 -10.10 -41.48
C THR F 64 -23.44 -9.74 -42.91
N ARG F 65 -24.35 -9.58 -43.89
CA ARG F 65 -23.96 -9.23 -45.25
C ARG F 65 -23.25 -7.85 -45.18
N LYS F 66 -23.84 -6.90 -44.47
CA LYS F 66 -23.27 -5.56 -44.43
C LYS F 66 -21.85 -5.55 -43.86
N VAL F 67 -21.63 -6.35 -42.81
CA VAL F 67 -20.39 -6.25 -42.10
C VAL F 67 -19.29 -7.01 -42.88
N LYS F 68 -19.67 -8.07 -43.58
CA LYS F 68 -18.74 -8.74 -44.54
C LYS F 68 -18.46 -7.72 -45.65
N ALA F 69 -19.48 -6.93 -46.02
CA ALA F 69 -19.21 -6.09 -47.21
C ALA F 69 -18.29 -4.94 -46.81
N HIS F 70 -18.40 -4.56 -45.55
CA HIS F 70 -17.63 -3.47 -45.04
C HIS F 70 -16.17 -3.98 -44.95
N SER F 71 -15.98 -5.22 -44.52
CA SER F 71 -14.65 -5.84 -44.50
C SER F 71 -14.01 -5.86 -45.92
N GLN F 72 -14.83 -5.93 -46.96
CA GLN F 72 -14.31 -5.95 -48.30
C GLN F 72 -13.80 -4.56 -48.75
N THR F 73 -14.52 -3.51 -48.36
CA THR F 73 -14.11 -2.14 -48.60
C THR F 73 -12.73 -1.92 -47.99
N HIS F 74 -12.53 -2.30 -46.74
CA HIS F 74 -11.29 -2.08 -46.06
C HIS F 74 -10.15 -2.90 -46.75
N ARG F 75 -10.44 -4.10 -47.22
CA ARG F 75 -9.49 -4.82 -48.03
C ARG F 75 -8.97 -3.95 -49.16
N VAL F 76 -9.87 -3.34 -49.90
CA VAL F 76 -9.53 -2.44 -50.95
C VAL F 76 -8.79 -1.22 -50.38
N ASP F 77 -9.36 -0.59 -49.35
CA ASP F 77 -8.68 0.59 -48.72
C ASP F 77 -7.22 0.31 -48.35
N LEU F 78 -6.93 -0.88 -47.85
CA LEU F 78 -5.56 -1.16 -47.36
C LEU F 78 -4.63 -1.08 -48.54
N GLY F 79 -5.02 -1.64 -49.70
CA GLY F 79 -4.19 -1.46 -50.90
C GLY F 79 -4.15 -0.02 -51.41
N THR F 80 -5.31 0.65 -51.42
CA THR F 80 -5.32 1.99 -51.93
C THR F 80 -4.42 2.90 -51.10
N LEU F 81 -4.60 2.83 -49.77
CA LEU F 81 -3.78 3.64 -48.84
C LEU F 81 -2.28 3.38 -49.01
N ARG F 82 -1.87 2.11 -49.14
CA ARG F 82 -0.48 1.73 -49.51
C ARG F 82 0.03 2.50 -50.70
N GLY F 83 -0.78 2.53 -51.76
CA GLY F 83 -0.48 3.27 -52.97
C GLY F 83 -0.39 4.78 -52.69
N TYR F 84 -1.44 5.37 -52.10
CA TYR F 84 -1.37 6.77 -51.82
C TYR F 84 -0.04 7.09 -51.14
N TYR F 85 0.42 6.22 -50.24
CA TYR F 85 1.65 6.53 -49.48
C TYR F 85 2.92 5.86 -50.02
N ASN F 86 2.84 5.27 -51.21
CA ASN F 86 3.93 4.49 -51.78
C ASN F 86 4.56 3.57 -50.74
N GLN F 87 3.76 2.94 -49.90
CA GLN F 87 4.35 2.12 -48.88
C GLN F 87 4.61 0.73 -49.44
N SER F 88 5.52 0.04 -48.78
CA SER F 88 5.90 -1.30 -49.12
C SER F 88 4.77 -2.29 -48.81
N GLU F 89 4.72 -3.36 -49.58
CA GLU F 89 3.75 -4.45 -49.36
C GLU F 89 4.16 -5.32 -48.19
N ALA F 90 5.36 -5.10 -47.67
CA ALA F 90 5.90 -5.86 -46.52
C ALA F 90 5.29 -5.45 -45.17
N GLY F 91 4.85 -4.21 -45.01
CA GLY F 91 4.42 -3.76 -43.71
C GLY F 91 2.96 -4.08 -43.43
N SER F 92 2.68 -4.27 -42.14
CA SER F 92 1.33 -4.39 -41.64
C SER F 92 0.79 -2.98 -41.34
N HIS F 93 -0.43 -2.66 -41.78
CA HIS F 93 -1.06 -1.34 -41.54
C HIS F 93 -2.49 -1.47 -41.02
N THR F 94 -3.01 -0.38 -40.46
CA THR F 94 -4.34 -0.41 -39.79
C THR F 94 -5.31 0.64 -40.35
N VAL F 95 -6.51 0.22 -40.66
CA VAL F 95 -7.58 1.13 -40.94
C VAL F 95 -8.62 1.03 -39.80
N GLN F 96 -9.13 2.17 -39.34
CA GLN F 96 -10.20 2.15 -38.36
C GLN F 96 -11.28 3.13 -38.80
N ARG F 97 -12.51 2.77 -38.51
CA ARG F 97 -13.65 3.56 -38.80
C ARG F 97 -14.59 3.51 -37.61
N MET F 98 -15.16 4.66 -37.30
CA MET F 98 -16.13 4.71 -36.25
C MET F 98 -17.25 5.55 -36.74
N TYR F 99 -18.48 5.06 -36.69
CA TYR F 99 -19.60 5.96 -37.00
C TYR F 99 -20.75 5.78 -36.06
N GLY F 100 -21.60 6.81 -35.93
CA GLY F 100 -22.76 6.73 -35.06
C GLY F 100 -23.61 7.96 -34.87
N CYS F 101 -24.29 7.98 -33.73
CA CYS F 101 -25.60 8.61 -33.54
C CYS F 101 -25.78 9.04 -32.17
N ASP F 102 -25.99 10.32 -31.94
CA ASP F 102 -26.40 10.72 -30.64
C ASP F 102 -27.81 11.18 -30.75
N VAL F 103 -28.51 11.00 -29.65
CA VAL F 103 -29.88 11.36 -29.47
C VAL F 103 -29.97 11.94 -28.05
N GLY F 104 -30.88 12.89 -27.83
CA GLY F 104 -30.93 13.60 -26.54
C GLY F 104 -31.86 12.95 -25.52
N SER F 105 -32.01 13.57 -24.35
CA SER F 105 -33.05 13.10 -23.43
C SER F 105 -34.39 13.09 -24.18
N ASP F 106 -34.37 13.73 -25.34
CA ASP F 106 -35.47 13.73 -26.30
C ASP F 106 -35.79 12.37 -26.92
N TRP F 107 -34.76 11.59 -27.26
CA TRP F 107 -34.80 10.56 -28.33
C TRP F 107 -34.78 11.31 -29.67
N ARG F 108 -34.87 12.63 -29.63
CA ARG F 108 -34.66 13.45 -30.80
C ARG F 108 -33.17 13.37 -31.15
N PHE F 109 -32.89 13.36 -32.44
CA PHE F 109 -31.55 13.39 -32.98
C PHE F 109 -30.72 14.58 -32.49
N LEU F 110 -29.59 14.32 -31.82
CA LEU F 110 -28.61 15.38 -31.48
C LEU F 110 -27.50 15.48 -32.54
N ARG F 111 -26.91 14.35 -32.86
CA ARG F 111 -25.59 14.39 -33.50
C ARG F 111 -25.36 13.11 -34.29
N GLY F 112 -24.68 13.23 -35.42
CA GLY F 112 -24.24 12.09 -36.20
C GLY F 112 -22.74 12.20 -36.49
N TYR F 113 -22.05 11.08 -36.64
CA TYR F 113 -20.60 11.14 -36.91
C TYR F 113 -20.09 9.93 -37.64
N HIS F 114 -19.09 10.17 -38.48
CA HIS F 114 -18.44 9.16 -39.23
C HIS F 114 -17.02 9.54 -39.41
N GLN F 115 -16.10 8.86 -38.70
CA GLN F 115 -14.67 9.15 -38.68
C GLN F 115 -13.77 7.99 -39.20
N TYR F 116 -12.67 8.33 -39.88
CA TYR F 116 -11.76 7.31 -40.42
C TYR F 116 -10.28 7.55 -40.12
N ALA F 117 -9.56 6.49 -39.81
CA ALA F 117 -8.15 6.65 -39.48
C ALA F 117 -7.28 5.61 -40.18
N TYR F 118 -6.08 6.04 -40.55
CA TYR F 118 -5.06 5.17 -41.09
C TYR F 118 -3.84 5.23 -40.18
N ASP F 119 -3.35 4.05 -39.82
CA ASP F 119 -2.24 3.85 -38.93
C ASP F 119 -2.43 4.65 -37.65
N GLY F 120 -3.66 4.71 -37.15
CA GLY F 120 -3.91 5.34 -35.84
C GLY F 120 -3.86 6.87 -35.86
N LYS F 121 -3.89 7.49 -37.03
CA LYS F 121 -4.04 8.94 -37.17
C LYS F 121 -5.28 9.28 -37.97
N ASP F 122 -5.89 10.40 -37.62
CA ASP F 122 -7.02 10.97 -38.33
C ASP F 122 -6.83 11.00 -39.85
N TYR F 123 -7.81 10.51 -40.60
CA TYR F 123 -7.67 10.48 -42.04
C TYR F 123 -8.72 11.40 -42.67
N ILE F 124 -9.99 11.01 -42.67
CA ILE F 124 -11.09 11.96 -42.99
C ILE F 124 -12.24 11.82 -42.01
N ALA F 125 -13.03 12.87 -41.88
CA ALA F 125 -14.17 12.81 -40.98
C ALA F 125 -15.23 13.68 -41.57
N LEU F 126 -16.46 13.28 -41.36
CA LEU F 126 -17.59 14.06 -41.81
C LEU F 126 -17.82 15.13 -40.76
N LYS F 127 -18.04 16.38 -41.18
CA LYS F 127 -18.28 17.48 -40.25
C LYS F 127 -19.65 17.40 -39.56
N GLU F 128 -19.83 18.16 -38.49
CA GLU F 128 -21.10 18.33 -37.78
C GLU F 128 -22.40 18.39 -38.64
N ASP F 129 -22.35 19.19 -39.70
CA ASP F 129 -23.45 19.37 -40.62
C ASP F 129 -23.74 18.15 -41.51
N LEU F 130 -22.81 17.22 -41.62
CA LEU F 130 -23.06 15.99 -42.37
C LEU F 130 -23.23 16.29 -43.88
N ARG F 131 -22.51 17.32 -44.34
CA ARG F 131 -22.46 17.72 -45.76
C ARG F 131 -21.06 17.87 -46.34
N SER F 132 -20.04 17.94 -45.48
CA SER F 132 -18.67 18.11 -45.94
C SER F 132 -17.69 17.36 -45.05
N TRP F 133 -16.45 17.31 -45.50
CA TRP F 133 -15.39 16.49 -44.95
C TRP F 133 -14.21 17.33 -44.57
N THR F 134 -13.45 16.86 -43.60
CA THR F 134 -12.12 17.40 -43.34
C THR F 134 -11.12 16.26 -43.48
N ALA F 135 -10.03 16.57 -44.18
CA ALA F 135 -9.07 15.64 -44.72
C ALA F 135 -7.81 16.00 -43.98
N ALA F 136 -7.07 15.00 -43.50
CA ALA F 136 -5.83 15.28 -42.75
C ALA F 136 -4.66 15.68 -43.64
N ASP F 137 -4.61 15.16 -44.88
CA ASP F 137 -3.45 15.40 -45.76
C ASP F 137 -3.83 15.27 -47.25
N MET F 138 -2.86 15.32 -48.17
CA MET F 138 -3.11 15.11 -49.64
C MET F 138 -3.76 13.77 -50.01
N ALA F 139 -3.34 12.69 -49.39
CA ALA F 139 -4.02 11.40 -49.62
C ALA F 139 -5.52 11.55 -49.34
N ALA F 140 -5.81 12.10 -48.19
CA ALA F 140 -7.17 12.25 -47.74
C ALA F 140 -7.94 13.23 -48.62
N GLN F 141 -7.29 14.27 -49.14
CA GLN F 141 -7.99 15.18 -50.05
C GLN F 141 -8.47 14.42 -51.32
N THR F 142 -7.63 13.53 -51.84
CA THR F 142 -8.02 12.78 -53.04
C THR F 142 -9.18 11.84 -52.73
N THR F 143 -9.20 11.29 -51.51
CA THR F 143 -10.37 10.54 -51.03
C THR F 143 -11.56 11.50 -50.99
N LYS F 144 -11.37 12.71 -50.46
CA LYS F 144 -12.48 13.63 -50.22
C LYS F 144 -13.19 13.96 -51.53
N HIS F 145 -12.44 14.14 -52.63
CA HIS F 145 -13.05 14.39 -53.94
C HIS F 145 -13.90 13.21 -54.44
N LYS F 146 -13.35 12.00 -54.34
CA LYS F 146 -14.13 10.76 -54.61
C LYS F 146 -15.48 10.75 -53.86
N TRP F 147 -15.45 11.12 -52.57
CA TRP F 147 -16.61 11.04 -51.69
C TRP F 147 -17.65 12.11 -51.99
N GLU F 148 -17.18 13.30 -52.34
CA GLU F 148 -17.96 14.36 -52.89
C GLU F 148 -18.61 13.93 -54.23
N ALA F 149 -17.84 13.40 -55.18
CA ALA F 149 -18.40 12.85 -56.46
C ALA F 149 -19.45 11.77 -56.26
N ALA F 150 -19.21 10.88 -55.30
CA ALA F 150 -20.11 9.74 -55.09
C ALA F 150 -21.24 10.07 -54.10
N HIS F 151 -21.32 11.32 -53.63
CA HIS F 151 -22.35 11.76 -52.69
C HIS F 151 -22.44 10.91 -51.41
N VAL F 152 -21.30 10.50 -50.90
CA VAL F 152 -21.25 9.73 -49.64
C VAL F 152 -21.88 10.49 -48.48
N ALA F 153 -21.52 11.79 -48.33
CA ALA F 153 -22.09 12.65 -47.26
C ALA F 153 -23.61 12.53 -47.19
N GLU F 154 -24.24 12.76 -48.33
CA GLU F 154 -25.70 12.59 -48.49
C GLU F 154 -26.27 11.30 -47.87
N GLN F 155 -25.75 10.14 -48.26
CA GLN F 155 -26.23 8.88 -47.72
C GLN F 155 -25.93 8.67 -46.25
N LEU F 156 -24.77 9.09 -45.80
CA LEU F 156 -24.52 9.08 -44.37
C LEU F 156 -25.51 9.98 -43.60
N ARG F 157 -25.79 11.17 -44.12
CA ARG F 157 -26.82 12.02 -43.50
C ARG F 157 -28.17 11.33 -43.42
N ALA F 158 -28.55 10.66 -44.50
CA ALA F 158 -29.81 9.94 -44.54
C ALA F 158 -29.80 8.82 -43.51
N TYR F 159 -28.76 8.02 -43.49
CA TYR F 159 -28.66 6.98 -42.49
C TYR F 159 -28.62 7.46 -41.01
N LEU F 160 -27.72 8.41 -40.75
CA LEU F 160 -27.42 8.95 -39.42
C LEU F 160 -28.62 9.67 -38.83
N GLU F 161 -29.33 10.42 -39.67
CA GLU F 161 -30.56 11.13 -39.22
C GLU F 161 -31.79 10.25 -39.34
N GLY F 162 -31.71 9.19 -40.14
CA GLY F 162 -32.87 8.33 -40.33
C GLY F 162 -32.80 7.00 -39.58
N THR F 163 -32.32 5.95 -40.26
CA THR F 163 -32.35 4.59 -39.69
C THR F 163 -31.54 4.44 -38.40
N CYS F 164 -30.45 5.17 -38.25
CA CYS F 164 -29.54 5.01 -37.10
C CYS F 164 -30.19 5.47 -35.79
N VAL F 165 -30.61 6.73 -35.83
CA VAL F 165 -31.55 7.27 -34.87
C VAL F 165 -32.72 6.34 -34.57
N GLU F 166 -33.32 5.74 -35.60
CA GLU F 166 -34.56 4.98 -35.39
C GLU F 166 -34.28 3.66 -34.69
N TRP F 167 -33.15 3.03 -35.04
CA TRP F 167 -32.85 1.73 -34.48
C TRP F 167 -32.32 1.82 -33.05
N LEU F 168 -31.59 2.88 -32.69
CA LEU F 168 -31.29 2.97 -31.25
C LEU F 168 -32.50 3.25 -30.35
N ARG F 169 -33.50 3.95 -30.84
CA ARG F 169 -34.75 4.09 -30.08
C ARG F 169 -35.39 2.72 -29.90
N ARG F 170 -35.33 1.90 -30.95
CA ARG F 170 -35.94 0.57 -30.91
C ARG F 170 -35.22 -0.25 -29.83
N TYR F 171 -33.89 -0.13 -29.81
CA TYR F 171 -33.07 -0.94 -28.91
C TYR F 171 -33.22 -0.48 -27.48
N LEU F 172 -33.16 0.84 -27.29
CA LEU F 172 -33.51 1.42 -25.99
C LEU F 172 -34.74 0.77 -25.42
N GLU F 173 -35.78 0.62 -26.24
CA GLU F 173 -37.05 0.02 -25.77
C GLU F 173 -36.90 -1.48 -25.54
N ASN F 174 -36.32 -2.18 -26.48
CA ASN F 174 -36.31 -3.62 -26.41
C ASN F 174 -35.53 -4.16 -25.21
N GLY F 175 -34.44 -3.50 -24.86
CA GLY F 175 -33.65 -3.89 -23.70
C GLY F 175 -33.73 -2.89 -22.58
N LYS F 176 -34.86 -2.20 -22.48
CA LYS F 176 -34.99 -1.04 -21.59
C LYS F 176 -34.58 -1.34 -20.15
N GLU F 177 -34.77 -2.58 -19.72
CA GLU F 177 -34.49 -2.99 -18.33
C GLU F 177 -32.98 -3.00 -17.99
N THR F 178 -32.15 -3.12 -19.02
CA THR F 178 -30.71 -3.10 -18.84
C THR F 178 -30.04 -1.85 -19.48
N LEU F 179 -30.61 -1.34 -20.56
CA LEU F 179 -30.11 -0.10 -21.16
C LEU F 179 -30.64 1.16 -20.46
N GLN F 180 -31.85 1.09 -19.92
CA GLN F 180 -32.44 2.29 -19.31
C GLN F 180 -32.32 2.25 -17.77
N ARG F 181 -31.67 1.23 -17.24
CA ARG F 181 -31.39 1.13 -15.82
C ARG F 181 -30.06 1.81 -15.53
N THR F 182 -30.02 2.69 -14.51
CA THR F 182 -28.77 3.17 -13.93
C THR F 182 -28.34 2.28 -12.75
N ASP F 183 -27.08 1.86 -12.73
CA ASP F 183 -26.52 1.22 -11.53
C ASP F 183 -25.65 2.19 -10.75
N ALA F 184 -26.16 2.60 -9.59
CA ALA F 184 -25.53 3.59 -8.74
C ALA F 184 -24.29 2.97 -8.13
N PRO F 185 -23.21 3.78 -8.02
CA PRO F 185 -21.94 3.27 -7.47
C PRO F 185 -22.01 2.92 -5.99
N LYS F 186 -21.53 1.72 -5.67
CA LYS F 186 -21.21 1.30 -4.31
C LYS F 186 -19.84 1.89 -3.98
N THR F 187 -19.74 2.60 -2.86
CA THR F 187 -18.52 3.34 -2.57
C THR F 187 -17.85 2.94 -1.27
N HIS F 188 -16.55 3.17 -1.21
CA HIS F 188 -15.82 3.04 0.04
C HIS F 188 -14.50 3.84 -0.05
N MET F 189 -13.83 3.97 1.08
CA MET F 189 -12.56 4.64 1.15
C MET F 189 -11.62 3.74 1.94
N THR F 190 -10.43 3.52 1.42
CA THR F 190 -9.40 2.77 2.15
C THR F 190 -8.27 3.75 2.53
N HIS F 191 -7.42 3.31 3.44
CA HIS F 191 -6.33 4.15 3.99
C HIS F 191 -4.98 3.40 3.92
N HIS F 192 -3.91 4.10 3.55
CA HIS F 192 -2.60 3.45 3.49
C HIS F 192 -1.50 4.34 4.05
N ALA F 193 -0.82 3.87 5.09
CA ALA F 193 0.41 4.49 5.53
C ALA F 193 1.36 4.36 4.34
N VAL F 194 1.53 5.44 3.58
CA VAL F 194 2.35 5.42 2.38
C VAL F 194 3.83 5.73 2.72
N SER F 195 4.00 6.47 3.82
CA SER F 195 5.29 6.87 4.37
C SER F 195 5.06 6.71 5.88
N ASP F 196 6.08 6.87 6.71
CA ASP F 196 5.75 6.96 8.13
C ASP F 196 4.94 8.26 8.44
N HIS F 197 5.41 9.42 7.98
CA HIS F 197 4.67 10.70 8.10
C HIS F 197 3.49 10.87 7.12
N GLU F 198 3.37 10.01 6.12
CA GLU F 198 2.31 10.23 5.13
C GLU F 198 1.35 9.07 4.89
N ALA F 199 0.11 9.42 4.57
CA ALA F 199 -0.87 8.41 4.24
C ALA F 199 -1.60 8.76 2.97
N THR F 200 -2.14 7.75 2.30
CA THR F 200 -2.93 8.01 1.10
C THR F 200 -4.37 7.51 1.30
N LEU F 201 -5.32 8.25 0.75
CA LEU F 201 -6.73 7.86 0.84
C LEU F 201 -7.21 7.57 -0.57
N ARG F 202 -7.80 6.41 -0.73
CA ARG F 202 -8.28 6.04 -2.02
C ARG F 202 -9.77 5.97 -1.88
N CYS F 203 -10.44 6.78 -2.69
CA CYS F 203 -11.88 6.80 -2.78
C CYS F 203 -12.34 5.93 -3.96
N TRP F 204 -13.11 4.89 -3.66
CA TRP F 204 -13.58 3.89 -4.64
C TRP F 204 -15.03 4.05 -5.06
N ALA F 205 -15.30 3.83 -6.34
CA ALA F 205 -16.66 3.59 -6.83
C ALA F 205 -16.71 2.28 -7.62
N LEU F 206 -17.63 1.39 -7.23
CA LEU F 206 -17.75 0.09 -7.86
C LEU F 206 -19.17 -0.24 -8.35
N SER F 207 -19.26 -1.05 -9.42
CA SER F 207 -20.52 -1.51 -10.07
C SER F 207 -21.51 -0.43 -10.53
N PHE F 208 -21.01 0.60 -11.21
CA PHE F 208 -21.91 1.61 -11.71
C PHE F 208 -22.17 1.40 -13.20
N TYR F 209 -23.31 1.91 -13.66
CA TYR F 209 -23.65 2.01 -15.08
C TYR F 209 -24.59 3.21 -15.26
N PRO F 210 -24.29 4.17 -16.14
CA PRO F 210 -23.18 4.08 -17.11
C PRO F 210 -21.85 4.58 -16.60
N ALA F 211 -20.88 4.59 -17.50
CA ALA F 211 -19.48 4.67 -17.11
C ALA F 211 -19.12 6.07 -16.69
N GLU F 212 -19.98 7.02 -17.03
CA GLU F 212 -19.72 8.40 -16.67
C GLU F 212 -19.82 8.57 -15.16
N ILE F 213 -18.76 9.12 -14.57
CA ILE F 213 -18.69 9.37 -13.14
C ILE F 213 -17.70 10.50 -13.02
N THR F 214 -17.95 11.41 -12.08
CA THR F 214 -16.89 12.31 -11.64
C THR F 214 -16.47 12.02 -10.18
N LEU F 215 -15.17 11.90 -9.96
CA LEU F 215 -14.63 11.75 -8.62
C LEU F 215 -13.74 12.94 -8.27
N THR F 216 -14.05 13.60 -7.16
CA THR F 216 -13.28 14.80 -6.83
C THR F 216 -12.89 14.89 -5.35
N TRP F 217 -11.66 15.33 -5.12
CA TRP F 217 -11.12 15.43 -3.79
C TRP F 217 -11.03 16.87 -3.29
N GLN F 218 -11.59 17.14 -2.11
CA GLN F 218 -11.42 18.47 -1.44
C GLN F 218 -10.75 18.37 -0.08
N ARG F 219 -9.92 19.36 0.23
CA ARG F 219 -9.37 19.52 1.57
C ARG F 219 -9.89 20.82 2.13
N ASP F 220 -10.46 20.78 3.34
CA ASP F 220 -11.07 21.96 3.97
C ASP F 220 -12.30 22.46 3.21
N GLY F 221 -12.48 21.99 1.99
CA GLY F 221 -13.64 22.37 1.18
C GLY F 221 -13.43 22.87 -0.24
N GLU F 222 -12.17 23.12 -0.64
CA GLU F 222 -11.86 23.50 -2.04
C GLU F 222 -11.11 22.36 -2.74
N ASP F 223 -11.62 21.88 -3.87
CA ASP F 223 -11.02 20.71 -4.51
C ASP F 223 -9.51 20.85 -4.72
N GLN F 224 -8.80 19.77 -4.40
CA GLN F 224 -7.34 19.77 -4.51
C GLN F 224 -6.99 19.05 -5.81
N THR F 225 -5.89 19.48 -6.43
CA THR F 225 -5.41 18.90 -7.67
C THR F 225 -4.16 18.10 -7.39
N GLN F 226 -3.32 18.62 -6.51
CA GLN F 226 -1.97 18.08 -6.33
C GLN F 226 -1.91 16.91 -5.39
N ASP F 227 -0.92 16.04 -5.63
CA ASP F 227 -0.71 14.80 -4.87
C ASP F 227 -1.84 13.78 -5.07
N THR F 228 -2.60 13.94 -6.16
CA THR F 228 -3.72 13.03 -6.54
C THR F 228 -3.49 12.15 -7.80
N GLU F 229 -4.20 11.03 -7.89
CA GLU F 229 -4.15 10.10 -9.03
C GLU F 229 -5.59 9.64 -9.23
N LEU F 230 -6.06 9.62 -10.47
CA LEU F 230 -7.32 8.94 -10.81
C LEU F 230 -6.94 7.89 -11.82
N VAL F 231 -7.42 6.67 -11.65
CA VAL F 231 -7.28 5.76 -12.74
C VAL F 231 -8.40 6.02 -13.73
N GLU F 232 -8.17 5.64 -14.99
CA GLU F 232 -9.20 5.71 -16.01
C GLU F 232 -10.25 4.71 -15.57
N THR F 233 -11.52 5.05 -15.81
CA THR F 233 -12.62 4.16 -15.45
C THR F 233 -12.54 2.82 -16.23
N ARG F 234 -12.93 1.72 -15.61
CA ARG F 234 -12.53 0.45 -16.15
C ARG F 234 -13.68 -0.53 -16.07
N PRO F 235 -13.77 -1.46 -17.06
CA PRO F 235 -14.86 -2.45 -17.07
C PRO F 235 -14.74 -3.49 -15.95
N ALA F 236 -15.84 -3.71 -15.22
CA ALA F 236 -15.88 -4.78 -14.20
C ALA F 236 -15.93 -6.16 -14.83
N GLY F 237 -16.49 -6.26 -16.03
CA GLY F 237 -16.60 -7.55 -16.74
C GLY F 237 -18.03 -8.07 -16.71
N ASP F 238 -18.82 -7.62 -15.75
CA ASP F 238 -20.21 -8.01 -15.66
C ASP F 238 -21.20 -6.94 -16.15
N GLY F 239 -20.79 -6.11 -17.08
CA GLY F 239 -21.63 -5.00 -17.54
C GLY F 239 -21.44 -3.68 -16.79
N THR F 240 -20.81 -3.70 -15.62
CA THR F 240 -20.61 -2.46 -14.85
C THR F 240 -19.17 -1.89 -14.86
N PHE F 241 -18.90 -0.89 -14.02
CA PHE F 241 -17.64 -0.18 -14.04
C PHE F 241 -17.11 0.15 -12.66
N GLN F 242 -15.84 0.50 -12.61
CA GLN F 242 -15.14 0.81 -11.38
C GLN F 242 -14.28 2.02 -11.67
N LYS F 243 -13.94 2.82 -10.66
CA LYS F 243 -12.97 3.90 -10.77
C LYS F 243 -12.47 4.23 -9.37
N TRP F 244 -11.26 4.74 -9.22
CA TRP F 244 -10.84 5.34 -7.96
C TRP F 244 -9.97 6.60 -8.10
N ALA F 245 -10.01 7.43 -7.07
CA ALA F 245 -9.23 8.67 -7.00
C ALA F 245 -8.52 8.63 -5.66
N ALA F 246 -7.22 8.95 -5.68
CA ALA F 246 -6.41 8.89 -4.48
C ALA F 246 -5.86 10.28 -4.12
N VAL F 247 -5.49 10.50 -2.86
CA VAL F 247 -4.71 11.68 -2.46
C VAL F 247 -3.72 11.24 -1.44
N VAL F 248 -2.50 11.73 -1.57
CA VAL F 248 -1.53 11.60 -0.51
C VAL F 248 -1.66 12.83 0.40
N VAL F 249 -1.65 12.56 1.68
CA VAL F 249 -2.06 13.53 2.68
C VAL F 249 -1.05 13.49 3.83
N PRO F 250 -0.88 14.61 4.55
CA PRO F 250 -0.11 14.52 5.79
C PRO F 250 -0.89 13.69 6.81
N SER F 251 -0.22 12.76 7.47
CA SER F 251 -0.86 11.99 8.53
C SER F 251 -1.48 12.94 9.59
N GLY F 252 -2.66 12.55 10.09
CA GLY F 252 -3.42 13.38 11.06
C GLY F 252 -4.14 14.58 10.48
N GLN F 253 -3.93 14.84 9.21
CA GLN F 253 -4.71 15.85 8.50
C GLN F 253 -5.76 15.16 7.62
N GLU F 254 -6.00 13.87 7.90
CA GLU F 254 -6.77 13.00 7.05
C GLU F 254 -8.25 13.37 6.94
N GLN F 255 -8.83 13.89 8.03
CA GLN F 255 -10.29 13.98 8.14
C GLN F 255 -10.89 15.23 7.48
N ARG F 256 -10.02 16.19 7.18
CA ARG F 256 -10.41 17.37 6.41
C ARG F 256 -10.58 17.14 4.89
N TYR F 257 -10.26 15.94 4.40
CA TYR F 257 -10.43 15.62 2.97
C TYR F 257 -11.72 14.87 2.75
N THR F 258 -12.44 15.30 1.75
CA THR F 258 -13.70 14.67 1.45
C THR F 258 -13.60 14.22 0.00
N CYS F 259 -14.22 13.09 -0.29
CA CYS F 259 -14.32 12.61 -1.65
C CYS F 259 -15.71 12.90 -2.15
N HIS F 260 -15.77 13.36 -3.39
CA HIS F 260 -17.05 13.74 -4.00
C HIS F 260 -17.34 12.88 -5.23
N VAL F 261 -18.52 12.25 -5.21
CA VAL F 261 -18.87 11.27 -6.22
C VAL F 261 -20.13 11.72 -6.96
N GLN F 262 -19.96 11.96 -8.25
CA GLN F 262 -21.06 12.41 -9.10
C GLN F 262 -21.35 11.38 -10.18
N HIS F 263 -22.57 10.85 -10.17
CA HIS F 263 -22.98 9.81 -11.10
C HIS F 263 -24.47 9.93 -11.28
N GLU F 264 -24.87 9.88 -12.54
CA GLU F 264 -26.25 10.06 -12.96
C GLU F 264 -27.24 9.17 -12.22
N GLY F 265 -26.76 8.08 -11.62
CA GLY F 265 -27.62 7.15 -10.89
C GLY F 265 -27.80 7.48 -9.42
N LEU F 266 -27.40 8.69 -9.02
CA LEU F 266 -27.48 9.12 -7.61
C LEU F 266 -28.21 10.43 -7.47
N PRO F 267 -29.32 10.45 -6.71
CA PRO F 267 -30.15 11.67 -6.59
C PRO F 267 -29.35 12.91 -6.13
N LYS F 268 -28.44 12.71 -5.16
CA LYS F 268 -27.55 13.77 -4.68
C LYS F 268 -26.08 13.35 -4.82
N PRO F 269 -25.17 14.30 -5.11
CA PRO F 269 -23.73 14.04 -5.03
C PRO F 269 -23.37 13.42 -3.68
N LEU F 270 -22.56 12.36 -3.67
CA LEU F 270 -22.13 11.76 -2.41
C LEU F 270 -20.84 12.37 -1.91
N THR F 271 -20.78 12.58 -0.60
CA THR F 271 -19.50 12.92 -0.01
C THR F 271 -19.03 11.91 1.07
N LEU F 272 -17.77 11.48 0.96
CA LEU F 272 -17.17 10.54 1.94
C LEU F 272 -15.89 11.11 2.54
N ARG F 273 -15.66 10.84 3.82
CA ARG F 273 -14.45 11.31 4.52
C ARG F 273 -13.93 10.12 5.32
N TRP F 274 -12.64 10.03 5.61
CA TRP F 274 -12.16 8.85 6.35
C TRP F 274 -12.53 8.89 7.84
N GLU F 275 -13.14 7.83 8.33
CA GLU F 275 -13.31 7.65 9.77
C GLU F 275 -12.76 6.29 10.22
N PRO F 276 -11.69 6.30 11.03
CA PRO F 276 -11.07 5.08 11.58
C PRO F 276 -12.10 4.03 11.99
N MET G 1 6.02 5.51 -38.27
CA MET G 1 4.66 5.05 -37.83
C MET G 1 4.40 5.31 -36.35
N ILE G 2 3.14 5.63 -36.04
CA ILE G 2 2.73 6.09 -34.69
C ILE G 2 2.47 4.94 -33.71
N GLN G 3 3.22 4.92 -32.62
CA GLN G 3 3.09 3.83 -31.66
C GLN G 3 2.80 4.31 -30.25
N ARG G 4 2.06 3.49 -29.51
CA ARG G 4 1.69 3.77 -28.13
C ARG G 4 1.66 2.51 -27.30
N THR G 5 2.29 2.53 -26.12
CA THR G 5 2.33 1.35 -25.28
C THR G 5 1.09 1.31 -24.44
N PRO G 6 0.69 0.11 -24.08
CA PRO G 6 -0.50 -0.18 -23.26
C PRO G 6 -0.37 0.36 -21.85
N LYS G 7 -1.47 0.94 -21.32
CA LYS G 7 -1.56 1.13 -19.88
C LYS G 7 -2.09 -0.22 -19.46
N ILE G 8 -1.79 -0.67 -18.27
CA ILE G 8 -2.22 -1.95 -17.78
C ILE G 8 -2.88 -1.72 -16.42
N GLN G 9 -4.11 -2.19 -16.23
CA GLN G 9 -4.69 -2.26 -14.90
C GLN G 9 -4.95 -3.73 -14.59
N VAL G 10 -4.55 -4.17 -13.39
CA VAL G 10 -4.85 -5.52 -12.92
C VAL G 10 -5.71 -5.45 -11.67
N TYR G 11 -6.83 -6.15 -11.66
CA TYR G 11 -7.80 -6.00 -10.58
C TYR G 11 -8.86 -7.11 -10.60
N SER G 12 -9.58 -7.25 -9.50
CA SER G 12 -10.65 -8.24 -9.39
C SER G 12 -12.01 -7.62 -9.72
N ARG G 13 -12.98 -8.45 -10.11
CA ARG G 13 -14.34 -7.99 -10.39
C ARG G 13 -15.02 -7.52 -9.10
N HIS G 14 -14.84 -8.29 -8.05
CA HIS G 14 -15.47 -8.04 -6.77
C HIS G 14 -14.37 -7.81 -5.74
N PRO G 15 -14.67 -7.13 -4.61
CA PRO G 15 -13.64 -6.95 -3.59
C PRO G 15 -13.11 -8.30 -3.20
N ALA G 16 -11.78 -8.45 -3.09
CA ALA G 16 -11.16 -9.76 -2.87
C ALA G 16 -11.30 -10.28 -1.43
N GLU G 17 -11.68 -11.56 -1.33
CA GLU G 17 -11.87 -12.20 -0.06
C GLU G 17 -11.26 -13.58 -0.18
N ASN G 18 -10.22 -13.89 0.60
CA ASN G 18 -9.56 -15.18 0.44
C ASN G 18 -10.51 -16.37 0.50
N GLY G 19 -10.32 -17.30 -0.44
CA GLY G 19 -11.11 -18.54 -0.48
C GLY G 19 -12.41 -18.45 -1.28
N LYS G 20 -12.78 -17.23 -1.70
CA LYS G 20 -14.05 -17.01 -2.38
C LYS G 20 -13.88 -16.65 -3.85
N SER G 21 -14.76 -17.20 -4.65
CA SER G 21 -14.71 -17.13 -6.10
C SER G 21 -14.83 -15.71 -6.66
N ASN G 22 -14.11 -15.46 -7.73
CA ASN G 22 -14.06 -14.13 -8.29
C ASN G 22 -13.51 -14.27 -9.71
N PHE G 23 -13.18 -13.11 -10.28
CA PHE G 23 -12.62 -12.96 -11.61
C PHE G 23 -11.44 -11.98 -11.49
N LEU G 24 -10.33 -12.39 -12.12
CA LEU G 24 -9.15 -11.57 -12.26
C LEU G 24 -9.20 -10.90 -13.61
N ASN G 25 -9.06 -9.58 -13.62
CA ASN G 25 -9.07 -8.79 -14.85
C ASN G 25 -7.77 -8.16 -15.13
N CYS G 26 -7.36 -8.19 -16.39
CA CYS G 26 -6.30 -7.35 -16.82
C CYS G 26 -6.84 -6.49 -17.94
N TYR G 27 -6.80 -5.19 -17.73
CA TYR G 27 -7.36 -4.28 -18.72
C TYR G 27 -6.24 -3.49 -19.37
N VAL G 28 -6.17 -3.59 -20.68
CA VAL G 28 -5.05 -3.05 -21.37
C VAL G 28 -5.64 -2.08 -22.38
N SER G 29 -5.08 -0.87 -22.45
CA SER G 29 -5.72 0.24 -23.14
C SER G 29 -4.66 1.22 -23.60
N GLY G 30 -5.02 2.24 -24.41
CA GLY G 30 -4.08 3.24 -24.93
C GLY G 30 -3.04 2.72 -25.93
N PHE G 31 -3.16 1.50 -26.43
CA PHE G 31 -2.13 0.99 -27.29
C PHE G 31 -2.38 1.04 -28.80
N HIS G 32 -1.31 1.06 -29.57
CA HIS G 32 -1.38 1.01 -31.02
C HIS G 32 0.04 0.58 -31.53
N PRO G 33 0.13 -0.34 -32.47
CA PRO G 33 -1.04 -0.98 -33.12
C PRO G 33 -1.65 -2.08 -32.28
N SER G 34 -2.59 -2.80 -32.87
CA SER G 34 -3.44 -3.65 -32.09
C SER G 34 -2.87 -4.98 -31.69
N ASP G 35 -1.86 -5.53 -32.37
CA ASP G 35 -1.32 -6.83 -31.93
C ASP G 35 -0.76 -6.69 -30.50
N ILE G 36 -1.19 -7.60 -29.63
CA ILE G 36 -0.75 -7.61 -28.25
C ILE G 36 -0.83 -9.06 -27.73
N GLU G 37 -0.02 -9.36 -26.71
CA GLU G 37 -0.11 -10.62 -25.97
C GLU G 37 -0.26 -10.33 -24.48
N VAL G 38 -1.17 -11.06 -23.86
CA VAL G 38 -1.59 -10.76 -22.51
C VAL G 38 -1.78 -12.11 -21.84
N ASP G 39 -1.12 -12.27 -20.69
CA ASP G 39 -1.20 -13.45 -19.88
C ASP G 39 -1.53 -13.04 -18.47
N LEU G 40 -2.41 -13.80 -17.86
CA LEU G 40 -2.61 -13.72 -16.45
C LEU G 40 -1.70 -14.76 -15.84
N LEU G 41 -1.04 -14.41 -14.72
CA LEU G 41 -0.14 -15.31 -14.05
C LEU G 41 -0.58 -15.65 -12.63
N LYS G 42 -0.34 -16.91 -12.29
CA LYS G 42 -0.42 -17.39 -10.94
C LYS G 42 0.99 -17.85 -10.47
N ASN G 43 1.52 -17.21 -9.42
CA ASN G 43 2.88 -17.45 -8.95
C ASN G 43 3.87 -17.61 -10.11
N GLY G 44 3.79 -16.72 -11.07
CA GLY G 44 4.73 -16.76 -12.17
C GLY G 44 4.29 -17.67 -13.31
N GLU G 45 3.34 -18.58 -13.04
CA GLU G 45 2.93 -19.56 -14.04
C GLU G 45 1.69 -19.05 -14.75
N ARG G 46 1.65 -19.17 -16.08
CA ARG G 46 0.50 -18.67 -16.82
C ARG G 46 -0.79 -19.53 -16.72
N ILE G 47 -1.91 -18.84 -16.43
CA ILE G 47 -3.26 -19.42 -16.36
C ILE G 47 -3.79 -19.78 -17.77
N GLU G 48 -4.43 -20.93 -17.90
CA GLU G 48 -4.69 -21.53 -19.22
C GLU G 48 -6.02 -21.27 -19.96
N LYS G 49 -7.04 -20.71 -19.32
CA LYS G 49 -8.32 -20.50 -20.06
C LYS G 49 -8.83 -19.05 -20.08
N VAL G 50 -7.91 -18.11 -20.18
CA VAL G 50 -8.18 -16.73 -20.08
C VAL G 50 -9.06 -16.28 -21.22
N GLU G 51 -10.02 -15.43 -20.94
CA GLU G 51 -10.85 -14.92 -21.97
C GLU G 51 -10.54 -13.43 -22.19
N HIS G 52 -11.01 -12.89 -23.30
CA HIS G 52 -10.89 -11.45 -23.54
C HIS G 52 -12.08 -10.91 -24.34
N SER G 53 -12.30 -9.61 -24.26
CA SER G 53 -13.38 -8.93 -24.94
C SER G 53 -12.99 -8.64 -26.37
N ASP G 54 -13.95 -8.21 -27.16
CA ASP G 54 -13.75 -7.89 -28.57
C ASP G 54 -13.05 -6.58 -28.68
N LEU G 55 -12.12 -6.49 -29.61
CA LEU G 55 -11.24 -5.36 -29.78
C LEU G 55 -12.09 -4.18 -30.15
N SER G 56 -11.98 -3.06 -29.43
CA SER G 56 -12.40 -1.80 -30.03
C SER G 56 -11.41 -0.70 -29.62
N PHE G 57 -11.84 0.56 -29.71
CA PHE G 57 -10.92 1.67 -29.51
C PHE G 57 -11.61 2.97 -29.08
N SER G 58 -10.80 3.88 -28.57
CA SER G 58 -11.18 5.13 -27.98
C SER G 58 -11.21 6.30 -28.95
N LYS G 59 -11.70 7.46 -28.49
CA LYS G 59 -11.74 8.71 -29.26
C LYS G 59 -10.37 8.95 -29.89
N ASP G 60 -9.35 8.62 -29.11
CA ASP G 60 -7.94 8.43 -29.47
C ASP G 60 -7.57 7.67 -30.76
N TRP G 61 -8.41 6.72 -31.12
CA TRP G 61 -8.08 5.58 -31.99
C TRP G 61 -7.26 4.49 -31.31
N SER G 62 -6.91 4.72 -30.06
CA SER G 62 -6.05 3.77 -29.35
C SER G 62 -6.94 2.63 -28.90
N PHE G 63 -6.42 1.41 -28.88
CA PHE G 63 -7.22 0.20 -28.64
C PHE G 63 -7.35 -0.11 -27.15
N TYR G 64 -8.30 -0.97 -26.81
CA TYR G 64 -8.43 -1.48 -25.46
C TYR G 64 -9.07 -2.87 -25.50
N LEU G 65 -8.80 -3.64 -24.46
CA LEU G 65 -9.18 -5.03 -24.38
C LEU G 65 -9.28 -5.33 -22.91
N LEU G 66 -10.09 -6.30 -22.54
CA LEU G 66 -10.10 -6.74 -21.18
C LEU G 66 -9.82 -8.22 -21.25
N TYR G 67 -8.88 -8.67 -20.42
CA TYR G 67 -8.62 -10.09 -20.29
C TYR G 67 -9.01 -10.54 -18.90
N TYR G 68 -9.53 -11.75 -18.77
CA TYR G 68 -10.04 -12.15 -17.51
C TYR G 68 -10.23 -13.65 -17.42
N THR G 69 -10.30 -14.10 -16.17
CA THR G 69 -10.49 -15.50 -15.83
C THR G 69 -11.08 -15.53 -14.43
N GLU G 70 -11.87 -16.57 -14.18
CA GLU G 70 -12.27 -16.96 -12.83
C GLU G 70 -11.04 -17.32 -12.01
N PHE G 71 -11.02 -16.88 -10.75
CA PHE G 71 -10.05 -17.36 -9.82
C PHE G 71 -10.55 -17.27 -8.38
N THR G 72 -9.81 -17.89 -7.47
CA THR G 72 -10.07 -17.68 -6.06
C THR G 72 -8.79 -17.21 -5.36
N PRO G 73 -8.80 -15.93 -4.92
CA PRO G 73 -7.62 -15.31 -4.27
C PRO G 73 -7.40 -15.95 -2.92
N THR G 74 -6.18 -15.85 -2.39
CA THR G 74 -5.76 -16.47 -1.11
C THR G 74 -4.70 -15.62 -0.45
N GLU G 75 -4.32 -15.95 0.76
CA GLU G 75 -3.39 -15.10 1.46
C GLU G 75 -2.09 -14.97 0.65
N LYS G 76 -1.57 -16.07 0.14
CA LYS G 76 -0.22 -16.03 -0.41
C LYS G 76 -0.03 -16.27 -1.93
N ASP G 77 -1.12 -16.52 -2.68
CA ASP G 77 -0.97 -16.60 -4.14
C ASP G 77 -0.79 -15.22 -4.74
N GLU G 78 0.30 -15.04 -5.49
CA GLU G 78 0.63 -13.83 -6.25
C GLU G 78 -0.01 -13.92 -7.63
N TYR G 79 -0.65 -12.85 -8.04
CA TYR G 79 -1.31 -12.84 -9.33
C TYR G 79 -0.78 -11.68 -10.12
N ALA G 80 -0.75 -11.81 -11.43
CA ALA G 80 -0.17 -10.76 -12.22
C ALA G 80 -0.64 -10.78 -13.67
N CYS G 81 -0.42 -9.65 -14.34
CA CYS G 81 -0.75 -9.53 -15.75
C CYS G 81 0.55 -9.28 -16.47
N ARG G 82 0.75 -9.96 -17.58
CA ARG G 82 1.98 -9.81 -18.35
C ARG G 82 1.65 -9.43 -19.77
N VAL G 83 2.27 -8.36 -20.26
CA VAL G 83 2.00 -7.98 -21.64
C VAL G 83 3.18 -7.68 -22.51
N ASN G 84 3.06 -8.06 -23.77
CA ASN G 84 4.07 -7.75 -24.76
C ASN G 84 3.37 -7.13 -25.98
N HIS G 85 4.15 -6.35 -26.73
CA HIS G 85 3.63 -5.42 -27.69
C HIS G 85 4.87 -4.86 -28.37
N VAL G 86 4.74 -4.40 -29.61
CA VAL G 86 5.91 -3.93 -30.38
C VAL G 86 6.70 -2.88 -29.60
N THR G 87 6.00 -2.05 -28.83
CA THR G 87 6.64 -0.94 -28.15
C THR G 87 7.39 -1.40 -26.91
N LEU G 88 7.22 -2.66 -26.53
CA LEU G 88 7.95 -3.21 -25.40
C LEU G 88 9.09 -4.15 -25.84
N SER G 89 10.25 -3.97 -25.26
CA SER G 89 11.28 -4.97 -25.51
C SER G 89 10.87 -6.18 -24.70
N GLN G 90 10.97 -6.04 -23.40
CA GLN G 90 10.69 -7.13 -22.53
C GLN G 90 9.22 -7.05 -22.12
N PRO G 91 8.53 -8.20 -22.13
CA PRO G 91 7.20 -8.39 -21.56
C PRO G 91 7.11 -7.68 -20.21
N LYS G 92 6.06 -6.88 -20.07
CA LYS G 92 5.89 -6.07 -18.90
C LYS G 92 5.00 -6.85 -17.98
N ILE G 93 5.41 -7.00 -16.72
CA ILE G 93 4.62 -7.64 -15.70
C ILE G 93 4.01 -6.63 -14.73
N VAL G 94 2.69 -6.63 -14.58
CA VAL G 94 2.04 -5.87 -13.49
C VAL G 94 1.34 -6.80 -12.47
N LYS G 95 1.83 -6.70 -11.23
CA LYS G 95 1.40 -7.52 -10.12
C LYS G 95 0.04 -7.05 -9.61
N TRP G 96 -0.85 -7.99 -9.32
CA TRP G 96 -2.13 -7.60 -8.74
C TRP G 96 -1.90 -7.11 -7.31
N ASP G 97 -2.33 -5.89 -7.05
CA ASP G 97 -2.42 -5.40 -5.68
C ASP G 97 -3.89 -5.33 -5.32
N ARG G 98 -4.34 -6.18 -4.43
CA ARG G 98 -5.76 -6.19 -4.09
C ARG G 98 -6.36 -4.87 -3.57
N ASP G 99 -5.58 -3.84 -3.25
CA ASP G 99 -6.21 -2.52 -3.10
C ASP G 99 -5.86 -1.46 -4.17
N MET G 100 -5.94 -1.90 -5.42
CA MET G 100 -6.03 -0.98 -6.56
C MET G 100 -6.49 -1.57 -7.87
N ARG H 1 -28.26 -1.05 -35.75
CA ARG H 1 -28.37 -1.42 -37.21
C ARG H 1 -27.42 -0.59 -38.11
N GLN H 2 -26.65 -1.31 -38.95
CA GLN H 2 -25.59 -0.72 -39.76
C GLN H 2 -26.01 0.08 -40.95
N TRP H 3 -25.18 1.06 -41.27
CA TRP H 3 -25.16 1.66 -42.57
C TRP H 3 -24.79 0.57 -43.59
N GLY H 4 -25.46 0.59 -44.74
CA GLY H 4 -25.21 -0.40 -45.77
C GLY H 4 -25.75 0.14 -47.09
N PRO H 5 -25.55 -0.60 -48.20
CA PRO H 5 -25.03 -1.97 -48.15
C PRO H 5 -23.58 -2.03 -47.70
N ASP H 6 -22.86 -0.92 -47.89
CA ASP H 6 -21.41 -0.91 -47.63
C ASP H 6 -20.85 0.47 -47.86
N PRO H 7 -19.71 0.78 -47.21
CA PRO H 7 -19.06 2.08 -47.30
C PRO H 7 -18.33 2.27 -48.60
N ALA H 8 -18.31 3.50 -49.08
CA ALA H 8 -17.43 3.89 -50.19
C ALA H 8 -15.94 3.57 -49.92
N ALA H 9 -15.18 3.26 -50.96
CA ALA H 9 -13.73 3.02 -50.83
C ALA H 9 -12.97 4.38 -50.79
N VAL H 10 -11.91 4.48 -49.98
CA VAL H 10 -11.08 5.67 -49.92
C VAL H 10 -10.27 5.84 -51.18
N ALA I 1 -40.20 -9.71 -49.54
CA ALA I 1 -39.77 -9.66 -50.99
C ALA I 1 -40.83 -9.94 -52.11
N GLU I 2 -42.07 -9.42 -51.96
CA GLU I 2 -43.10 -9.58 -52.99
C GLU I 2 -43.47 -8.25 -53.63
N VAL I 3 -43.56 -8.28 -54.95
CA VAL I 3 -43.84 -7.13 -55.75
C VAL I 3 -44.92 -7.55 -56.71
N GLU I 4 -45.90 -6.68 -56.89
CA GLU I 4 -47.04 -6.95 -57.72
C GLU I 4 -47.14 -5.88 -58.77
N GLN I 5 -47.36 -6.33 -60.00
CA GLN I 5 -47.38 -5.50 -61.14
C GLN I 5 -48.27 -6.14 -62.21
N ASP I 6 -49.21 -5.37 -62.75
CA ASP I 6 -50.12 -5.91 -63.74
C ASP I 6 -49.42 -6.15 -65.09
N PRO I 7 -49.66 -7.33 -65.71
CA PRO I 7 -48.88 -7.66 -66.93
C PRO I 7 -49.26 -6.86 -68.15
N GLY I 8 -50.46 -6.27 -68.11
CA GLY I 8 -51.01 -5.59 -69.27
C GLY I 8 -51.63 -6.66 -70.13
N PRO I 9 -51.40 -6.63 -71.44
CA PRO I 9 -50.68 -5.54 -72.10
C PRO I 9 -51.46 -4.24 -72.05
N LEU I 10 -50.77 -3.12 -71.89
CA LEU I 10 -51.40 -1.80 -72.07
C LEU I 10 -51.25 -1.40 -73.55
N SER I 11 -52.39 -1.14 -74.20
CA SER I 11 -52.40 -0.59 -75.56
C SER I 11 -53.00 0.80 -75.59
N VAL I 12 -52.21 1.74 -76.11
CA VAL I 12 -52.45 3.14 -75.95
C VAL I 12 -52.19 3.85 -77.27
N PRO I 13 -52.98 4.90 -77.62
CA PRO I 13 -52.67 5.63 -78.87
C PRO I 13 -51.51 6.64 -78.65
N GLU I 14 -50.68 6.77 -79.68
CA GLU I 14 -49.51 7.62 -79.66
C GLU I 14 -49.98 8.94 -79.16
N GLY I 15 -49.26 9.53 -78.23
CA GLY I 15 -49.54 10.90 -77.81
C GLY I 15 -50.09 10.85 -76.40
N ALA I 16 -50.58 9.68 -75.98
CA ALA I 16 -51.21 9.50 -74.69
C ALA I 16 -50.24 9.50 -73.52
N ILE I 17 -50.75 9.99 -72.37
CA ILE I 17 -50.09 9.83 -71.10
C ILE I 17 -50.29 8.36 -70.70
N VAL I 18 -49.20 7.65 -70.34
CA VAL I 18 -49.22 6.29 -69.90
C VAL I 18 -48.89 6.27 -68.40
N SER I 19 -49.55 5.41 -67.64
CA SER I 19 -49.35 5.31 -66.24
C SER I 19 -49.07 3.85 -65.86
N LEU I 20 -47.97 3.56 -65.19
CA LEU I 20 -47.58 2.21 -64.81
C LEU I 20 -47.32 2.18 -63.33
N ASN I 21 -47.68 1.09 -62.65
CA ASN I 21 -47.60 1.05 -61.19
C ASN I 21 -47.00 -0.24 -60.59
N CYS I 22 -46.51 -0.16 -59.36
CA CYS I 22 -46.16 -1.36 -58.64
C CYS I 22 -46.53 -1.17 -57.21
N THR I 23 -46.94 -2.27 -56.58
CA THR I 23 -47.14 -2.23 -55.15
C THR I 23 -46.27 -3.29 -54.52
N TYR I 24 -45.89 -3.05 -53.26
CA TYR I 24 -45.05 -3.99 -52.58
C TYR I 24 -45.52 -4.21 -51.15
N SER I 25 -44.85 -5.10 -50.42
CA SER I 25 -45.30 -5.53 -49.11
C SER I 25 -44.29 -5.31 -48.03
N ASN I 26 -43.04 -5.40 -48.42
CA ASN I 26 -41.93 -5.33 -47.51
C ASN I 26 -41.45 -3.89 -47.20
N SER I 27 -41.67 -3.56 -45.93
CA SER I 27 -41.35 -2.33 -45.27
C SER I 27 -39.91 -1.85 -45.46
N ALA I 28 -38.96 -2.79 -45.58
CA ALA I 28 -37.58 -2.42 -45.70
C ALA I 28 -37.14 -1.91 -47.07
N PHE I 29 -38.02 -1.88 -48.06
CA PHE I 29 -37.57 -1.43 -49.37
C PHE I 29 -37.39 0.08 -49.37
N GLN I 30 -36.28 0.58 -49.89
CA GLN I 30 -36.04 2.03 -49.78
C GLN I 30 -35.59 2.66 -51.05
N TYR I 31 -35.36 1.84 -52.06
CA TYR I 31 -34.83 2.32 -53.35
C TYR I 31 -35.68 1.72 -54.41
N PHE I 32 -36.12 2.56 -55.31
CA PHE I 32 -37.15 2.17 -56.26
C PHE I 32 -36.70 2.66 -57.60
N MET I 33 -36.83 1.79 -58.60
CA MET I 33 -36.34 2.15 -59.90
C MET I 33 -37.22 1.54 -60.98
N TRP I 34 -37.14 2.11 -62.15
CA TRP I 34 -37.77 1.55 -63.32
C TRP I 34 -36.81 1.24 -64.47
N TYR I 35 -37.10 0.13 -65.13
CA TYR I 35 -36.35 -0.34 -66.29
C TYR I 35 -37.32 -0.53 -67.44
N ARG I 36 -36.79 -0.36 -68.62
CA ARG I 36 -37.45 -0.65 -69.84
C ARG I 36 -36.70 -1.77 -70.54
N GLN I 37 -37.46 -2.71 -71.12
CA GLN I 37 -36.82 -3.80 -71.85
C GLN I 37 -37.52 -4.08 -73.18
N TYR I 38 -36.79 -3.81 -74.28
CA TYR I 38 -37.21 -4.19 -75.63
C TYR I 38 -37.12 -5.69 -75.83
N SER I 39 -37.99 -6.18 -76.68
CA SER I 39 -38.06 -7.59 -76.98
C SER I 39 -36.73 -8.22 -77.33
N ARG I 40 -36.48 -9.43 -76.84
CA ARG I 40 -35.20 -10.13 -77.08
C ARG I 40 -33.95 -9.27 -76.70
N LYS I 41 -34.12 -8.28 -75.82
CA LYS I 41 -33.04 -7.33 -75.41
C LYS I 41 -32.85 -7.36 -73.90
N GLY I 42 -32.06 -6.44 -73.36
CA GLY I 42 -31.71 -6.47 -71.95
C GLY I 42 -32.26 -5.28 -71.17
N PRO I 43 -32.13 -5.29 -69.85
CA PRO I 43 -32.82 -4.22 -69.13
C PRO I 43 -32.17 -2.81 -69.14
N GLU I 44 -32.95 -1.78 -69.48
CA GLU I 44 -32.41 -0.41 -69.52
C GLU I 44 -33.02 0.42 -68.40
N LEU I 45 -32.16 0.95 -67.54
CA LEU I 45 -32.60 1.72 -66.41
C LEU I 45 -33.22 3.03 -66.94
N LEU I 46 -34.37 3.44 -66.41
CA LEU I 46 -34.92 4.77 -66.69
C LEU I 46 -34.71 5.75 -65.57
N MET I 47 -35.15 5.42 -64.37
CA MET I 47 -35.30 6.45 -63.31
C MET I 47 -35.20 5.78 -61.98
N TYR I 48 -34.24 6.24 -61.18
CA TYR I 48 -34.06 5.85 -59.79
C TYR I 48 -34.47 7.01 -58.88
N THR I 49 -35.51 6.73 -58.08
CA THR I 49 -36.15 7.69 -57.18
C THR I 49 -35.79 7.28 -55.74
N TYR I 50 -34.74 8.00 -55.32
CA TYR I 50 -33.93 7.81 -54.12
C TYR I 50 -34.78 7.17 -53.04
N SER I 51 -35.38 8.01 -52.22
CA SER I 51 -36.30 7.60 -51.16
C SER I 51 -37.75 7.96 -51.57
N SER I 52 -38.53 8.52 -50.64
CA SER I 52 -39.94 8.82 -50.90
C SER I 52 -40.11 10.14 -51.69
N GLY I 53 -40.53 10.06 -52.96
CA GLY I 53 -40.78 11.28 -53.74
C GLY I 53 -41.16 11.12 -55.20
N ASN I 54 -40.99 12.22 -55.95
CA ASN I 54 -41.28 12.36 -57.41
C ASN I 54 -40.11 12.88 -58.28
N LYS I 55 -39.71 12.08 -59.27
CA LYS I 55 -38.44 12.31 -60.01
C LYS I 55 -38.62 12.40 -61.53
N GLU I 56 -38.72 13.65 -62.01
CA GLU I 56 -38.91 14.00 -63.44
C GLU I 56 -37.61 14.09 -64.30
N ASP I 57 -37.69 13.63 -65.54
CA ASP I 57 -36.68 13.82 -66.54
C ASP I 57 -37.33 13.59 -67.89
N GLY I 58 -37.41 14.65 -68.68
CA GLY I 58 -38.10 14.62 -69.97
C GLY I 58 -39.57 14.27 -69.83
N ARG I 59 -40.01 13.35 -70.65
CA ARG I 59 -41.35 12.84 -70.65
C ARG I 59 -41.69 11.92 -69.45
N PHE I 60 -40.68 11.63 -68.63
CA PHE I 60 -40.77 10.65 -67.59
C PHE I 60 -40.88 11.22 -66.18
N THR I 61 -41.86 10.70 -65.43
CA THR I 61 -41.85 10.96 -64.01
C THR I 61 -42.09 9.73 -63.14
N ALA I 62 -41.18 9.47 -62.21
CA ALA I 62 -41.33 8.33 -61.30
C ALA I 62 -41.65 8.84 -59.91
N GLN I 63 -42.39 8.07 -59.16
CA GLN I 63 -42.93 8.55 -57.88
C GLN I 63 -43.07 7.38 -56.95
N VAL I 64 -42.89 7.69 -55.70
CA VAL I 64 -42.79 6.74 -54.62
C VAL I 64 -43.68 7.27 -53.45
N ASP I 65 -44.42 6.35 -52.85
CA ASP I 65 -45.21 6.61 -51.65
C ASP I 65 -44.89 5.42 -50.78
N LYS I 66 -44.02 5.64 -49.82
CA LYS I 66 -43.60 4.52 -49.03
C LYS I 66 -44.68 4.19 -47.99
N SER I 67 -45.61 5.11 -47.72
CA SER I 67 -46.66 4.74 -46.76
C SER I 67 -47.82 3.95 -47.36
N SER I 68 -48.17 4.22 -48.61
CA SER I 68 -49.09 3.33 -49.36
C SER I 68 -48.32 2.16 -49.98
N LYS I 69 -46.98 2.18 -49.89
CA LYS I 69 -46.13 1.21 -50.59
C LYS I 69 -46.53 1.05 -52.05
N TYR I 70 -46.53 2.18 -52.74
CA TYR I 70 -47.04 2.23 -54.05
C TYR I 70 -46.08 3.13 -54.85
N ILE I 71 -45.75 2.68 -56.08
CA ILE I 71 -44.70 3.25 -56.95
C ILE I 71 -45.20 3.39 -58.39
N SER I 72 -44.81 4.48 -59.04
CA SER I 72 -45.35 4.82 -60.33
C SER I 72 -44.41 5.47 -61.29
N LEU I 73 -44.64 5.19 -62.56
CA LEU I 73 -43.99 5.83 -63.64
C LEU I 73 -45.03 6.34 -64.62
N PHE I 74 -44.88 7.62 -64.98
CA PHE I 74 -45.71 8.26 -65.98
C PHE I 74 -44.84 8.64 -67.15
N ILE I 75 -45.39 8.52 -68.36
CA ILE I 75 -44.71 8.85 -69.59
C ILE I 75 -45.65 9.72 -70.39
N ARG I 76 -45.31 10.99 -70.56
CA ARG I 76 -46.12 11.95 -71.30
C ARG I 76 -45.84 11.75 -72.78
N ASP I 77 -46.81 12.11 -73.61
CA ASP I 77 -46.58 12.19 -75.06
C ASP I 77 -45.94 10.88 -75.51
N SER I 78 -46.63 9.76 -75.28
CA SER I 78 -45.99 8.49 -75.51
C SER I 78 -45.71 8.24 -77.00
N GLN I 79 -44.62 7.54 -77.30
CA GLN I 79 -44.17 7.34 -78.67
C GLN I 79 -44.16 5.84 -79.01
N PRO I 80 -44.31 5.50 -80.31
CA PRO I 80 -44.17 4.07 -80.73
C PRO I 80 -42.87 3.41 -80.25
N SER I 81 -41.82 4.20 -80.17
CA SER I 81 -40.56 3.65 -79.67
C SER I 81 -40.59 3.37 -78.17
N ASP I 82 -41.62 3.88 -77.44
CA ASP I 82 -41.77 3.55 -76.02
C ASP I 82 -42.29 2.13 -75.87
N SER I 83 -42.72 1.50 -76.96
CA SER I 83 -43.26 0.15 -76.90
C SER I 83 -42.19 -0.80 -76.36
N ALA I 84 -42.49 -1.47 -75.23
CA ALA I 84 -41.47 -2.18 -74.44
C ALA I 84 -42.13 -2.84 -73.20
N THR I 85 -41.42 -3.70 -72.50
CA THR I 85 -41.98 -4.12 -71.24
C THR I 85 -41.32 -3.31 -70.12
N TYR I 86 -42.09 -2.84 -69.13
CA TYR I 86 -41.54 -1.98 -68.07
C TYR I 86 -41.49 -2.75 -66.79
N LEU I 87 -40.39 -2.62 -66.08
CA LEU I 87 -40.19 -3.43 -64.87
C LEU I 87 -39.80 -2.50 -63.77
N CYS I 88 -40.47 -2.62 -62.65
CA CYS I 88 -40.05 -1.86 -61.49
C CYS I 88 -39.08 -2.72 -60.67
N ALA I 89 -38.15 -2.09 -59.96
CA ALA I 89 -37.18 -2.84 -59.20
C ALA I 89 -36.98 -2.11 -57.91
N MET I 90 -36.64 -2.87 -56.86
CA MET I 90 -36.47 -2.28 -55.54
C MET I 90 -35.44 -3.00 -54.70
N ARG I 91 -34.96 -2.38 -53.64
CA ARG I 91 -34.11 -3.08 -52.69
C ARG I 91 -34.11 -2.28 -51.41
N GLY I 92 -33.49 -2.84 -50.36
CA GLY I 92 -33.18 -2.10 -49.15
C GLY I 92 -31.73 -1.69 -49.05
N ASP I 93 -31.26 -1.55 -47.81
CA ASP I 93 -29.91 -1.04 -47.61
C ASP I 93 -28.95 -2.10 -47.05
N SER I 94 -29.33 -3.36 -47.15
CA SER I 94 -28.50 -4.43 -46.64
C SER I 94 -27.82 -5.20 -47.78
N SER I 95 -28.38 -5.08 -48.98
CA SER I 95 -27.88 -5.79 -50.15
C SER I 95 -28.09 -5.01 -51.44
N TYR I 96 -27.14 -5.14 -52.38
CA TYR I 96 -27.41 -4.72 -53.77
C TYR I 96 -28.47 -5.55 -54.57
N LYS I 97 -28.98 -6.61 -53.94
CA LYS I 97 -29.91 -7.48 -54.58
C LYS I 97 -31.24 -6.76 -54.87
N LEU I 98 -31.61 -6.71 -56.15
CA LEU I 98 -32.89 -6.18 -56.65
C LEU I 98 -34.01 -7.25 -56.73
N ILE I 99 -35.20 -6.82 -56.30
CA ILE I 99 -36.43 -7.52 -56.47
C ILE I 99 -37.23 -6.84 -57.58
N PHE I 100 -37.55 -7.58 -58.62
CA PHE I 100 -38.30 -7.00 -59.74
C PHE I 100 -39.80 -7.35 -59.69
N GLY I 101 -40.62 -6.39 -60.13
CA GLY I 101 -41.96 -6.76 -60.59
C GLY I 101 -41.85 -7.54 -61.88
N SER I 102 -42.94 -8.24 -62.25
CA SER I 102 -42.93 -9.20 -63.36
C SER I 102 -43.15 -8.56 -64.70
N GLY I 103 -43.29 -7.22 -64.66
CA GLY I 103 -43.28 -6.37 -65.83
C GLY I 103 -44.65 -6.03 -66.39
N THR I 104 -44.75 -4.83 -67.00
CA THR I 104 -45.98 -4.46 -67.78
C THR I 104 -45.62 -4.26 -69.23
N ARG I 105 -46.26 -4.99 -70.14
CA ARG I 105 -46.08 -4.80 -71.59
C ARG I 105 -46.85 -3.55 -72.08
N LEU I 106 -46.12 -2.62 -72.68
CA LEU I 106 -46.68 -1.40 -73.26
C LEU I 106 -46.55 -1.36 -74.78
N LEU I 107 -47.69 -1.29 -75.44
CA LEU I 107 -47.69 -0.85 -76.83
C LEU I 107 -48.27 0.53 -77.09
N VAL I 108 -47.49 1.34 -77.75
CA VAL I 108 -47.96 2.63 -78.19
C VAL I 108 -48.27 2.56 -79.70
N ARG I 109 -49.57 2.52 -80.03
CA ARG I 109 -50.08 2.50 -81.39
C ARG I 109 -49.69 3.73 -82.21
N PRO I 110 -49.03 3.49 -83.35
CA PRO I 110 -48.56 4.59 -84.16
C PRO I 110 -49.74 5.27 -84.79
N ASP I 111 -49.69 6.58 -84.91
CA ASP I 111 -50.79 7.22 -85.58
C ASP I 111 -50.53 7.20 -87.09
N ILE I 112 -51.35 6.41 -87.81
CA ILE I 112 -51.17 6.26 -89.25
C ILE I 112 -51.89 7.37 -89.99
N GLN I 113 -51.10 8.34 -90.45
CA GLN I 113 -51.55 9.52 -91.19
C GLN I 113 -52.75 9.31 -92.15
N ASN I 114 -52.55 8.51 -93.20
CA ASN I 114 -53.63 8.14 -94.11
C ASN I 114 -53.60 6.66 -94.30
N PRO I 115 -54.54 5.93 -93.67
CA PRO I 115 -54.60 4.49 -93.94
C PRO I 115 -54.73 4.25 -95.46
N ASP I 116 -54.02 3.25 -95.99
CA ASP I 116 -54.25 2.80 -97.37
C ASP I 116 -54.43 1.30 -97.37
N PRO I 117 -55.46 0.81 -96.64
CA PRO I 117 -55.55 -0.61 -96.28
C PRO I 117 -55.66 -1.49 -97.51
N ALA I 118 -54.81 -2.51 -97.55
CA ALA I 118 -54.61 -3.35 -98.72
C ALA I 118 -54.15 -4.78 -98.36
N VAL I 119 -54.71 -5.74 -99.08
CA VAL I 119 -54.30 -7.15 -99.06
C VAL I 119 -53.60 -7.51 -100.39
N TYR I 120 -52.48 -8.22 -100.31
CA TYR I 120 -51.65 -8.56 -101.46
C TYR I 120 -51.17 -10.00 -101.41
N GLN I 121 -51.19 -10.62 -102.58
CA GLN I 121 -50.44 -11.84 -102.81
C GLN I 121 -49.03 -11.54 -103.31
N LEU I 122 -48.05 -12.22 -102.71
CA LEU I 122 -46.68 -12.21 -103.19
C LEU I 122 -46.26 -13.67 -103.43
N ARG I 123 -45.68 -13.98 -104.59
CA ARG I 123 -45.30 -15.36 -104.86
C ARG I 123 -43.84 -15.63 -104.57
N ASP I 124 -43.57 -16.83 -104.06
CA ASP I 124 -42.21 -17.30 -103.78
C ASP I 124 -41.23 -17.00 -104.91
N SER I 125 -40.01 -16.57 -104.56
CA SER I 125 -38.97 -16.30 -105.54
C SER I 125 -38.47 -17.56 -106.25
N LYS I 126 -38.34 -18.67 -105.52
CA LYS I 126 -38.16 -20.00 -106.11
C LYS I 126 -39.48 -20.41 -106.80
N SER I 127 -39.38 -20.98 -108.01
CA SER I 127 -40.59 -21.17 -108.89
C SER I 127 -41.62 -22.20 -108.38
N SER I 128 -41.63 -22.39 -107.06
CA SER I 128 -42.69 -23.11 -106.38
C SER I 128 -43.86 -22.14 -106.19
N ASP I 129 -45.01 -22.49 -106.76
CA ASP I 129 -46.22 -21.73 -106.55
C ASP I 129 -46.71 -21.90 -105.13
N LYS I 130 -45.92 -21.28 -104.25
CA LYS I 130 -46.19 -21.23 -102.85
C LYS I 130 -46.57 -19.79 -102.57
N SER I 131 -47.62 -19.66 -101.78
CA SER I 131 -48.30 -18.40 -101.64
C SER I 131 -48.06 -17.84 -100.26
N VAL I 132 -47.69 -16.57 -100.23
CA VAL I 132 -47.73 -15.77 -99.01
C VAL I 132 -48.66 -14.57 -99.13
N CYS I 133 -49.15 -14.10 -97.99
CA CYS I 133 -50.19 -13.09 -97.96
C CYS I 133 -49.88 -11.84 -97.10
N LEU I 134 -50.13 -10.65 -97.65
CA LEU I 134 -49.74 -9.41 -96.98
C LEU I 134 -50.87 -8.37 -96.82
N PHE I 135 -51.09 -7.91 -95.60
CA PHE I 135 -52.06 -6.83 -95.35
C PHE I 135 -51.34 -5.65 -94.73
N THR I 136 -51.44 -4.49 -95.37
CA THR I 136 -50.62 -3.34 -95.03
C THR I 136 -51.39 -2.04 -94.97
N ASP I 137 -50.73 -1.02 -94.41
CA ASP I 137 -51.19 0.36 -94.46
C ASP I 137 -52.55 0.61 -93.78
N PHE I 138 -53.06 -0.36 -93.02
CA PHE I 138 -54.30 -0.19 -92.27
C PHE I 138 -54.05 0.70 -91.06
N ASP I 139 -55.13 1.19 -90.44
CA ASP I 139 -55.06 2.05 -89.26
C ASP I 139 -54.50 1.27 -88.09
N SER I 140 -53.99 1.97 -87.09
CA SER I 140 -53.37 1.25 -85.98
C SER I 140 -54.43 0.67 -85.09
N GLN I 141 -55.66 1.13 -85.27
CA GLN I 141 -56.76 0.75 -84.43
C GLN I 141 -57.30 -0.63 -84.80
N THR I 142 -57.13 -1.04 -86.06
CA THR I 142 -57.55 -2.37 -86.51
C THR I 142 -56.86 -3.48 -85.72
N ASN I 143 -57.66 -4.40 -85.18
CA ASN I 143 -57.12 -5.54 -84.45
C ASN I 143 -57.50 -6.88 -85.09
N VAL I 144 -56.53 -7.79 -85.17
CA VAL I 144 -56.71 -9.11 -85.82
C VAL I 144 -55.79 -10.21 -85.24
N SER I 145 -56.33 -11.44 -85.17
CA SER I 145 -55.64 -12.67 -84.71
C SER I 145 -56.60 -13.83 -84.95
N GLN I 146 -56.46 -14.56 -86.06
CA GLN I 146 -57.54 -15.51 -86.46
C GLN I 146 -57.55 -16.89 -85.80
N SER I 147 -58.72 -17.21 -85.23
CA SER I 147 -59.04 -18.49 -84.61
C SER I 147 -59.33 -19.60 -85.65
N LYS I 148 -58.56 -19.60 -86.75
CA LYS I 148 -58.53 -20.72 -87.66
C LYS I 148 -57.25 -21.50 -87.40
N ASP I 149 -57.43 -22.61 -86.70
CA ASP I 149 -56.35 -23.51 -86.29
C ASP I 149 -55.94 -24.37 -87.48
N SER I 150 -56.83 -24.45 -88.47
CA SER I 150 -56.50 -25.05 -89.76
C SER I 150 -55.31 -24.30 -90.29
N ASP I 151 -54.42 -25.05 -90.92
CA ASP I 151 -53.12 -24.57 -91.34
C ASP I 151 -53.19 -23.30 -92.21
N VAL I 152 -53.79 -22.27 -91.63
CA VAL I 152 -53.56 -20.88 -92.00
C VAL I 152 -52.81 -20.29 -90.81
N TYR I 153 -51.94 -19.33 -91.07
CA TYR I 153 -51.18 -18.71 -90.02
C TYR I 153 -51.17 -17.24 -90.27
N ILE I 154 -51.26 -16.47 -89.20
CA ILE I 154 -51.42 -15.04 -89.27
C ILE I 154 -50.48 -14.43 -88.25
N THR I 155 -49.60 -13.54 -88.70
CA THR I 155 -48.65 -12.92 -87.78
C THR I 155 -49.30 -11.68 -87.24
N ASP I 156 -48.89 -11.27 -86.05
CA ASP I 156 -49.25 -9.99 -85.49
C ASP I 156 -48.76 -8.89 -86.37
N LYS I 157 -49.38 -7.72 -86.25
CA LYS I 157 -48.93 -6.57 -87.02
C LYS I 157 -47.53 -6.21 -86.57
N CYS I 158 -46.67 -5.79 -87.49
CA CYS I 158 -45.30 -5.32 -87.21
C CYS I 158 -45.25 -3.85 -87.64
N VAL I 159 -44.52 -3.00 -86.93
CA VAL I 159 -44.49 -1.56 -87.26
C VAL I 159 -43.17 -0.99 -87.88
N LEU I 160 -43.13 -0.88 -89.21
CA LEU I 160 -41.98 -0.31 -89.99
C LEU I 160 -42.15 1.19 -90.33
N ASP I 161 -41.18 2.01 -89.93
CA ASP I 161 -41.15 3.42 -90.34
C ASP I 161 -39.84 3.84 -91.02
N MET I 162 -39.69 3.45 -92.29
CA MET I 162 -38.45 3.62 -93.06
C MET I 162 -37.53 4.63 -92.38
N ARG I 163 -36.42 4.14 -91.84
CA ARG I 163 -35.51 4.96 -91.02
C ARG I 163 -35.21 6.35 -91.63
N SER I 164 -35.21 7.37 -90.77
CA SER I 164 -35.09 8.81 -91.12
C SER I 164 -36.08 9.35 -92.18
N MET I 165 -36.93 8.48 -92.73
CA MET I 165 -38.00 8.88 -93.67
C MET I 165 -39.26 9.29 -92.90
N ASP I 166 -40.32 9.66 -93.63
CA ASP I 166 -41.59 10.01 -93.01
C ASP I 166 -42.77 9.10 -93.45
N PHE I 167 -42.50 7.81 -93.65
CA PHE I 167 -43.55 6.82 -93.95
C PHE I 167 -43.51 5.61 -93.04
N LYS I 168 -44.46 5.58 -92.10
CA LYS I 168 -44.65 4.49 -91.11
C LYS I 168 -45.73 3.49 -91.58
N SER I 169 -45.54 2.19 -91.34
CA SER I 169 -46.49 1.19 -91.85
C SER I 169 -46.68 0.00 -90.92
N ASN I 170 -47.95 -0.38 -90.75
CA ASN I 170 -48.34 -1.65 -90.15
C ASN I 170 -48.41 -2.73 -91.21
N SER I 171 -48.10 -3.97 -90.84
CA SER I 171 -48.41 -5.10 -91.70
C SER I 171 -48.41 -6.40 -90.95
N ALA I 172 -49.10 -7.37 -91.52
CA ALA I 172 -49.14 -8.71 -91.02
C ALA I 172 -49.08 -9.60 -92.24
N VAL I 173 -48.69 -10.85 -92.02
CA VAL I 173 -48.55 -11.80 -93.11
C VAL I 173 -49.37 -13.05 -92.77
N ALA I 174 -50.04 -13.62 -93.77
CA ALA I 174 -50.70 -14.94 -93.63
C ALA I 174 -50.30 -15.88 -94.73
N TRP I 175 -50.50 -17.19 -94.54
CA TRP I 175 -50.07 -18.20 -95.53
C TRP I 175 -50.53 -19.61 -95.23
N SER I 176 -50.42 -20.47 -96.23
CA SER I 176 -50.95 -21.82 -96.13
C SER I 176 -50.42 -22.75 -97.22
N ASN I 177 -50.34 -24.03 -96.89
CA ASN I 177 -50.15 -25.05 -97.92
C ASN I 177 -51.42 -25.87 -98.12
N LYS I 178 -52.54 -25.14 -98.24
CA LYS I 178 -53.79 -25.68 -98.74
C LYS I 178 -54.09 -24.96 -100.04
N SER I 179 -54.65 -25.70 -101.00
CA SER I 179 -54.86 -25.23 -102.37
C SER I 179 -55.86 -24.09 -102.52
N ASP I 180 -56.82 -24.01 -101.60
CA ASP I 180 -57.96 -23.09 -101.74
C ASP I 180 -58.11 -22.02 -100.63
N PHE I 181 -57.00 -21.37 -100.24
CA PHE I 181 -57.03 -20.39 -99.14
C PHE I 181 -57.38 -18.93 -99.51
N ALA I 182 -56.98 -18.49 -100.71
CA ALA I 182 -57.50 -17.26 -101.35
C ALA I 182 -56.89 -15.91 -100.92
N CYS I 183 -56.56 -15.76 -99.65
CA CYS I 183 -56.04 -14.51 -99.13
C CYS I 183 -57.20 -13.58 -98.78
N ALA I 184 -57.96 -13.15 -99.79
CA ALA I 184 -59.18 -12.36 -99.55
C ALA I 184 -60.05 -13.04 -98.48
N ASN I 185 -60.37 -14.30 -98.75
CA ASN I 185 -61.15 -15.24 -97.90
C ASN I 185 -62.18 -14.69 -96.87
N ALA I 186 -62.00 -15.02 -95.59
CA ALA I 186 -62.96 -14.69 -94.52
C ALA I 186 -62.26 -14.39 -93.19
N PHE I 187 -62.10 -13.10 -92.88
CA PHE I 187 -61.32 -12.66 -91.72
C PHE I 187 -62.13 -12.16 -90.53
N ASN I 188 -61.49 -12.19 -89.36
CA ASN I 188 -62.05 -11.62 -88.14
C ASN I 188 -61.32 -10.34 -87.73
N ASN I 189 -61.30 -9.37 -88.65
CA ASN I 189 -60.80 -8.04 -88.35
C ASN I 189 -61.98 -7.14 -88.00
N SER I 190 -62.00 -6.66 -86.76
CA SER I 190 -63.20 -6.06 -86.17
C SER I 190 -63.87 -4.91 -86.95
N ILE I 191 -65.21 -4.82 -86.86
CA ILE I 191 -65.96 -3.68 -87.39
C ILE I 191 -66.18 -2.68 -86.25
N ALA J 1 -17.03 -0.18 -74.41
CA ALA J 1 -16.14 -1.36 -74.18
C ALA J 1 -16.73 -2.24 -73.04
N GLY J 2 -17.91 -2.85 -73.27
CA GLY J 2 -18.76 -3.29 -72.13
C GLY J 2 -18.62 -4.71 -71.60
N VAL J 3 -19.64 -5.14 -70.86
CA VAL J 3 -19.76 -6.49 -70.31
C VAL J 3 -19.84 -7.55 -71.41
N ILE J 4 -19.10 -8.64 -71.28
CA ILE J 4 -19.07 -9.64 -72.36
C ILE J 4 -19.53 -10.98 -71.86
N GLN J 5 -20.50 -11.57 -72.53
CA GLN J 5 -21.07 -12.75 -71.97
C GLN J 5 -20.93 -13.75 -73.02
N SER J 6 -20.70 -14.99 -72.61
CA SER J 6 -20.52 -16.03 -73.58
C SER J 6 -21.10 -17.33 -72.97
N PRO J 7 -21.72 -18.22 -73.77
CA PRO J 7 -21.96 -17.96 -75.19
C PRO J 7 -23.29 -17.15 -75.33
N ARG J 8 -23.58 -16.64 -76.50
CA ARG J 8 -24.76 -15.82 -76.69
C ARG J 8 -25.96 -16.78 -76.69
N HIS J 9 -25.78 -17.94 -77.33
CA HIS J 9 -26.79 -19.01 -77.33
C HIS J 9 -26.28 -20.33 -76.84
N GLU J 10 -27.16 -21.11 -76.22
CA GLU J 10 -26.86 -22.47 -75.84
C GLU J 10 -28.13 -23.34 -75.91
N VAL J 11 -28.09 -24.34 -76.81
CA VAL J 11 -29.14 -25.37 -76.89
C VAL J 11 -28.47 -26.68 -76.51
N THR J 12 -28.91 -27.32 -75.41
CA THR J 12 -28.38 -28.62 -74.98
C THR J 12 -29.44 -29.61 -74.59
N GLU J 13 -29.00 -30.83 -74.35
CA GLU J 13 -29.84 -31.83 -73.79
C GLU J 13 -29.68 -31.83 -72.28
N MET J 14 -30.77 -32.15 -71.57
CA MET J 14 -30.73 -32.21 -70.08
C MET J 14 -29.75 -33.31 -69.68
N GLY J 15 -29.15 -33.20 -68.51
CA GLY J 15 -28.11 -34.16 -68.10
C GLY J 15 -26.74 -33.52 -68.25
N GLN J 16 -26.57 -32.74 -69.31
CA GLN J 16 -25.34 -32.10 -69.65
C GLN J 16 -25.00 -30.97 -68.70
N GLN J 17 -23.70 -30.73 -68.53
CA GLN J 17 -23.30 -29.65 -67.70
C GLN J 17 -23.14 -28.45 -68.59
N VAL J 18 -23.69 -27.33 -68.15
CA VAL J 18 -23.68 -26.12 -68.92
C VAL J 18 -22.82 -25.11 -68.21
N THR J 19 -21.99 -24.38 -68.97
CA THR J 19 -21.21 -23.30 -68.37
C THR J 19 -21.32 -21.91 -69.05
N LEU J 20 -21.64 -20.89 -68.23
CA LEU J 20 -21.87 -19.53 -68.72
C LEU J 20 -20.76 -18.68 -68.17
N ARG J 21 -20.32 -17.73 -68.97
CA ARG J 21 -19.17 -16.91 -68.63
C ARG J 21 -19.40 -15.44 -68.85
N CYS J 22 -18.69 -14.63 -68.10
CA CYS J 22 -18.92 -13.23 -68.04
C CYS J 22 -17.59 -12.58 -67.76
N LYS J 23 -17.24 -11.60 -68.58
CA LYS J 23 -16.14 -10.68 -68.35
C LYS J 23 -16.72 -9.28 -68.04
N PRO J 24 -16.50 -8.76 -66.83
CA PRO J 24 -17.09 -7.49 -66.39
C PRO J 24 -16.34 -6.37 -67.07
N ILE J 25 -16.78 -5.13 -66.93
CA ILE J 25 -16.09 -4.01 -67.56
C ILE J 25 -14.87 -3.84 -66.70
N SER J 26 -13.72 -3.66 -67.31
CA SER J 26 -12.52 -3.67 -66.46
C SER J 26 -12.51 -2.48 -65.50
N GLY J 27 -12.04 -2.70 -64.29
CA GLY J 27 -12.16 -1.68 -63.29
C GLY J 27 -13.34 -1.95 -62.40
N HIS J 28 -14.39 -2.58 -62.93
CA HIS J 28 -15.51 -2.85 -62.07
C HIS J 28 -15.19 -3.91 -61.07
N ASP J 29 -15.72 -3.74 -59.87
CA ASP J 29 -15.49 -4.73 -58.85
C ASP J 29 -16.74 -5.33 -58.27
N TYR J 30 -17.93 -5.04 -58.82
CA TYR J 30 -19.11 -5.81 -58.47
C TYR J 30 -19.61 -6.51 -59.76
N LEU J 31 -20.10 -7.75 -59.58
CA LEU J 31 -20.61 -8.55 -60.67
C LEU J 31 -21.82 -9.38 -60.27
N PHE J 32 -22.87 -9.29 -61.06
CA PHE J 32 -24.17 -9.83 -60.73
C PHE J 32 -24.54 -10.86 -61.79
N TRP J 33 -25.16 -11.94 -61.37
CA TRP J 33 -25.79 -12.83 -62.28
C TRP J 33 -27.31 -12.79 -61.98
N TYR J 34 -28.10 -12.59 -63.05
CA TYR J 34 -29.53 -12.67 -63.05
C TYR J 34 -30.04 -13.70 -64.02
N ARG J 35 -31.29 -14.01 -63.80
CA ARG J 35 -32.02 -14.97 -64.64
C ARG J 35 -33.38 -14.34 -65.03
N GLN J 36 -33.82 -14.54 -66.27
CA GLN J 36 -35.14 -14.09 -66.66
C GLN J 36 -35.85 -15.19 -67.40
N THR J 37 -36.97 -15.64 -66.85
CA THR J 37 -37.72 -16.74 -67.45
C THR J 37 -39.09 -16.25 -67.65
N MET J 38 -39.89 -16.97 -68.40
CA MET J 38 -41.27 -16.52 -68.48
C MET J 38 -42.17 -16.81 -67.29
N MET J 39 -41.93 -17.91 -66.56
CA MET J 39 -42.64 -18.14 -65.31
C MET J 39 -42.32 -17.08 -64.21
N ARG J 40 -41.04 -17.01 -63.80
CA ARG J 40 -40.58 -16.19 -62.66
C ARG J 40 -40.14 -14.69 -62.89
N GLY J 41 -40.22 -14.14 -64.12
CA GLY J 41 -39.67 -12.77 -64.41
C GLY J 41 -38.16 -12.69 -64.11
N LEU J 42 -37.62 -11.47 -63.89
CA LEU J 42 -36.19 -11.16 -63.66
C LEU J 42 -35.78 -11.23 -62.15
N GLU J 43 -34.71 -11.98 -61.89
CA GLU J 43 -34.31 -12.32 -60.53
C GLU J 43 -32.82 -12.36 -60.43
N LEU J 44 -32.29 -11.83 -59.34
CA LEU J 44 -30.86 -12.04 -59.00
C LEU J 44 -30.52 -13.49 -58.54
N LEU J 45 -29.44 -14.05 -59.09
CA LEU J 45 -28.91 -15.33 -58.62
C LEU J 45 -27.84 -15.09 -57.56
N ILE J 46 -26.90 -14.18 -57.83
CA ILE J 46 -25.80 -13.98 -56.90
C ILE J 46 -25.09 -12.65 -57.30
N TYR J 47 -24.44 -11.99 -56.35
CA TYR J 47 -23.48 -11.01 -56.78
C TYR J 47 -22.22 -11.12 -55.96
N PHE J 48 -21.16 -10.58 -56.54
CA PHE J 48 -19.84 -10.68 -56.02
C PHE J 48 -19.37 -9.27 -55.88
N ASN J 49 -18.53 -9.08 -54.89
CA ASN J 49 -17.75 -7.88 -54.69
C ASN J 49 -16.28 -8.32 -54.48
N ASN J 50 -15.32 -7.72 -55.18
CA ASN J 50 -13.93 -8.22 -55.16
C ASN J 50 -13.81 -9.73 -55.28
N ASN J 51 -14.61 -10.36 -56.11
CA ASN J 51 -14.58 -11.78 -56.33
C ASN J 51 -15.14 -12.61 -55.18
N VAL J 52 -15.72 -11.98 -54.18
CA VAL J 52 -16.30 -12.73 -53.08
C VAL J 52 -17.85 -12.61 -53.21
N PRO J 53 -18.55 -13.75 -53.09
CA PRO J 53 -20.02 -13.81 -53.16
C PRO J 53 -20.59 -13.05 -51.97
N ILE J 54 -21.38 -12.03 -52.21
CA ILE J 54 -21.88 -11.24 -51.11
C ILE J 54 -23.31 -11.68 -50.78
N ASP J 55 -24.10 -11.92 -51.83
CA ASP J 55 -25.47 -12.32 -51.67
C ASP J 55 -25.80 -13.37 -52.68
N ASP J 56 -26.30 -14.41 -52.10
CA ASP J 56 -26.36 -15.74 -52.59
C ASP J 56 -27.84 -16.22 -52.66
N SER J 57 -28.71 -15.45 -51.98
CA SER J 57 -30.06 -15.91 -51.60
C SER J 57 -30.90 -16.34 -52.81
N GLY J 58 -30.67 -15.81 -53.99
CA GLY J 58 -31.41 -16.30 -55.16
C GLY J 58 -30.89 -17.53 -55.89
N MET J 59 -29.76 -18.09 -55.43
CA MET J 59 -29.19 -19.28 -56.07
C MET J 59 -30.02 -20.52 -55.81
N PRO J 60 -30.38 -21.26 -56.86
CA PRO J 60 -31.04 -22.55 -56.58
C PRO J 60 -30.20 -23.38 -55.60
N GLU J 61 -30.89 -24.17 -54.78
CA GLU J 61 -30.26 -24.89 -53.69
C GLU J 61 -29.37 -26.03 -54.19
N ASP J 62 -29.54 -26.44 -55.45
CA ASP J 62 -28.80 -27.58 -55.96
C ASP J 62 -28.50 -27.33 -57.44
N ARG J 63 -27.37 -27.90 -57.94
CA ARG J 63 -27.02 -27.91 -59.38
C ARG J 63 -26.39 -26.60 -59.91
N PHE J 64 -26.42 -25.52 -59.12
CA PHE J 64 -25.88 -24.22 -59.61
C PHE J 64 -24.70 -23.79 -58.75
N SER J 65 -23.60 -23.43 -59.38
CA SER J 65 -22.52 -22.82 -58.56
C SER J 65 -21.89 -21.73 -59.38
N ALA J 66 -21.43 -20.70 -58.71
CA ALA J 66 -21.05 -19.49 -59.37
C ALA J 66 -19.71 -19.18 -58.86
N LYS J 67 -18.82 -18.79 -59.75
CA LYS J 67 -17.44 -18.55 -59.33
C LYS J 67 -16.84 -17.32 -59.96
N MET J 68 -15.93 -16.68 -59.24
CA MET J 68 -15.14 -15.64 -59.84
C MET J 68 -13.63 -15.83 -59.52
N PRO J 69 -12.91 -16.60 -60.35
CA PRO J 69 -11.48 -16.88 -60.08
C PRO J 69 -10.63 -15.64 -60.12
N ASN J 70 -11.02 -14.58 -60.82
CA ASN J 70 -10.15 -13.39 -60.75
C ASN J 70 -11.09 -12.30 -61.10
N ALA J 71 -10.62 -11.05 -61.09
CA ALA J 71 -11.56 -9.92 -61.21
C ALA J 71 -12.06 -9.75 -62.64
N SER J 72 -11.52 -10.47 -63.63
CA SER J 72 -11.93 -10.34 -65.05
C SER J 72 -12.84 -11.43 -65.57
N PHE J 73 -13.32 -12.34 -64.71
CA PHE J 73 -13.93 -13.54 -65.26
C PHE J 73 -14.78 -14.23 -64.20
N SER J 74 -16.08 -14.44 -64.48
CA SER J 74 -16.95 -15.19 -63.58
C SER J 74 -17.65 -16.27 -64.38
N THR J 75 -17.87 -17.41 -63.73
CA THR J 75 -18.68 -18.46 -64.37
C THR J 75 -19.87 -18.86 -63.53
N LEU J 76 -20.93 -19.22 -64.20
CA LEU J 76 -22.03 -19.86 -63.53
C LEU J 76 -22.26 -21.20 -64.19
N LYS J 77 -22.19 -22.25 -63.39
CA LYS J 77 -22.37 -23.61 -63.87
C LYS J 77 -23.53 -24.33 -63.30
N ILE J 78 -24.12 -25.14 -64.18
CA ILE J 78 -25.26 -25.95 -63.91
C ILE J 78 -24.95 -27.35 -64.31
N GLN J 79 -25.03 -28.26 -63.34
CA GLN J 79 -24.80 -29.68 -63.58
C GLN J 79 -25.56 -30.45 -62.53
N PRO J 80 -26.39 -31.39 -62.93
CA PRO J 80 -26.83 -31.51 -64.31
C PRO J 80 -27.86 -30.41 -64.69
N SER J 81 -27.90 -29.98 -65.95
CA SER J 81 -28.98 -29.14 -66.44
C SER J 81 -30.31 -29.89 -66.62
N GLU J 82 -31.39 -29.14 -66.42
CA GLU J 82 -32.77 -29.64 -66.52
C GLU J 82 -33.56 -28.62 -67.32
N PRO J 83 -34.65 -29.06 -67.96
CA PRO J 83 -35.40 -28.15 -68.83
C PRO J 83 -35.88 -26.89 -68.10
N ARG J 84 -36.30 -27.02 -66.85
CA ARG J 84 -36.71 -25.85 -66.08
C ARG J 84 -35.63 -24.80 -66.00
N ASP J 85 -34.38 -25.11 -66.31
CA ASP J 85 -33.32 -24.10 -66.22
C ASP J 85 -33.31 -23.12 -67.39
N SER J 86 -34.05 -23.43 -68.44
CA SER J 86 -34.10 -22.58 -69.62
C SER J 86 -34.42 -21.12 -69.26
N ALA J 87 -33.69 -20.19 -69.83
CA ALA J 87 -33.84 -18.82 -69.44
C ALA J 87 -32.86 -17.98 -70.22
N VAL J 88 -32.98 -16.64 -70.15
CA VAL J 88 -31.90 -15.68 -70.51
C VAL J 88 -31.16 -15.39 -69.20
N TYR J 89 -29.84 -15.54 -69.17
CA TYR J 89 -29.08 -15.27 -67.96
C TYR J 89 -28.29 -14.05 -68.31
N PHE J 90 -28.38 -13.03 -67.44
CA PHE J 90 -27.68 -11.77 -67.65
C PHE J 90 -26.55 -11.63 -66.65
N CYS J 91 -25.53 -10.88 -67.04
CA CYS J 91 -24.44 -10.67 -66.16
C CYS J 91 -24.42 -9.18 -66.16
N ALA J 92 -24.11 -8.58 -65.01
CA ALA J 92 -23.97 -7.14 -64.96
C ALA J 92 -22.82 -6.83 -64.08
N SER J 93 -22.31 -5.67 -64.30
CA SER J 93 -21.15 -5.22 -63.66
C SER J 93 -21.37 -3.81 -63.15
N SER J 94 -20.80 -3.46 -62.00
CA SER J 94 -20.81 -2.06 -61.54
C SER J 94 -19.66 -1.61 -60.62
N LEU J 95 -19.71 -0.35 -60.19
CA LEU J 95 -18.81 0.29 -59.18
C LEU J 95 -19.70 0.90 -58.11
N TRP J 96 -19.13 1.10 -56.92
CA TRP J 96 -19.86 1.65 -55.82
C TRP J 96 -20.64 2.95 -56.19
N GLU J 97 -19.94 3.84 -56.89
CA GLU J 97 -20.36 5.22 -57.27
C GLU J 97 -21.55 5.15 -58.28
N LYS J 98 -21.67 4.01 -58.96
CA LYS J 98 -22.76 3.83 -59.92
C LYS J 98 -23.93 3.13 -59.22
N LEU J 99 -23.59 2.21 -58.32
CA LEU J 99 -24.59 1.49 -57.59
C LEU J 99 -25.32 2.49 -56.69
N ALA J 100 -24.67 3.59 -56.31
CA ALA J 100 -25.34 4.50 -55.36
C ALA J 100 -26.46 5.29 -56.05
N LYS J 101 -26.47 5.26 -57.39
CA LYS J 101 -27.54 5.88 -58.17
C LYS J 101 -28.28 4.76 -58.85
N ASN J 102 -28.05 3.54 -58.41
CA ASN J 102 -28.66 2.32 -58.97
C ASN J 102 -28.35 1.90 -60.42
N ILE J 103 -27.16 2.25 -60.88
CA ILE J 103 -26.74 1.97 -62.25
C ILE J 103 -25.89 0.75 -62.21
N GLN J 104 -26.13 -0.13 -63.16
CA GLN J 104 -25.28 -1.28 -63.33
C GLN J 104 -25.17 -1.49 -64.83
N TYR J 105 -24.11 -2.15 -65.30
CA TYR J 105 -23.99 -2.38 -66.76
C TYR J 105 -24.21 -3.85 -67.07
N PHE J 106 -25.14 -4.11 -68.00
CA PHE J 106 -25.58 -5.45 -68.41
C PHE J 106 -24.84 -5.91 -69.67
N GLY J 107 -24.44 -7.18 -69.64
CA GLY J 107 -24.09 -7.88 -70.86
C GLY J 107 -25.32 -8.19 -71.71
N ALA J 108 -25.09 -8.54 -72.96
CA ALA J 108 -26.10 -8.97 -73.91
C ALA J 108 -26.92 -10.21 -73.46
N GLY J 109 -26.51 -10.95 -72.47
CA GLY J 109 -27.30 -12.11 -72.14
C GLY J 109 -26.82 -13.42 -72.71
N THR J 110 -26.99 -14.51 -71.99
CA THR J 110 -26.98 -15.75 -72.70
C THR J 110 -28.32 -16.43 -72.75
N ARG J 111 -28.74 -16.80 -73.94
CA ARG J 111 -29.98 -17.47 -74.11
C ARG J 111 -29.85 -19.00 -74.03
N LEU J 112 -30.40 -19.60 -72.97
CA LEU J 112 -30.30 -21.02 -72.74
C LEU J 112 -31.59 -21.80 -72.89
N SER J 113 -31.58 -22.80 -73.78
CA SER J 113 -32.60 -23.87 -73.85
C SER J 113 -32.05 -25.26 -73.47
N VAL J 114 -32.55 -25.82 -72.39
CA VAL J 114 -32.23 -27.17 -71.99
C VAL J 114 -33.46 -28.03 -72.27
N LEU J 115 -33.32 -28.88 -73.27
CA LEU J 115 -34.37 -29.70 -73.85
C LEU J 115 -34.44 -31.15 -73.34
N GLU J 116 -35.65 -31.68 -73.32
CA GLU J 116 -35.86 -33.07 -72.99
C GLU J 116 -35.27 -34.00 -74.03
N ASP J 117 -35.39 -33.63 -75.30
CA ASP J 117 -35.16 -34.51 -76.41
C ASP J 117 -34.67 -33.67 -77.56
N LEU J 118 -33.39 -33.83 -77.89
CA LEU J 118 -32.82 -33.22 -79.08
C LEU J 118 -33.51 -33.59 -80.37
N LYS J 119 -34.26 -34.69 -80.39
CA LYS J 119 -34.99 -35.08 -81.61
C LYS J 119 -36.03 -34.04 -81.98
N ASN J 120 -36.27 -33.10 -81.08
CA ASN J 120 -37.22 -32.02 -81.26
C ASN J 120 -36.64 -30.78 -81.97
N VAL J 121 -35.31 -30.76 -82.14
CA VAL J 121 -34.60 -29.64 -82.75
C VAL J 121 -34.66 -29.69 -84.31
N PHE J 122 -35.16 -28.62 -84.91
CA PHE J 122 -35.22 -28.46 -86.35
C PHE J 122 -34.72 -27.04 -86.72
N PRO J 123 -33.95 -26.92 -87.79
CA PRO J 123 -33.56 -25.60 -88.28
C PRO J 123 -34.72 -25.03 -89.11
N PRO J 124 -34.62 -23.75 -89.53
CA PRO J 124 -35.73 -23.16 -90.29
C PRO J 124 -35.66 -23.48 -91.77
N GLU J 125 -36.84 -23.57 -92.40
CA GLU J 125 -36.90 -23.43 -93.86
C GLU J 125 -37.22 -21.96 -94.14
N VAL J 126 -36.60 -21.44 -95.17
CA VAL J 126 -36.63 -20.01 -95.41
C VAL J 126 -37.00 -19.75 -96.87
N ALA J 127 -38.02 -18.91 -97.09
CA ALA J 127 -38.34 -18.41 -98.42
C ALA J 127 -38.43 -16.88 -98.45
N VAL J 128 -38.33 -16.34 -99.66
CA VAL J 128 -38.48 -14.94 -99.93
C VAL J 128 -39.57 -14.76 -100.98
N PHE J 129 -40.53 -13.89 -100.67
CA PHE J 129 -41.64 -13.63 -101.59
C PHE J 129 -41.56 -12.23 -102.21
N GLU J 130 -41.90 -12.16 -103.51
CA GLU J 130 -41.69 -10.99 -104.34
C GLU J 130 -42.79 -9.95 -104.14
N PRO J 131 -42.44 -8.65 -104.27
CA PRO J 131 -43.44 -7.57 -104.12
C PRO J 131 -44.56 -7.76 -105.07
N SER J 132 -45.79 -7.67 -104.58
CA SER J 132 -46.99 -7.69 -105.43
C SER J 132 -46.91 -6.64 -106.56
N GLU J 133 -47.45 -7.00 -107.74
CA GLU J 133 -47.63 -6.06 -108.88
C GLU J 133 -48.64 -4.98 -108.55
N ALA J 134 -49.76 -5.40 -107.94
CA ALA J 134 -50.77 -4.51 -107.38
C ALA J 134 -50.21 -3.45 -106.42
N GLU J 135 -49.35 -3.85 -105.47
CA GLU J 135 -48.74 -2.89 -104.52
C GLU J 135 -47.93 -1.85 -105.29
N ILE J 136 -47.05 -2.34 -106.16
CA ILE J 136 -46.29 -1.51 -107.11
C ILE J 136 -47.18 -0.51 -107.85
N SER J 137 -48.35 -0.98 -108.28
CA SER J 137 -49.31 -0.13 -108.94
C SER J 137 -49.81 1.00 -108.01
N HIS J 138 -50.35 0.61 -106.85
CA HIS J 138 -51.05 1.54 -105.94
C HIS J 138 -50.15 2.51 -105.18
N THR J 139 -48.94 2.09 -104.86
CA THR J 139 -48.13 2.79 -103.85
C THR J 139 -46.76 3.29 -104.30
N GLN J 140 -46.23 2.73 -105.39
CA GLN J 140 -44.82 2.93 -105.79
C GLN J 140 -43.81 2.44 -104.75
N LYS J 141 -44.30 1.69 -103.77
CA LYS J 141 -43.42 1.05 -102.79
C LYS J 141 -43.47 -0.43 -103.11
N ALA J 142 -42.59 -1.23 -102.51
CA ALA J 142 -42.56 -2.65 -102.85
C ALA J 142 -42.09 -3.48 -101.67
N THR J 143 -42.94 -4.37 -101.18
CA THR J 143 -42.57 -5.14 -99.99
C THR J 143 -42.14 -6.56 -100.30
N LEU J 144 -40.92 -6.89 -99.90
CA LEU J 144 -40.48 -8.27 -99.85
C LEU J 144 -40.89 -8.86 -98.49
N VAL J 145 -41.08 -10.17 -98.47
CA VAL J 145 -41.42 -10.86 -97.26
C VAL J 145 -40.52 -12.10 -97.17
N CYS J 146 -39.99 -12.30 -95.97
CA CYS J 146 -39.14 -13.43 -95.67
C CYS J 146 -39.85 -14.24 -94.62
N LEU J 147 -40.14 -15.48 -94.95
CA LEU J 147 -40.81 -16.41 -94.05
C LEU J 147 -39.85 -17.51 -93.63
N ALA J 148 -39.72 -17.66 -92.33
CA ALA J 148 -38.93 -18.72 -91.80
C ALA J 148 -39.86 -19.59 -90.98
N THR J 149 -39.86 -20.89 -91.23
CA THR J 149 -40.85 -21.73 -90.60
C THR J 149 -40.22 -23.06 -90.17
N GLY J 150 -40.89 -23.74 -89.25
CA GLY J 150 -40.59 -25.10 -88.84
C GLY J 150 -39.45 -25.28 -87.85
N PHE J 151 -39.02 -24.20 -87.18
CA PHE J 151 -37.85 -24.28 -86.32
C PHE J 151 -38.11 -24.47 -84.86
N TYR J 152 -37.23 -25.23 -84.21
CA TYR J 152 -37.31 -25.45 -82.79
C TYR J 152 -35.88 -25.70 -82.27
N PRO J 153 -35.48 -25.15 -81.14
CA PRO J 153 -36.29 -24.23 -80.33
C PRO J 153 -36.15 -22.85 -80.94
N ASP J 154 -36.55 -21.77 -80.27
CA ASP J 154 -36.53 -20.52 -81.02
C ASP J 154 -35.30 -19.63 -80.73
N HIS J 155 -34.33 -19.77 -81.60
CA HIS J 155 -33.06 -19.09 -81.44
C HIS J 155 -32.72 -18.82 -82.86
N VAL J 156 -33.30 -17.76 -83.38
CA VAL J 156 -33.07 -17.38 -84.74
C VAL J 156 -32.80 -15.89 -84.75
N GLU J 157 -31.97 -15.47 -85.69
CA GLU J 157 -31.70 -14.05 -85.92
C GLU J 157 -31.76 -13.91 -87.41
N LEU J 158 -32.63 -13.02 -87.84
CA LEU J 158 -33.03 -12.77 -89.20
C LEU J 158 -32.38 -11.49 -89.62
N SER J 159 -31.98 -11.44 -90.88
CA SER J 159 -31.17 -10.36 -91.35
C SER J 159 -31.48 -10.20 -92.82
N TRP J 160 -31.49 -8.95 -93.27
CA TRP J 160 -31.60 -8.66 -94.70
C TRP J 160 -30.31 -8.07 -95.21
N TRP J 161 -29.89 -8.53 -96.38
CA TRP J 161 -28.68 -8.05 -97.00
C TRP J 161 -29.10 -7.63 -98.39
N VAL J 162 -28.44 -6.59 -98.91
CA VAL J 162 -28.75 -6.03 -100.23
C VAL J 162 -27.41 -5.67 -100.86
N ASN J 163 -27.12 -6.26 -102.01
CA ASN J 163 -25.83 -6.15 -102.67
C ASN J 163 -24.61 -6.34 -101.77
N GLY J 164 -24.76 -7.24 -100.81
CA GLY J 164 -23.67 -7.59 -99.93
C GLY J 164 -23.59 -6.80 -98.63
N LYS J 165 -24.40 -5.75 -98.47
CA LYS J 165 -24.44 -4.95 -97.23
C LYS J 165 -25.71 -5.28 -96.44
N GLU J 166 -25.58 -5.39 -95.12
CA GLU J 166 -26.77 -5.65 -94.30
C GLU J 166 -27.59 -4.38 -94.24
N VAL J 167 -28.90 -4.50 -94.42
CA VAL J 167 -29.72 -3.29 -94.35
C VAL J 167 -30.66 -3.23 -93.16
N HIS J 168 -31.01 -2.00 -92.77
CA HIS J 168 -31.89 -1.77 -91.66
C HIS J 168 -33.14 -1.00 -92.01
N SER J 169 -33.04 -0.13 -93.03
CA SER J 169 -34.20 0.70 -93.42
C SER J 169 -35.34 -0.12 -93.99
N GLY J 170 -36.58 0.20 -93.63
CA GLY J 170 -37.74 -0.48 -94.16
C GLY J 170 -37.90 -1.90 -93.63
N VAL J 171 -37.06 -2.30 -92.68
CA VAL J 171 -37.14 -3.64 -92.15
C VAL J 171 -38.04 -3.69 -90.94
N CYS J 172 -38.88 -4.71 -90.91
CA CYS J 172 -39.76 -4.97 -89.80
C CYS J 172 -39.82 -6.44 -89.59
N THR J 173 -39.41 -6.89 -88.43
CA THR J 173 -39.57 -8.31 -88.22
C THR J 173 -40.33 -8.62 -86.94
N ASP J 174 -41.25 -9.59 -87.00
CA ASP J 174 -42.09 -9.94 -85.85
C ASP J 174 -41.24 -9.97 -84.61
N PRO J 175 -41.63 -9.21 -83.58
CA PRO J 175 -40.82 -9.27 -82.37
C PRO J 175 -40.92 -10.63 -81.72
N GLN J 176 -42.05 -11.32 -81.88
CA GLN J 176 -42.20 -12.72 -81.40
C GLN J 176 -42.42 -13.72 -82.54
N PRO J 177 -41.91 -14.97 -82.37
CA PRO J 177 -42.16 -16.09 -83.26
C PRO J 177 -43.57 -16.72 -83.06
N LEU J 178 -44.16 -17.31 -84.10
CA LEU J 178 -45.49 -17.98 -83.95
C LEU J 178 -45.36 -19.46 -83.73
N LYS J 179 -46.24 -20.03 -82.91
CA LYS J 179 -46.31 -21.47 -82.77
C LYS J 179 -47.08 -22.06 -83.94
N GLU J 180 -46.47 -23.02 -84.64
CA GLU J 180 -47.14 -23.68 -85.77
C GLU J 180 -48.28 -24.61 -85.28
N GLN J 181 -48.09 -25.20 -84.11
CA GLN J 181 -49.14 -25.98 -83.47
C GLN J 181 -49.38 -25.45 -82.05
N PRO J 182 -50.09 -24.31 -81.95
CA PRO J 182 -50.21 -23.46 -80.76
C PRO J 182 -50.71 -24.20 -79.53
N ALA J 183 -51.45 -25.28 -79.78
CA ALA J 183 -51.89 -26.19 -78.73
C ALA J 183 -50.70 -26.92 -78.13
N LEU J 184 -49.92 -27.60 -78.98
CA LEU J 184 -48.74 -28.35 -78.56
C LEU J 184 -47.72 -27.55 -77.75
N ASN J 185 -47.07 -28.23 -76.81
CA ASN J 185 -46.10 -27.59 -75.94
C ASN J 185 -44.84 -27.24 -76.70
N ASP J 186 -44.30 -28.26 -77.37
CA ASP J 186 -43.01 -28.16 -78.02
C ASP J 186 -43.14 -27.94 -79.51
N SER J 187 -44.20 -27.21 -79.88
CA SER J 187 -44.46 -26.86 -81.26
C SER J 187 -43.30 -26.12 -81.93
N ARG J 188 -43.15 -26.39 -83.21
CA ARG J 188 -42.18 -25.70 -84.00
C ARG J 188 -42.60 -24.25 -84.21
N TYR J 189 -41.66 -23.41 -84.64
CA TYR J 189 -41.93 -21.98 -84.76
C TYR J 189 -41.87 -21.48 -86.17
N ALA J 190 -42.40 -20.27 -86.36
CA ALA J 190 -42.24 -19.47 -87.58
C ALA J 190 -42.08 -18.00 -87.25
N LEU J 191 -41.54 -17.27 -88.21
CA LEU J 191 -41.19 -15.88 -88.02
C LEU J 191 -41.29 -15.28 -89.41
N SER J 192 -41.76 -14.04 -89.51
CA SER J 192 -41.78 -13.29 -90.78
C SER J 192 -41.06 -11.95 -90.63
N SER J 193 -40.56 -11.43 -91.73
CA SER J 193 -39.95 -10.12 -91.76
C SER J 193 -40.40 -9.48 -93.06
N ARG J 194 -40.27 -8.17 -93.17
CA ARG J 194 -40.57 -7.50 -94.45
C ARG J 194 -39.56 -6.41 -94.75
N LEU J 195 -39.18 -6.30 -96.02
CA LEU J 195 -38.25 -5.28 -96.46
C LEU J 195 -39.01 -4.49 -97.50
N ARG J 196 -39.16 -3.20 -97.29
CA ARG J 196 -39.83 -2.36 -98.28
C ARG J 196 -38.84 -1.36 -98.84
N VAL J 197 -38.85 -1.27 -100.15
CA VAL J 197 -38.01 -0.35 -100.88
C VAL J 197 -38.94 0.33 -101.87
N SER J 198 -38.43 1.31 -102.62
CA SER J 198 -39.22 1.96 -103.67
C SER J 198 -39.50 1.04 -104.88
N ALA J 199 -40.45 1.44 -105.70
CA ALA J 199 -40.76 0.72 -106.94
C ALA J 199 -39.55 0.70 -107.83
N THR J 200 -38.75 1.75 -107.74
CA THR J 200 -37.57 1.95 -108.58
C THR J 200 -36.48 0.98 -108.21
N PHE J 201 -36.27 0.79 -106.91
CA PHE J 201 -35.16 -0.02 -106.46
C PHE J 201 -35.39 -1.52 -106.73
N TRP J 202 -36.63 -1.96 -106.67
CA TRP J 202 -36.97 -3.34 -106.95
C TRP J 202 -36.91 -3.65 -108.45
N GLN J 203 -37.13 -2.62 -109.25
CA GLN J 203 -37.22 -2.77 -110.69
C GLN J 203 -35.87 -2.83 -111.38
N ASP J 204 -34.83 -2.45 -110.65
CA ASP J 204 -33.47 -2.54 -111.13
C ASP J 204 -32.94 -3.96 -110.92
N PRO J 205 -32.49 -4.62 -112.01
CA PRO J 205 -31.96 -5.99 -111.94
C PRO J 205 -30.51 -6.11 -111.40
N ARG J 206 -29.83 -4.98 -111.23
CA ARG J 206 -28.58 -4.90 -110.45
C ARG J 206 -28.79 -5.20 -108.93
N ASN J 207 -30.04 -5.27 -108.48
CA ASN J 207 -30.33 -5.37 -107.05
C ASN J 207 -30.65 -6.76 -106.51
N HIS J 208 -29.88 -7.16 -105.50
CA HIS J 208 -29.83 -8.52 -105.02
C HIS J 208 -30.25 -8.60 -103.55
N PHE J 209 -31.40 -9.23 -103.29
CA PHE J 209 -31.97 -9.29 -101.95
C PHE J 209 -31.73 -10.68 -101.38
N ARG J 210 -31.19 -10.73 -100.16
CA ARG J 210 -30.98 -11.99 -99.46
C ARG J 210 -31.50 -11.81 -98.05
N CYS J 211 -32.39 -12.72 -97.68
CA CYS J 211 -32.86 -12.82 -96.32
C CYS J 211 -32.06 -13.92 -95.63
N GLN J 212 -31.48 -13.62 -94.47
CA GLN J 212 -30.51 -14.47 -93.78
C GLN J 212 -31.03 -14.77 -92.38
N VAL J 213 -31.20 -16.06 -92.11
CA VAL J 213 -31.65 -16.54 -90.82
C VAL J 213 -30.57 -17.39 -90.18
N GLN J 214 -30.04 -16.89 -89.06
CA GLN J 214 -29.12 -17.64 -88.23
C GLN J 214 -29.91 -18.45 -87.18
N PHE J 215 -29.66 -19.76 -87.16
CA PHE J 215 -30.28 -20.72 -86.23
C PHE J 215 -29.25 -21.25 -85.24
N TYR J 216 -29.66 -21.42 -83.99
CA TYR J 216 -28.78 -21.99 -82.99
C TYR J 216 -29.37 -23.34 -82.63
N GLY J 217 -28.62 -24.41 -82.84
CA GLY J 217 -29.10 -25.78 -82.60
C GLY J 217 -27.99 -26.58 -81.94
N LEU J 218 -27.74 -27.78 -82.43
CA LEU J 218 -26.69 -28.64 -81.88
C LEU J 218 -25.28 -28.21 -82.30
N SER J 219 -24.26 -28.74 -81.65
CA SER J 219 -22.89 -28.41 -82.00
C SER J 219 -22.12 -29.71 -82.16
N GLU J 220 -20.79 -29.64 -82.20
CA GLU J 220 -19.94 -30.81 -82.36
C GLU J 220 -20.11 -31.83 -81.28
N ASN J 221 -20.21 -31.38 -80.03
CA ASN J 221 -20.24 -32.30 -78.89
C ASN J 221 -21.48 -33.16 -78.82
N ASP J 222 -22.61 -32.63 -79.29
CA ASP J 222 -23.86 -33.34 -79.24
C ASP J 222 -23.79 -34.55 -80.16
N GLU J 223 -24.19 -35.69 -79.62
CA GLU J 223 -24.38 -36.89 -80.41
C GLU J 223 -25.66 -36.72 -81.23
N TRP J 224 -25.67 -37.31 -82.43
CA TRP J 224 -26.85 -37.41 -83.28
C TRP J 224 -26.78 -38.72 -84.07
N THR J 225 -27.81 -39.55 -83.95
CA THR J 225 -27.83 -40.86 -84.61
C THR J 225 -29.04 -41.04 -85.55
N GLN J 226 -29.80 -39.98 -85.75
CA GLN J 226 -31.03 -40.02 -86.52
C GLN J 226 -30.79 -40.07 -87.99
N ASP J 227 -31.80 -40.60 -88.66
CA ASP J 227 -32.04 -40.46 -90.10
C ASP J 227 -31.65 -39.09 -90.65
N ARG J 228 -32.34 -38.05 -90.22
CA ARG J 228 -32.25 -36.74 -90.84
C ARG J 228 -30.98 -36.01 -90.48
N ALA J 229 -30.65 -35.01 -91.28
CA ALA J 229 -29.50 -34.14 -91.08
C ALA J 229 -29.44 -33.65 -89.64
N LYS J 230 -28.25 -33.64 -89.03
CA LYS J 230 -28.07 -33.10 -87.69
C LYS J 230 -28.43 -31.59 -87.59
N PRO J 231 -29.46 -31.23 -86.80
CA PRO J 231 -29.92 -29.84 -86.69
C PRO J 231 -28.92 -28.92 -85.98
N VAL J 232 -27.84 -28.60 -86.68
CA VAL J 232 -26.67 -28.02 -86.09
C VAL J 232 -26.91 -26.50 -86.16
N THR J 233 -26.20 -25.70 -85.35
CA THR J 233 -26.32 -24.28 -85.54
C THR J 233 -25.86 -23.90 -86.95
N GLN J 234 -26.69 -23.15 -87.67
CA GLN J 234 -26.42 -22.90 -89.08
C GLN J 234 -27.12 -21.68 -89.59
N ILE J 235 -26.66 -21.24 -90.77
CA ILE J 235 -27.27 -20.16 -91.55
C ILE J 235 -28.12 -20.71 -92.72
N VAL J 236 -29.41 -20.35 -92.73
CA VAL J 236 -30.31 -20.64 -93.83
C VAL J 236 -30.79 -19.34 -94.42
N SER J 237 -30.73 -19.23 -95.73
CA SER J 237 -31.14 -18.01 -96.40
C SER J 237 -31.89 -18.26 -97.72
N ALA J 238 -32.66 -17.25 -98.15
CA ALA J 238 -33.34 -17.25 -99.46
C ALA J 238 -33.15 -15.86 -100.11
N GLU J 239 -33.40 -15.75 -101.40
CA GLU J 239 -32.84 -14.70 -102.23
C GLU J 239 -33.85 -14.23 -103.28
N ALA J 240 -33.67 -13.02 -103.79
CA ALA J 240 -34.50 -12.53 -104.86
C ALA J 240 -33.80 -11.44 -105.64
N TRP J 241 -34.13 -11.37 -106.92
CA TRP J 241 -33.50 -10.44 -107.82
C TRP J 241 -34.44 -9.37 -108.28
N GLY J 242 -33.90 -8.16 -108.33
CA GLY J 242 -34.53 -7.00 -108.93
C GLY J 242 -34.94 -7.29 -110.36
N ARG J 243 -36.18 -6.92 -110.68
CA ARG J 243 -36.84 -7.30 -111.92
C ARG J 243 -37.50 -6.06 -112.58
N ALA J 244 -36.85 -5.53 -113.63
CA ALA J 244 -37.39 -4.41 -114.44
C ALA J 244 -38.78 -4.69 -115.06
N ASP J 245 -38.99 -5.94 -115.48
CA ASP J 245 -40.31 -6.41 -115.92
C ASP J 245 -41.25 -6.40 -114.72
C1 EDO K . 1.50 1.69 34.85
O1 EDO K . 2.62 1.40 34.00
C2 EDO K . 1.75 3.03 35.54
O2 EDO K . 2.58 3.80 34.64
C1 EDO L . 13.07 24.64 33.05
O1 EDO L . 13.10 25.79 33.92
C2 EDO L . 11.63 24.38 32.66
O2 EDO L . 10.87 23.91 33.79
C1 GOL M . 21.45 2.76 24.53
O1 GOL M . 20.06 2.47 24.78
C2 GOL M . 22.18 2.08 25.68
O2 GOL M . 21.52 2.65 26.82
C3 GOL M . 23.73 2.24 25.73
O3 GOL M . 24.47 1.24 26.51
C1 EDO N . 6.98 -8.12 10.50
O1 EDO N . 8.17 -8.83 10.12
C2 EDO N . 7.29 -7.09 11.54
O2 EDO N . 7.24 -5.81 10.92
C1 EDO O . -6.37 -4.05 30.64
O1 EDO O . -6.22 -5.42 31.04
C2 EDO O . -6.08 -3.11 31.81
O2 EDO O . -7.29 -2.74 32.53
C1 EDO P . 8.39 1.59 33.62
O1 EDO P . 7.62 1.93 32.46
C2 EDO P . 8.35 0.08 33.81
O2 EDO P . 8.86 -0.21 35.11
C1 EDO Q . 25.98 18.83 47.38
O1 EDO Q . 24.78 19.48 46.92
C2 EDO Q . 25.59 17.86 48.47
O2 EDO Q . 24.42 17.07 48.12
C1 EDO R . 56.73 6.76 60.78
O1 EDO R . 56.74 7.85 59.86
C2 EDO R . 58.15 6.23 60.77
O2 EDO R . 58.97 7.39 60.88
C1 GOL S . 50.36 17.87 67.62
O1 GOL S . 50.06 17.68 69.02
C2 GOL S . 49.82 16.63 66.92
O2 GOL S . 48.39 16.70 66.97
C3 GOL S . 50.34 16.50 65.48
O3 GOL S . 49.47 15.65 64.73
S SO4 T . 42.31 14.30 50.18
O1 SO4 T . 42.52 14.49 51.64
O2 SO4 T . 42.76 12.94 49.78
O3 SO4 T . 40.86 14.46 49.87
O4 SO4 T . 43.08 15.29 49.40
S SO4 U . 45.82 -8.02 62.19
O1 SO4 U . 45.79 -6.59 61.76
O2 SO4 U . 45.33 -8.21 63.58
O3 SO4 U . 44.95 -8.86 61.31
O4 SO4 U . 47.26 -8.41 62.09
C1 EDO V . 28.37 25.36 96.98
O1 EDO V . 29.50 24.70 96.40
C2 EDO V . 28.45 26.88 96.78
O2 EDO V . 29.78 27.24 96.39
C1 EDO W . 8.75 10.93 71.57
O1 EDO W . 8.78 9.49 71.38
C2 EDO W . 8.59 11.21 73.05
O2 EDO W . 9.87 11.50 73.61
C1 EDO X . 21.92 -12.07 78.89
O1 EDO X . 23.21 -12.61 78.60
C2 EDO X . 21.16 -11.81 77.60
O2 EDO X . 19.76 -11.79 77.93
C1 EDO Y . 30.25 7.37 57.31
O1 EDO Y . 29.84 6.71 56.10
C2 EDO Y . 31.46 8.22 56.90
O2 EDO Y . 32.67 7.79 57.56
C1 EDO Z . 19.15 11.65 81.18
O1 EDO Z . 20.21 10.83 81.72
C2 EDO Z . 19.68 12.92 80.49
O2 EDO Z . 18.87 13.30 79.35
C1 GOL AA . 21.96 14.19 49.71
O1 GOL AA . 22.15 13.96 48.31
C2 GOL AA . 20.72 13.41 50.10
O2 GOL AA . 19.64 13.58 49.14
C3 GOL AA . 20.29 13.84 51.50
O3 GOL AA . 18.87 14.05 51.55
S SO4 BA . 15.77 -0.97 54.42
O1 SO4 BA . 16.20 0.43 54.63
O2 SO4 BA . 15.10 -1.37 55.68
O3 SO4 BA . 14.81 -1.08 53.26
O4 SO4 BA . 17.00 -1.83 54.21
S SO4 CA . 12.91 -0.67 61.50
O1 SO4 CA . 13.05 0.16 62.70
O2 SO4 CA . 14.10 -1.58 61.44
O3 SO4 CA . 11.64 -1.43 61.67
O4 SO4 CA . 12.87 0.17 60.27
C1 EDO DA . -18.98 4.27 -26.42
O1 EDO DA . -18.35 3.00 -26.57
C2 EDO DA . -19.71 4.60 -27.72
O2 EDO DA . -21.18 4.53 -27.67
C1 EDO EA . -15.49 -1.97 -52.02
O1 EDO EA . -16.14 -2.67 -50.93
C2 EDO EA . -15.81 -0.48 -51.87
O2 EDO EA . -16.75 -0.14 -52.87
C1 EDO FA . -10.56 12.31 -39.41
O1 EDO FA . -10.57 11.18 -38.48
C2 EDO FA . -10.19 13.70 -38.85
O2 EDO FA . -9.44 14.39 -39.87
C1 EDO GA . -3.51 -10.65 -36.54
O1 EDO GA . -4.84 -11.21 -36.71
C2 EDO GA . -2.45 -11.76 -36.75
O2 EDO GA . -2.96 -13.07 -36.42
S SO4 HA . -25.72 -12.77 -24.77
O1 SO4 HA . -25.07 -11.73 -23.92
O2 SO4 HA . -26.74 -13.48 -23.94
O3 SO4 HA . -26.32 -12.12 -25.96
O4 SO4 HA . -24.72 -13.76 -25.24
C1 EDO IA . -11.15 -9.61 -30.00
O1 EDO IA . -9.73 -9.66 -30.29
C2 EDO IA . -11.97 -9.66 -31.28
O2 EDO IA . -12.89 -10.78 -31.20
C1 EDO JA . -55.16 -0.82 -73.17
O1 EDO JA . -55.48 -2.18 -72.93
C2 EDO JA . -55.40 -0.01 -71.91
O2 EDO JA . -55.05 1.34 -72.26
C1 EDO KA . -34.55 7.70 -70.61
O1 EDO KA . -35.22 8.57 -71.55
C2 EDO KA . -35.00 7.99 -69.18
O2 EDO KA . -35.00 9.41 -68.95
C1 EDO LA . -37.22 10.68 -74.40
O1 EDO LA . -37.64 10.41 -75.75
C2 EDO LA . -37.98 11.93 -73.88
O2 EDO LA . -37.87 12.11 -72.44
C1 EDO MA . -53.47 3.54 -52.66
O1 EDO MA . -53.49 2.82 -51.41
C2 EDO MA . -52.18 4.35 -52.77
O2 EDO MA . -51.91 4.73 -54.13
C1 EDO NA . -53.19 4.01 -70.07
O1 EDO NA . -53.28 5.13 -70.99
C2 EDO NA . -52.10 4.28 -69.03
O2 EDO NA . -52.72 4.80 -67.84
C1 EDO OA . -34.10 -20.75 -56.38
O1 EDO OA . -35.05 -19.97 -57.12
C2 EDO OA . -34.53 -20.81 -54.91
O2 EDO OA . -33.60 -20.09 -54.11
C1 EDO PA . -28.24 -1.44 -58.78
O1 EDO PA . -29.42 -0.67 -58.45
C2 EDO PA . -28.32 -2.84 -58.19
O2 EDO PA . -28.44 -2.65 -56.78
C1 EDO QA . -33.74 -24.06 -60.98
O1 EDO QA . -33.56 -23.81 -62.40
C2 EDO QA . -35.14 -23.59 -60.56
O2 EDO QA . -34.97 -22.83 -59.34
S SO4 RA . -35.58 -29.14 -56.27
O1 SO4 RA . -34.59 -28.06 -55.97
O2 SO4 RA . -35.61 -30.10 -55.13
O3 SO4 RA . -36.96 -28.62 -56.51
O4 SO4 RA . -35.14 -29.84 -57.50
S SO4 SA . -28.70 8.29 -64.78
O1 SO4 SA . -27.75 9.45 -64.62
O2 SO4 SA . -28.91 7.66 -63.44
O3 SO4 SA . -30.02 8.80 -65.26
O4 SO4 SA . -28.15 7.32 -65.78
#